data_8TB4
# 
_entry.id   8TB4 
# 
_audit_conform.dict_name       mmcif_pdbx.dic 
_audit_conform.dict_version    5.383 
_audit_conform.dict_location   http://mmcif.pdb.org/dictionaries/ascii/mmcif_pdbx.dic 
# 
loop_
_database_2.database_id 
_database_2.database_code 
_database_2.pdbx_database_accession 
_database_2.pdbx_DOI 
PDB   8TB4         pdb_00008tb4 10.2210/pdb8tb4/pdb 
WWPDB D_1000275296 ?            ?                   
# 
_pdbx_database_status.status_code                     REL 
_pdbx_database_status.status_code_sf                  REL 
_pdbx_database_status.status_code_mr                  ? 
_pdbx_database_status.entry_id                        8TB4 
_pdbx_database_status.recvd_initial_deposition_date   2023-06-28 
_pdbx_database_status.SG_entry                        N 
_pdbx_database_status.deposit_site                    RCSB 
_pdbx_database_status.process_site                    RCSB 
_pdbx_database_status.status_code_cs                  ? 
_pdbx_database_status.status_code_nmr_data            ? 
_pdbx_database_status.methods_development_category    ? 
_pdbx_database_status.pdb_format_compatible           Y 
# 
loop_
_audit_author.name 
_audit_author.pdbx_ordinal 
_audit_author.identifier_ORCID 
'Simmons, C.R.'      1 0000-0002-2290-6132 
'MacCulloch, T.'     2 0000-0001-5875-3361 
'Stephanopoulos, N.' 3 0000-0001-7859-410X 
'Yan, H.'            4 0000-0001-7397-9852 
# 
_citation.abstract                  ? 
_citation.abstract_id_CAS           ? 
_citation.book_id_ISBN              ? 
_citation.book_publisher            ? 
_citation.book_publisher_city       ? 
_citation.book_title                ? 
_citation.coordinate_linkage        ? 
_citation.country                   US 
_citation.database_id_Medline       ? 
_citation.details                   ? 
_citation.id                        primary 
_citation.journal_abbrev            J.Am.Chem.Soc. 
_citation.journal_id_ASTM           JACSAT 
_citation.journal_id_CSD            ? 
_citation.journal_id_ISSN           1520-5126 
_citation.journal_full              ? 
_citation.journal_issue             ? 
_citation.journal_volume            145 
_citation.language                  ? 
_citation.page_first                26075 
_citation.page_last                 26085 
_citation.title                     
;Site-Specific Arrangement and Structure Determination of Minor Groove Binding Molecules in Self-Assembled Three-Dimensional DNA Crystals.
;
_citation.year                      2023 
_citation.database_id_CSD           ? 
_citation.pdbx_database_id_DOI      10.1021/jacs.3c07802 
_citation.pdbx_database_id_PubMed   37987645 
_citation.pdbx_database_id_patent   ? 
_citation.unpublished_flag          ? 
# 
loop_
_citation_author.citation_id 
_citation_author.name 
_citation_author.ordinal 
_citation_author.identifier_ORCID 
primary 'Simmons, C.R.'      1 0000-0002-2290-6132 
primary 'Buchberger, A.'     2 ?                   
primary 'Henry, S.J.W.'      3 0000-0002-5132-3948 
primary 'Novacek, A.'        4 ?                   
primary 'Fahmi, N.E.'        5 ?                   
primary 'MacCulloch, T.'     6 ?                   
primary 'Stephanopoulos, N.' 7 0000-0001-7859-410X 
primary 'Yan, H.'            8 0000-0001-7397-9852 
# 
_cell.angle_alpha                  90.00 
_cell.angle_alpha_esd              ? 
_cell.angle_beta                   90.00 
_cell.angle_beta_esd               ? 
_cell.angle_gamma                  120.00 
_cell.angle_gamma_esd              ? 
_cell.entry_id                     8TB4 
_cell.details                      ? 
_cell.formula_units_Z              ? 
_cell.length_a                     69.507 
_cell.length_a_esd                 ? 
_cell.length_b                     69.507 
_cell.length_b_esd                 ? 
_cell.length_c                     59.552 
_cell.length_c_esd                 ? 
_cell.volume                       ? 
_cell.volume_esd                   ? 
_cell.Z_PDB                        3 
_cell.reciprocal_angle_alpha       ? 
_cell.reciprocal_angle_beta        ? 
_cell.reciprocal_angle_gamma       ? 
_cell.reciprocal_angle_alpha_esd   ? 
_cell.reciprocal_angle_beta_esd    ? 
_cell.reciprocal_angle_gamma_esd   ? 
_cell.reciprocal_length_a          ? 
_cell.reciprocal_length_b          ? 
_cell.reciprocal_length_c          ? 
_cell.reciprocal_length_a_esd      ? 
_cell.reciprocal_length_b_esd      ? 
_cell.reciprocal_length_c_esd      ? 
_cell.pdbx_unique_axis             ? 
_cell.pdbx_esd_method              ? 
# 
_symmetry.entry_id                         8TB4 
_symmetry.cell_setting                     ? 
_symmetry.Int_Tables_number                145 
_symmetry.space_group_name_Hall            ? 
_symmetry.space_group_name_H-M             'P 32' 
_symmetry.pdbx_full_space_group_name_H-M   ? 
# 
loop_
_entity.id 
_entity.type 
_entity.src_method 
_entity.pdbx_description 
_entity.formula_weight 
_entity.pdbx_number_of_molecules 
_entity.pdbx_ec 
_entity.pdbx_mutation 
_entity.pdbx_fragment 
_entity.details 
1 polymer     syn 
;DNA (5'-D(*GP*AP*GP*CP*AP*GP*AP*CP*CP*TP*GP*AP*CP*GP*AP*CP*AP*AP*TP*TP*A)-3')
;
6465.213 1 ? ? ? ? 
2 polymer     syn 
;DNA (5'-D(P*CP*GP*TP*CP*A)-3')
;
1480.012 1 ? ? ? ? 
3 polymer     syn 
;DNA (5'-D(*TP*CP*TP*AP*AP*TP*TP*GP*T*(DAP))-3')
;
2720.808 1 ? ? ? ? 
4 polymer     syn 
;DNA (5'-D(P*GP*GP*TP*CP*TP*GP*C)-3')
;
2129.409 1 ? ? ? ? 
5 non-polymer syn '6-AMIDINE-2-(4-AMIDINO-PHENYL)INDOLE'                                          277.324  1 ? ? ? ? 
6 non-polymer syn 'MAGNESIUM ION'                                                                 24.305   3 ? ? ? ? 
# 
loop_
_entity_poly.entity_id 
_entity_poly.type 
_entity_poly.nstd_linkage 
_entity_poly.nstd_monomer 
_entity_poly.pdbx_seq_one_letter_code 
_entity_poly.pdbx_seq_one_letter_code_can 
_entity_poly.pdbx_strand_id 
_entity_poly.pdbx_target_identifier 
1 polydeoxyribonucleotide no no 
;(DG)(DA)(DG)(DC)(DA)(DG)(DA)(DC)(DC)(DT)(DG)(DA)(DC)(DG)(DA)(DC)(DA)(DA)(DT)(DT)
(DA)
;
GAGCAGACCTGACGACAATTA A ? 
2 polydeoxyribonucleotide no no '(DC)(DG)(DT)(DC)(DA)'                                                                  CGTCA B ? 
3 polydeoxyribonucleotide no no '(DT)(DC)(DT)(DA)(DA)(DT)(DT)(DG)(DT)'                                                  TCTAATTGT 
C ? 
4 polydeoxyribonucleotide no no '(DG)(DG)(DT)(DC)(DT)(DG)(DC)'                                                          GGTCTGC D 
? 
# 
loop_
_entity_poly_seq.entity_id 
_entity_poly_seq.num 
_entity_poly_seq.mon_id 
_entity_poly_seq.hetero 
1 1  DG n 
1 2  DA n 
1 3  DG n 
1 4  DC n 
1 5  DA n 
1 6  DG n 
1 7  DA n 
1 8  DC n 
1 9  DC n 
1 10 DT n 
1 11 DG n 
1 12 DA n 
1 13 DC n 
1 14 DG n 
1 15 DA n 
1 16 DC n 
1 17 DA n 
1 18 DA n 
1 19 DT n 
1 20 DT n 
1 21 DA n 
2 1  DC n 
2 2  DG n 
2 3  DT n 
2 4  DC n 
2 5  DA n 
3 1  DT n 
3 2  DC n 
3 3  DT n 
3 4  DA n 
3 5  DA n 
3 6  DT n 
3 7  DT n 
3 8  DG n 
3 9  DT n 
4 1  DG n 
4 2  DG n 
4 3  DT n 
4 4  DC n 
4 5  DT n 
4 6  DG n 
4 7  DC n 
# 
loop_
_pdbx_entity_src_syn.entity_id 
_pdbx_entity_src_syn.pdbx_src_id 
_pdbx_entity_src_syn.pdbx_alt_source_flag 
_pdbx_entity_src_syn.pdbx_beg_seq_num 
_pdbx_entity_src_syn.pdbx_end_seq_num 
_pdbx_entity_src_syn.organism_scientific 
_pdbx_entity_src_syn.organism_common_name 
_pdbx_entity_src_syn.ncbi_taxonomy_id 
_pdbx_entity_src_syn.details 
1 1 sample 1 21 'synthetic construct' ? 32630 ? 
2 1 sample 1 5  'synthetic construct' ? 32630 ? 
3 1 sample 1 9  'synthetic construct' ? 32630 ? 
4 1 sample 1 7  'synthetic construct' ? 32630 ? 
# 
loop_
_struct_ref.id 
_struct_ref.db_name 
_struct_ref.db_code 
_struct_ref.pdbx_db_accession 
_struct_ref.pdbx_db_isoform 
_struct_ref.entity_id 
_struct_ref.pdbx_seq_one_letter_code 
_struct_ref.pdbx_align_begin 
1 PDB 8TB4 8TB4 ? 1 ? 1 
2 PDB 8TB4 8TB4 ? 2 ? 1 
3 PDB 8TB4 8TB4 ? 3 ? 1 
4 PDB 8TB4 8TB4 ? 4 ? 1 
# 
loop_
_struct_ref_seq.align_id 
_struct_ref_seq.ref_id 
_struct_ref_seq.pdbx_PDB_id_code 
_struct_ref_seq.pdbx_strand_id 
_struct_ref_seq.seq_align_beg 
_struct_ref_seq.pdbx_seq_align_beg_ins_code 
_struct_ref_seq.seq_align_end 
_struct_ref_seq.pdbx_seq_align_end_ins_code 
_struct_ref_seq.pdbx_db_accession 
_struct_ref_seq.db_align_beg 
_struct_ref_seq.pdbx_db_align_beg_ins_code 
_struct_ref_seq.db_align_end 
_struct_ref_seq.pdbx_db_align_end_ins_code 
_struct_ref_seq.pdbx_auth_seq_align_beg 
_struct_ref_seq.pdbx_auth_seq_align_end 
1 1 8TB4 A 1 ? 21 ? 8TB4 1  ? 21 ? 1  21 
2 2 8TB4 B 1 ? 5  ? 8TB4 1  ? 5  ? 1  5  
3 3 8TB4 C 1 ? 9  ? 8TB4 1  ? 9  ? 1  9  
4 4 8TB4 D 1 ? 7  ? 8TB4 10 ? 16 ? 10 16 
# 
loop_
_chem_comp.id 
_chem_comp.type 
_chem_comp.mon_nstd_flag 
_chem_comp.name 
_chem_comp.pdbx_synonyms 
_chem_comp.formula 
_chem_comp.formula_weight 
DA  'DNA linking' y "2'-DEOXYADENOSINE-5'-MONOPHOSPHATE"   ? 'C10 H14 N5 O6 P' 331.222 
DAP non-polymer   . '6-AMIDINE-2-(4-AMIDINO-PHENYL)INDOLE' ? 'C16 H15 N5'      277.324 
DC  'DNA linking' y "2'-DEOXYCYTIDINE-5'-MONOPHOSPHATE"    ? 'C9 H14 N3 O7 P'  307.197 
DG  'DNA linking' y "2'-DEOXYGUANOSINE-5'-MONOPHOSPHATE"   ? 'C10 H14 N5 O7 P' 347.221 
DT  'DNA linking' y "THYMIDINE-5'-MONOPHOSPHATE"           ? 'C10 H15 N2 O8 P' 322.208 
MG  non-polymer   . 'MAGNESIUM ION'                        ? 'Mg 2'            24.305  
# 
_exptl.absorpt_coefficient_mu     ? 
_exptl.absorpt_correction_T_max   ? 
_exptl.absorpt_correction_T_min   ? 
_exptl.absorpt_correction_type    ? 
_exptl.absorpt_process_details    ? 
_exptl.entry_id                   8TB4 
_exptl.crystals_number            1 
_exptl.details                    ? 
_exptl.method                     'X-RAY DIFFRACTION' 
_exptl.method_details             ? 
# 
_exptl_crystal.colour                       ? 
_exptl_crystal.density_diffrn               ? 
_exptl_crystal.density_Matthews             6.49 
_exptl_crystal.density_method               ? 
_exptl_crystal.density_percent_sol          81.05 
_exptl_crystal.description                  ? 
_exptl_crystal.F_000                        ? 
_exptl_crystal.id                           1 
_exptl_crystal.preparation                  ? 
_exptl_crystal.size_max                     ? 
_exptl_crystal.size_mid                     ? 
_exptl_crystal.size_min                     ? 
_exptl_crystal.size_rad                     ? 
_exptl_crystal.colour_lustre                ? 
_exptl_crystal.colour_modifier              ? 
_exptl_crystal.colour_primary               ? 
_exptl_crystal.density_meas                 ? 
_exptl_crystal.density_meas_esd             ? 
_exptl_crystal.density_meas_gt              ? 
_exptl_crystal.density_meas_lt              ? 
_exptl_crystal.density_meas_temp            ? 
_exptl_crystal.density_meas_temp_esd        ? 
_exptl_crystal.density_meas_temp_gt         ? 
_exptl_crystal.density_meas_temp_lt         ? 
_exptl_crystal.pdbx_crystal_image_url       ? 
_exptl_crystal.pdbx_crystal_image_format    ? 
_exptl_crystal.pdbx_mosaicity               ? 
_exptl_crystal.pdbx_mosaicity_esd           ? 
_exptl_crystal.pdbx_mosaic_method           ? 
_exptl_crystal.pdbx_mosaic_block_size       ? 
_exptl_crystal.pdbx_mosaic_block_size_esd   ? 
# 
_exptl_crystal_grow.apparatus       ? 
_exptl_crystal_grow.atmosphere      ? 
_exptl_crystal_grow.crystal_id      1 
_exptl_crystal_grow.details         ? 
_exptl_crystal_grow.method          'VAPOR DIFFUSION, SITTING DROP' 
_exptl_crystal_grow.method_ref      ? 
_exptl_crystal_grow.pH              ? 
_exptl_crystal_grow.pressure        ? 
_exptl_crystal_grow.pressure_esd    ? 
_exptl_crystal_grow.seeding         ? 
_exptl_crystal_grow.seeding_ref     ? 
_exptl_crystal_grow.temp_details    'temperature gradient generated from 60 to 25 C at 0.3 degrees per hour' 
_exptl_crystal_grow.temp_esd        ? 
_exptl_crystal_grow.time            ? 
_exptl_crystal_grow.pdbx_details    
;0.5 mL of 0.05 M HEPES pH 7.5 with 15 mM MgCl2, 1.0 mM spermidine, and 10% dioxan was added to the reservoir with 2 uL added to the drop containing 4 uL of DNA stock.
;
_exptl_crystal_grow.pdbx_pH_range   ? 
_exptl_crystal_grow.temp            298 
# 
_diffrn.ambient_environment              ? 
_diffrn.ambient_temp                     100 
_diffrn.ambient_temp_details             ? 
_diffrn.ambient_temp_esd                 ? 
_diffrn.crystal_id                       1 
_diffrn.crystal_support                  ? 
_diffrn.crystal_treatment                ? 
_diffrn.details                          ? 
_diffrn.id                               1 
_diffrn.ambient_pressure                 ? 
_diffrn.ambient_pressure_esd             ? 
_diffrn.ambient_pressure_gt              ? 
_diffrn.ambient_pressure_lt              ? 
_diffrn.ambient_temp_gt                  ? 
_diffrn.ambient_temp_lt                  ? 
_diffrn.pdbx_serial_crystal_experiment   N 
# 
_diffrn_detector.details                      ? 
_diffrn_detector.detector                     PIXEL 
_diffrn_detector.diffrn_id                    1 
_diffrn_detector.type                         'DECTRIS PILATUS3 6M' 
_diffrn_detector.area_resol_mean              ? 
_diffrn_detector.dtime                        ? 
_diffrn_detector.pdbx_frames_total            ? 
_diffrn_detector.pdbx_collection_time_total   ? 
_diffrn_detector.pdbx_collection_date         2022-09-17 
_diffrn_detector.pdbx_frequency               ? 
_diffrn_detector.id                           ? 
_diffrn_detector.number_of_axes               ? 
# 
_diffrn_radiation.collimation                      ? 
_diffrn_radiation.diffrn_id                        1 
_diffrn_radiation.filter_edge                      ? 
_diffrn_radiation.inhomogeneity                    ? 
_diffrn_radiation.monochromator                    ? 
_diffrn_radiation.polarisn_norm                    ? 
_diffrn_radiation.polarisn_ratio                   ? 
_diffrn_radiation.probe                            ? 
_diffrn_radiation.type                             ? 
_diffrn_radiation.xray_symbol                      ? 
_diffrn_radiation.wavelength_id                    1 
_diffrn_radiation.pdbx_monochromatic_or_laue_m_l   M 
_diffrn_radiation.pdbx_wavelength_list             ? 
_diffrn_radiation.pdbx_wavelength                  ? 
_diffrn_radiation.pdbx_diffrn_protocol             'SINGLE WAVELENGTH' 
_diffrn_radiation.pdbx_analyzer                    ? 
_diffrn_radiation.pdbx_scattering_type             x-ray 
# 
_diffrn_radiation_wavelength.id           1 
_diffrn_radiation_wavelength.wavelength   0.92 
_diffrn_radiation_wavelength.wt           1.0 
# 
_diffrn_source.current                     ? 
_diffrn_source.details                     ? 
_diffrn_source.diffrn_id                   1 
_diffrn_source.power                       ? 
_diffrn_source.size                        ? 
_diffrn_source.source                      SYNCHROTRON 
_diffrn_source.target                      ? 
_diffrn_source.type                        'APS BEAMLINE 19-ID' 
_diffrn_source.voltage                     ? 
_diffrn_source.take-off_angle              ? 
_diffrn_source.pdbx_wavelength_list        0.92 
_diffrn_source.pdbx_wavelength             ? 
_diffrn_source.pdbx_synchrotron_beamline   19-ID 
_diffrn_source.pdbx_synchrotron_site       APS 
# 
_reflns.B_iso_Wilson_estimate                          ? 
_reflns.entry_id                                       8TB4 
_reflns.data_reduction_details                         ? 
_reflns.data_reduction_method                          ? 
_reflns.d_resolution_high                              3.10 
_reflns.d_resolution_low                               50.00 
_reflns.details                                        ? 
_reflns.limit_h_max                                    ? 
_reflns.limit_h_min                                    ? 
_reflns.limit_k_max                                    ? 
_reflns.limit_k_min                                    ? 
_reflns.limit_l_max                                    ? 
_reflns.limit_l_min                                    ? 
_reflns.number_all                                     ? 
_reflns.number_obs                                     5774 
_reflns.observed_criterion                             ? 
_reflns.observed_criterion_F_max                       ? 
_reflns.observed_criterion_F_min                       ? 
_reflns.observed_criterion_I_max                       ? 
_reflns.observed_criterion_I_min                       ? 
_reflns.observed_criterion_sigma_F                     ? 
_reflns.observed_criterion_sigma_I                     ? 
_reflns.percent_possible_obs                           99.7 
_reflns.R_free_details                                 ? 
_reflns.Rmerge_F_all                                   ? 
_reflns.Rmerge_F_obs                                   ? 
_reflns.Friedel_coverage                               ? 
_reflns.number_gt                                      ? 
_reflns.threshold_expression                           ? 
_reflns.pdbx_redundancy                                9.7 
_reflns.pdbx_netI_over_av_sigmaI                       ? 
_reflns.pdbx_netI_over_sigmaI                          6.1 
_reflns.pdbx_res_netI_over_av_sigmaI_2                 ? 
_reflns.pdbx_res_netI_over_sigmaI_2                    ? 
_reflns.pdbx_chi_squared                               4.546 
_reflns.pdbx_scaling_rejects                           ? 
_reflns.pdbx_d_res_high_opt                            ? 
_reflns.pdbx_d_res_low_opt                             ? 
_reflns.pdbx_d_res_opt_method                          ? 
_reflns.phase_calculation_details                      ? 
_reflns.pdbx_Rrim_I_all                                0.136 
_reflns.pdbx_Rpim_I_all                                0.042 
_reflns.pdbx_d_opt                                     ? 
_reflns.pdbx_number_measured_all                       ? 
_reflns.pdbx_diffrn_id                                 1 
_reflns.pdbx_ordinal                                   1 
_reflns.pdbx_CC_half                                   1.00 
_reflns.pdbx_CC_star                                   1.00 
_reflns.pdbx_R_split                                   ? 
_reflns.pdbx_Rmerge_I_obs                              0.129 
_reflns.pdbx_Rmerge_I_all                              ? 
_reflns.pdbx_Rsym_value                                ? 
_reflns.pdbx_CC_split_method                           ? 
_reflns.pdbx_aniso_diffraction_limit_axis_1_ortho[1]   ? 
_reflns.pdbx_aniso_diffraction_limit_axis_1_ortho[2]   ? 
_reflns.pdbx_aniso_diffraction_limit_axis_1_ortho[3]   ? 
_reflns.pdbx_aniso_diffraction_limit_axis_2_ortho[1]   ? 
_reflns.pdbx_aniso_diffraction_limit_axis_2_ortho[2]   ? 
_reflns.pdbx_aniso_diffraction_limit_axis_2_ortho[3]   ? 
_reflns.pdbx_aniso_diffraction_limit_axis_3_ortho[1]   ? 
_reflns.pdbx_aniso_diffraction_limit_axis_3_ortho[2]   ? 
_reflns.pdbx_aniso_diffraction_limit_axis_3_ortho[3]   ? 
_reflns.pdbx_aniso_diffraction_limit_1                 ? 
_reflns.pdbx_aniso_diffraction_limit_2                 ? 
_reflns.pdbx_aniso_diffraction_limit_3                 ? 
_reflns.pdbx_aniso_B_tensor_eigenvector_1_ortho[1]     ? 
_reflns.pdbx_aniso_B_tensor_eigenvector_1_ortho[2]     ? 
_reflns.pdbx_aniso_B_tensor_eigenvector_1_ortho[3]     ? 
_reflns.pdbx_aniso_B_tensor_eigenvector_2_ortho[1]     ? 
_reflns.pdbx_aniso_B_tensor_eigenvector_2_ortho[2]     ? 
_reflns.pdbx_aniso_B_tensor_eigenvector_2_ortho[3]     ? 
_reflns.pdbx_aniso_B_tensor_eigenvector_3_ortho[1]     ? 
_reflns.pdbx_aniso_B_tensor_eigenvector_3_ortho[2]     ? 
_reflns.pdbx_aniso_B_tensor_eigenvector_3_ortho[3]     ? 
_reflns.pdbx_aniso_B_tensor_eigenvalue_1               ? 
_reflns.pdbx_aniso_B_tensor_eigenvalue_2               ? 
_reflns.pdbx_aniso_B_tensor_eigenvalue_3               ? 
_reflns.pdbx_orthogonalization_convention              ? 
_reflns.pdbx_percent_possible_ellipsoidal              ? 
_reflns.pdbx_percent_possible_spherical                ? 
_reflns.pdbx_percent_possible_ellipsoidal_anomalous    ? 
_reflns.pdbx_percent_possible_spherical_anomalous      ? 
_reflns.pdbx_redundancy_anomalous                      ? 
_reflns.pdbx_CC_half_anomalous                         ? 
_reflns.pdbx_absDiff_over_sigma_anomalous              ? 
_reflns.pdbx_percent_possible_anomalous                ? 
_reflns.pdbx_observed_signal_threshold                 ? 
_reflns.pdbx_signal_type                               ? 
_reflns.pdbx_signal_details                            ? 
_reflns.pdbx_signal_software_id                        ? 
# 
loop_
_reflns_shell.d_res_high 
_reflns_shell.d_res_low 
_reflns_shell.meanI_over_sigI_all 
_reflns_shell.meanI_over_sigI_obs 
_reflns_shell.number_measured_all 
_reflns_shell.number_measured_obs 
_reflns_shell.number_possible 
_reflns_shell.number_unique_all 
_reflns_shell.number_unique_obs 
_reflns_shell.percent_possible_obs 
_reflns_shell.Rmerge_F_all 
_reflns_shell.Rmerge_F_obs 
_reflns_shell.meanI_over_sigI_gt 
_reflns_shell.meanI_over_uI_all 
_reflns_shell.meanI_over_uI_gt 
_reflns_shell.number_measured_gt 
_reflns_shell.number_unique_gt 
_reflns_shell.percent_possible_gt 
_reflns_shell.Rmerge_F_gt 
_reflns_shell.Rmerge_I_gt 
_reflns_shell.pdbx_redundancy 
_reflns_shell.pdbx_chi_squared 
_reflns_shell.pdbx_netI_over_sigmaI_all 
_reflns_shell.pdbx_netI_over_sigmaI_obs 
_reflns_shell.pdbx_Rrim_I_all 
_reflns_shell.pdbx_Rpim_I_all 
_reflns_shell.pdbx_rejects 
_reflns_shell.pdbx_ordinal 
_reflns_shell.pdbx_diffrn_id 
_reflns_shell.pdbx_CC_half 
_reflns_shell.pdbx_CC_star 
_reflns_shell.pdbx_R_split 
_reflns_shell.percent_possible_all 
_reflns_shell.Rmerge_I_all 
_reflns_shell.Rmerge_I_obs 
_reflns_shell.pdbx_Rsym_value 
_reflns_shell.pdbx_percent_possible_ellipsoidal 
_reflns_shell.pdbx_percent_possible_spherical 
_reflns_shell.pdbx_percent_possible_ellipsoidal_anomalous 
_reflns_shell.pdbx_percent_possible_spherical_anomalous 
_reflns_shell.pdbx_redundancy_anomalous 
_reflns_shell.pdbx_CC_half_anomalous 
_reflns_shell.pdbx_absDiff_over_sigma_anomalous 
_reflns_shell.pdbx_percent_possible_anomalous 
3.10 3.15  ? ? ? ? ? ? 291 ? ? ? ? ? ? ? ? ? ? ? 6.7  0.450  ? ? 1.755 0.627 ? 1  1 0.644 0.885 ? 97.3  ? 1.629 ? ? ? ? ? ? ? ? ? 
3.15 3.21  ? ? ? ? ? ? 269 ? ? ? ? ? ? ? ? ? ? ? 7.6  0.540  ? ? 0.516 0.178 ? 2  1 0.965 0.991 ? 98.2  ? 0.482 ? ? ? ? ? ? ? ? ? 
3.21 3.27  ? ? ? ? ? ? 306 ? ? ? ? ? ? ? ? ? ? ? 8.0  0.763  ? ? 0.271 0.089 ? 3  1 0.992 0.998 ? 100.0 ? 0.256 ? ? ? ? ? ? ? ? ? 
3.27 3.34  ? ? ? ? ? ? 294 ? ? ? ? ? ? ? ? ? ? ? 9.1  0.793  ? ? 0.229 0.073 ? 4  1 0.996 0.999 ? 100.0 ? 0.217 ? ? ? ? ? ? ? ? ? 
3.34 3.41  ? ? ? ? ? ? 258 ? ? ? ? ? ? ? ? ? ? ? 9.3  0.465  ? ? 0.703 0.228 ? 5  1 0.939 0.984 ? 100.0 ? 0.665 ? ? ? ? ? ? ? ? ? 
3.41 3.49  ? ? ? ? ? ? 298 ? ? ? ? ? ? ? ? ? ? ? 9.8  0.575  ? ? 0.432 0.137 ? 6  1 0.977 0.994 ? 100.0 ? 0.410 ? ? ? ? ? ? ? ? ? 
3.49 3.58  ? ? ? ? ? ? 299 ? ? ? ? ? ? ? ? ? ? ? 9.7  0.770  ? ? 0.581 0.184 ? 7  1 0.974 0.993 ? 100.0 ? 0.551 ? ? ? ? ? ? ? ? ? 
3.58 3.68  ? ? ? ? ? ? 294 ? ? ? ? ? ? ? ? ? ? ? 9.3  2.272  ? ? 0.565 0.185 ? 8  1 0.910 0.976 ? 100.0 ? 0.534 ? ? ? ? ? ? ? ? ? 
3.68 3.78  ? ? ? ? ? ? 277 ? ? ? ? ? ? ? ? ? ? ? 9.5  0.929  ? ? 0.802 0.258 ? 9  1 0.926 0.981 ? 99.6  ? 0.758 ? ? ? ? ? ? ? ? ? 
3.78 3.91  ? ? ? ? ? ? 297 ? ? ? ? ? ? ? ? ? ? ? 10.8 0.753  ? ? 0.290 0.088 ? 10 1 0.980 0.995 ? 100.0 ? 0.277 ? ? ? ? ? ? ? ? ? 
3.91 4.04  ? ? ? ? ? ? 288 ? ? ? ? ? ? ? ? ? ? ? 10.6 0.748  ? ? 0.230 0.070 ? 11 1 0.989 0.997 ? 100.0 ? 0.219 ? ? ? ? ? ? ? ? ? 
4.04 4.21  ? ? ? ? ? ? 290 ? ? ? ? ? ? ? ? ? ? ? 10.7 0.852  ? ? 0.182 0.055 ? 12 1 0.989 0.997 ? 100.0 ? 0.173 ? ? ? ? ? ? ? ? ? 
4.21 4.40  ? ? ? ? ? ? 289 ? ? ? ? ? ? ? ? ? ? ? 10.5 1.002  ? ? 0.162 0.050 ? 13 1 0.992 0.998 ? 100.0 ? 0.154 ? ? ? ? ? ? ? ? ? 
4.40 4.63  ? ? ? ? ? ? 286 ? ? ? ? ? ? ? ? ? ? ? 10.4 1.075  ? ? 0.142 0.044 ? 14 1 0.993 0.998 ? 100.0 ? 0.135 ? ? ? ? ? ? ? ? ? 
4.63 4.92  ? ? ? ? ? ? 292 ? ? ? ? ? ? ? ? ? ? ? 9.3  3.022  ? ? 0.117 0.038 ? 15 1 0.987 0.997 ? 99.3  ? 0.110 ? ? ? ? ? ? ? ? ? 
4.92 5.30  ? ? ? ? ? ? 283 ? ? ? ? ? ? ? ? ? ? ? 10.7 4.002  ? ? 0.103 0.031 ? 16 1 0.981 0.995 ? 100.0 ? 0.098 ? ? ? ? ? ? ? ? ? 
5.30 5.83  ? ? ? ? ? ? 297 ? ? ? ? ? ? ? ? ? ? ? 10.7 4.967  ? ? 0.090 0.027 ? 17 1 0.982 0.996 ? 100.0 ? 0.085 ? ? ? ? ? ? ? ? ? 
5.83 6.67  ? ? ? ? ? ? 281 ? ? ? ? ? ? ? ? ? ? ? 10.5 5.661  ? ? 0.079 0.024 ? 18 1 0.986 0.997 ? 100.0 ? 0.076 ? ? ? ? ? ? ? ? ? 
6.67 8.40  ? ? ? ? ? ? 295 ? ? ? ? ? ? ? ? ? ? ? 10.0 7.272  ? ? 0.070 0.022 ? 19 1 0.976 0.994 ? 99.7  ? 0.067 ? ? ? ? ? ? ? ? ? 
8.40 50.00 ? ? ? ? ? ? 290 ? ? ? ? ? ? ? ? ? ? ? 10.4 48.164 ? ? 0.139 0.043 ? 20 1 0.984 0.996 ? 100.0 ? 0.132 ? ? ? ? ? ? ? ? ? 
# 
_refine.aniso_B[1][1]                            0.02 
_refine.aniso_B[1][2]                            0.01 
_refine.aniso_B[1][3]                            -0.00 
_refine.aniso_B[2][2]                            0.02 
_refine.aniso_B[2][3]                            -0.00 
_refine.aniso_B[3][3]                            -0.05 
_refine.B_iso_max                                ? 
_refine.B_iso_mean                               138.397 
_refine.B_iso_min                                ? 
_refine.correlation_coeff_Fo_to_Fc               0.981 
_refine.correlation_coeff_Fo_to_Fc_free          0.962 
_refine.details                                  'HYDROGENS HAVE BEEN ADDED IN THE RIDING POSITIONS' 
_refine.diff_density_max                         ? 
_refine.diff_density_max_esd                     ? 
_refine.diff_density_min                         ? 
_refine.diff_density_min_esd                     ? 
_refine.diff_density_rms                         ? 
_refine.diff_density_rms_esd                     ? 
_refine.entry_id                                 8TB4 
_refine.pdbx_refine_id                           'X-RAY DIFFRACTION' 
_refine.ls_abs_structure_details                 ? 
_refine.ls_abs_structure_Flack                   ? 
_refine.ls_abs_structure_Flack_esd               ? 
_refine.ls_abs_structure_Rogers                  ? 
_refine.ls_abs_structure_Rogers_esd              ? 
_refine.ls_d_res_high                            3.11 
_refine.ls_d_res_low                             42.37 
_refine.ls_extinction_coef                       ? 
_refine.ls_extinction_coef_esd                   ? 
_refine.ls_extinction_expression                 ? 
_refine.ls_extinction_method                     ? 
_refine.ls_goodness_of_fit_all                   ? 
_refine.ls_goodness_of_fit_all_esd               ? 
_refine.ls_goodness_of_fit_obs                   ? 
_refine.ls_goodness_of_fit_obs_esd               ? 
_refine.ls_hydrogen_treatment                    ? 
_refine.ls_matrix_type                           ? 
_refine.ls_number_constraints                    ? 
_refine.ls_number_parameters                     ? 
_refine.ls_number_reflns_all                     ? 
_refine.ls_number_reflns_obs                     5335 
_refine.ls_number_reflns_R_free                  304 
_refine.ls_number_reflns_R_work                  ? 
_refine.ls_number_restraints                     ? 
_refine.ls_percent_reflns_obs                    97.12 
_refine.ls_percent_reflns_R_free                 5.4 
_refine.ls_R_factor_all                          ? 
_refine.ls_R_factor_obs                          0.19728 
_refine.ls_R_factor_R_free                       0.23789 
_refine.ls_R_factor_R_free_error                 ? 
_refine.ls_R_factor_R_free_error_details         ? 
_refine.ls_R_factor_R_work                       0.19501 
_refine.ls_R_Fsqd_factor_obs                     ? 
_refine.ls_R_I_factor_obs                        ? 
_refine.ls_redundancy_reflns_all                 ? 
_refine.ls_redundancy_reflns_obs                 ? 
_refine.ls_restrained_S_all                      ? 
_refine.ls_restrained_S_obs                      ? 
_refine.ls_shift_over_esd_max                    ? 
_refine.ls_shift_over_esd_mean                   ? 
_refine.ls_structure_factor_coef                 ? 
_refine.ls_weighting_details                     ? 
_refine.ls_weighting_scheme                      ? 
_refine.ls_wR_factor_all                         ? 
_refine.ls_wR_factor_obs                         ? 
_refine.ls_wR_factor_R_free                      ? 
_refine.ls_wR_factor_R_work                      ? 
_refine.occupancy_max                            ? 
_refine.occupancy_min                            ? 
_refine.solvent_model_details                    MASK 
_refine.solvent_model_param_bsol                 ? 
_refine.solvent_model_param_ksol                 ? 
_refine.pdbx_R_complete                          ? 
_refine.ls_R_factor_gt                           ? 
_refine.ls_goodness_of_fit_gt                    ? 
_refine.ls_goodness_of_fit_ref                   ? 
_refine.ls_shift_over_su_max                     ? 
_refine.ls_shift_over_su_max_lt                  ? 
_refine.ls_shift_over_su_mean                    ? 
_refine.ls_shift_over_su_mean_lt                 ? 
_refine.pdbx_ls_sigma_I                          ? 
_refine.pdbx_ls_sigma_F                          ? 
_refine.pdbx_ls_sigma_Fsqd                       ? 
_refine.pdbx_data_cutoff_high_absF               ? 
_refine.pdbx_data_cutoff_high_rms_absF           ? 
_refine.pdbx_data_cutoff_low_absF                ? 
_refine.pdbx_isotropic_thermal_model             ? 
_refine.pdbx_ls_cross_valid_method               THROUGHOUT 
_refine.pdbx_method_to_determine_struct          'MOLECULAR REPLACEMENT' 
_refine.pdbx_starting_model                      ? 
_refine.pdbx_stereochemistry_target_values       'MAXIMUM LIKELIHOOD' 
_refine.pdbx_R_Free_selection_details            RANDOM 
_refine.pdbx_stereochem_target_val_spec_case     ? 
_refine.pdbx_overall_ESU_R                       0.433 
_refine.pdbx_overall_ESU_R_Free                  0.309 
_refine.pdbx_solvent_vdw_probe_radii             1.20 
_refine.pdbx_solvent_ion_probe_radii             0.80 
_refine.pdbx_solvent_shrinkage_radii             0.80 
_refine.pdbx_real_space_R                        ? 
_refine.pdbx_density_correlation                 ? 
_refine.pdbx_pd_number_of_powder_patterns        ? 
_refine.pdbx_pd_number_of_points                 ? 
_refine.pdbx_pd_meas_number_of_points            ? 
_refine.pdbx_pd_proc_ls_prof_R_factor            ? 
_refine.pdbx_pd_proc_ls_prof_wR_factor           ? 
_refine.pdbx_pd_Marquardt_correlation_coeff      ? 
_refine.pdbx_pd_Fsqrd_R_factor                   ? 
_refine.pdbx_pd_ls_matrix_band_width             ? 
_refine.pdbx_overall_phase_error                 ? 
_refine.pdbx_overall_SU_R_free_Cruickshank_DPI   ? 
_refine.pdbx_overall_SU_R_free_Blow_DPI          ? 
_refine.pdbx_overall_SU_R_Blow_DPI               ? 
_refine.pdbx_TLS_residual_ADP_flag               ? 
_refine.pdbx_diffrn_id                           1 
_refine.overall_SU_B                             20.035 
_refine.overall_SU_ML                            0.335 
_refine.overall_SU_R_Cruickshank_DPI             ? 
_refine.overall_SU_R_free                        ? 
_refine.overall_FOM_free_R_set                   ? 
_refine.overall_FOM_work_R_set                   ? 
_refine.pdbx_average_fsc_overall                 ? 
_refine.pdbx_average_fsc_work                    ? 
_refine.pdbx_average_fsc_free                    ? 
# 
_refine_hist.pdbx_refine_id                   'X-RAY DIFFRACTION' 
_refine_hist.cycle_id                         1 
_refine_hist.details                          ? 
_refine_hist.d_res_high                       3.11 
_refine_hist.d_res_low                        42.37 
_refine_hist.number_atoms_solvent             0 
_refine_hist.number_atoms_total               879 
_refine_hist.number_reflns_all                ? 
_refine_hist.number_reflns_obs                ? 
_refine_hist.number_reflns_R_free             ? 
_refine_hist.number_reflns_R_work             ? 
_refine_hist.R_factor_all                     ? 
_refine_hist.R_factor_obs                     ? 
_refine_hist.R_factor_R_free                  ? 
_refine_hist.R_factor_R_work                  ? 
_refine_hist.pdbx_number_residues_total       ? 
_refine_hist.pdbx_B_iso_mean_ligand           ? 
_refine_hist.pdbx_B_iso_mean_solvent          ? 
_refine_hist.pdbx_number_atoms_protein        0 
_refine_hist.pdbx_number_atoms_nucleic_acid   855 
_refine_hist.pdbx_number_atoms_ligand         24 
_refine_hist.pdbx_number_atoms_lipid          ? 
_refine_hist.pdbx_number_atoms_carb           ? 
_refine_hist.pdbx_pseudo_atom_details         ? 
# 
loop_
_refine_ls_restr.pdbx_refine_id 
_refine_ls_restr.criterion 
_refine_ls_restr.dev_ideal 
_refine_ls_restr.dev_ideal_target 
_refine_ls_restr.number 
_refine_ls_restr.rejects 
_refine_ls_restr.type 
_refine_ls_restr.weight 
_refine_ls_restr.pdbx_restraint_function 
'X-RAY DIFFRACTION' ? 0.006  0.011  979  ? r_bond_refined_d             ? ? 
'X-RAY DIFFRACTION' ? 0.068  0.017  485  ? r_bond_other_d               ? ? 
'X-RAY DIFFRACTION' ? 2.066  1.791  1500 ? r_angle_refined_deg          ? ? 
'X-RAY DIFFRACTION' ? 1.647  1.544  1147 ? r_angle_other_deg            ? ? 
'X-RAY DIFFRACTION' ? ?      ?      ?    ? r_dihedral_angle_1_deg       ? ? 
'X-RAY DIFFRACTION' ? ?      ?      ?    ? r_dihedral_angle_2_deg       ? ? 
'X-RAY DIFFRACTION' ? ?      ?      ?    ? r_dihedral_angle_3_deg       ? ? 
'X-RAY DIFFRACTION' ? ?      ?      ?    ? r_dihedral_angle_4_deg       ? ? 
'X-RAY DIFFRACTION' ? 0.146  0.200  164  ? r_chiral_restr               ? ? 
'X-RAY DIFFRACTION' ? 0.011  0.020  532  ? r_gen_planes_refined         ? ? 
'X-RAY DIFFRACTION' ? 0.001  0.020  157  ? r_gen_planes_other           ? ? 
'X-RAY DIFFRACTION' ? ?      ?      ?    ? r_nbd_refined                ? ? 
'X-RAY DIFFRACTION' ? ?      ?      ?    ? r_nbd_other                  ? ? 
'X-RAY DIFFRACTION' ? ?      ?      ?    ? r_nbtor_refined              ? ? 
'X-RAY DIFFRACTION' ? ?      ?      ?    ? r_nbtor_other                ? ? 
'X-RAY DIFFRACTION' ? ?      ?      ?    ? r_xyhbond_nbd_refined        ? ? 
'X-RAY DIFFRACTION' ? ?      ?      ?    ? r_xyhbond_nbd_other          ? ? 
'X-RAY DIFFRACTION' ? ?      ?      ?    ? r_metal_ion_refined          ? ? 
'X-RAY DIFFRACTION' ? ?      ?      ?    ? r_metal_ion_other            ? ? 
'X-RAY DIFFRACTION' ? ?      ?      ?    ? r_symmetry_vdw_refined       ? ? 
'X-RAY DIFFRACTION' ? ?      ?      ?    ? r_symmetry_vdw_other         ? ? 
'X-RAY DIFFRACTION' ? ?      ?      ?    ? r_symmetry_hbond_refined     ? ? 
'X-RAY DIFFRACTION' ? ?      ?      ?    ? r_symmetry_hbond_other       ? ? 
'X-RAY DIFFRACTION' ? ?      ?      ?    ? r_symmetry_metal_ion_refined ? ? 
'X-RAY DIFFRACTION' ? ?      ?      ?    ? r_symmetry_metal_ion_other   ? ? 
'X-RAY DIFFRACTION' ? ?      ?      ?    ? r_mcbond_it                  ? ? 
'X-RAY DIFFRACTION' ? ?      ?      ?    ? r_mcbond_other               ? ? 
'X-RAY DIFFRACTION' ? ?      ?      ?    ? r_mcangle_it                 ? ? 
'X-RAY DIFFRACTION' ? ?      ?      ?    ? r_mcangle_other              ? ? 
'X-RAY DIFFRACTION' ? 14.663 14.072 979  ? r_scbond_it                  ? ? 
'X-RAY DIFFRACTION' ? 14.656 14.074 980  ? r_scbond_other               ? ? 
'X-RAY DIFFRACTION' ? ?      ?      ?    ? r_scangle_it                 ? ? 
'X-RAY DIFFRACTION' ? 19.044 21.037 1501 ? r_scangle_other              ? ? 
'X-RAY DIFFRACTION' ? 24.044 ?      1477 ? r_long_range_B_refined       ? ? 
'X-RAY DIFFRACTION' ? 24.037 ?      1478 ? r_long_range_B_other         ? ? 
'X-RAY DIFFRACTION' ? ?      ?      ?    ? r_rigid_bond_restr           ? ? 
'X-RAY DIFFRACTION' ? ?      ?      ?    ? r_sphericity_free            ? ? 
'X-RAY DIFFRACTION' ? ?      ?      ?    ? r_sphericity_bonded          ? ? 
# 
_refine_ls_shell.pdbx_refine_id                   'X-RAY DIFFRACTION' 
_refine_ls_shell.d_res_high                       3.11 
_refine_ls_shell.d_res_low                        3.188 
_refine_ls_shell.number_reflns_all                ? 
_refine_ls_shell.number_reflns_obs                ? 
_refine_ls_shell.number_reflns_R_free             15 
_refine_ls_shell.number_reflns_R_work             360 
_refine_ls_shell.percent_reflns_obs               86.41 
_refine_ls_shell.percent_reflns_R_free            ? 
_refine_ls_shell.R_factor_all                     ? 
_refine_ls_shell.R_factor_obs                     ? 
_refine_ls_shell.R_factor_R_free_error            ? 
_refine_ls_shell.R_factor_R_work                  0.347 
_refine_ls_shell.redundancy_reflns_all            ? 
_refine_ls_shell.redundancy_reflns_obs            ? 
_refine_ls_shell.wR_factor_all                    ? 
_refine_ls_shell.wR_factor_obs                    ? 
_refine_ls_shell.wR_factor_R_free                 ? 
_refine_ls_shell.wR_factor_R_work                 ? 
_refine_ls_shell.pdbx_R_complete                  ? 
_refine_ls_shell.pdbx_total_number_of_bins_used   ? 
_refine_ls_shell.pdbx_phase_error                 ? 
_refine_ls_shell.pdbx_fsc_work                    ? 
_refine_ls_shell.pdbx_fsc_free                    ? 
_refine_ls_shell.R_factor_R_free                  0.528 
# 
_struct.entry_id                     8TB4 
_struct.title                        
;Sequence specific (AATT) orientation of DAPI molecules at a unique minor groove binding site (position2) within a self-assembled 3D DNA lattice (4x5)
;
_struct.pdbx_model_details           ? 
_struct.pdbx_formula_weight          ? 
_struct.pdbx_formula_weight_method   ? 
_struct.pdbx_model_type_details      ? 
_struct.pdbx_CASP_flag               N 
# 
_struct_keywords.entry_id        8TB4 
_struct_keywords.text            
;Self-Assembly, DNA Nanotechnology, DNA Scaffold, Crystal Lattice, DNA, Minor Groove Binders, Netropsin, DAPI, Hoechst, ImPyPy, polyamide, host-guest
;
_struct_keywords.pdbx_keywords   DNA 
# 
loop_
_struct_asym.id 
_struct_asym.pdbx_blank_PDB_chainid_flag 
_struct_asym.pdbx_modified 
_struct_asym.entity_id 
_struct_asym.details 
A N N 1 ? 
B N N 2 ? 
C N N 3 ? 
D N N 4 ? 
E N N 5 ? 
F N N 6 ? 
G N N 6 ? 
H N N 6 ? 
# 
loop_
_struct_conn.id 
_struct_conn.conn_type_id 
_struct_conn.pdbx_leaving_atom_flag 
_struct_conn.pdbx_PDB_id 
_struct_conn.ptnr1_label_asym_id 
_struct_conn.ptnr1_label_comp_id 
_struct_conn.ptnr1_label_seq_id 
_struct_conn.ptnr1_label_atom_id 
_struct_conn.pdbx_ptnr1_label_alt_id 
_struct_conn.pdbx_ptnr1_PDB_ins_code 
_struct_conn.pdbx_ptnr1_standard_comp_id 
_struct_conn.ptnr1_symmetry 
_struct_conn.ptnr2_label_asym_id 
_struct_conn.ptnr2_label_comp_id 
_struct_conn.ptnr2_label_seq_id 
_struct_conn.ptnr2_label_atom_id 
_struct_conn.pdbx_ptnr2_label_alt_id 
_struct_conn.pdbx_ptnr2_PDB_ins_code 
_struct_conn.ptnr1_auth_asym_id 
_struct_conn.ptnr1_auth_comp_id 
_struct_conn.ptnr1_auth_seq_id 
_struct_conn.ptnr2_auth_asym_id 
_struct_conn.ptnr2_auth_comp_id 
_struct_conn.ptnr2_auth_seq_id 
_struct_conn.ptnr2_symmetry 
_struct_conn.pdbx_ptnr3_label_atom_id 
_struct_conn.pdbx_ptnr3_label_seq_id 
_struct_conn.pdbx_ptnr3_label_comp_id 
_struct_conn.pdbx_ptnr3_label_asym_id 
_struct_conn.pdbx_ptnr3_label_alt_id 
_struct_conn.pdbx_ptnr3_PDB_ins_code 
_struct_conn.details 
_struct_conn.pdbx_dist_value 
_struct_conn.pdbx_value_order 
_struct_conn.pdbx_role 
hydrog1  hydrog ? ? A DG 3  N1 ? ? ? 1_555 D DC 7 N3 ? ? A DG 3  D DC 16 1_555 ? ? ? ? ? ? WATSON-CRICK ? ? ? 
hydrog2  hydrog ? ? A DG 3  N2 ? ? ? 1_555 D DC 7 O2 ? ? A DG 3  D DC 16 1_555 ? ? ? ? ? ? WATSON-CRICK ? ? ? 
hydrog3  hydrog ? ? A DG 3  O6 ? ? ? 1_555 D DC 7 N4 ? ? A DG 3  D DC 16 1_555 ? ? ? ? ? ? WATSON-CRICK ? ? ? 
hydrog4  hydrog ? ? A DC 4  N3 ? ? ? 1_555 D DG 6 N1 ? ? A DC 4  D DG 15 1_555 ? ? ? ? ? ? WATSON-CRICK ? ? ? 
hydrog5  hydrog ? ? A DC 4  N4 ? ? ? 1_555 D DG 6 O6 ? ? A DC 4  D DG 15 1_555 ? ? ? ? ? ? WATSON-CRICK ? ? ? 
hydrog6  hydrog ? ? A DC 4  O2 ? ? ? 1_555 D DG 6 N2 ? ? A DC 4  D DG 15 1_555 ? ? ? ? ? ? WATSON-CRICK ? ? ? 
hydrog7  hydrog ? ? A DA 5  N1 ? ? ? 1_555 D DT 5 N3 ? ? A DA 5  D DT 14 1_555 ? ? ? ? ? ? WATSON-CRICK ? ? ? 
hydrog8  hydrog ? ? A DA 5  N6 ? ? ? 1_555 D DT 5 O4 ? ? A DA 5  D DT 14 1_555 ? ? ? ? ? ? WATSON-CRICK ? ? ? 
hydrog9  hydrog ? ? A DG 6  N1 ? ? ? 1_555 D DC 4 N3 ? ? A DG 6  D DC 13 1_555 ? ? ? ? ? ? WATSON-CRICK ? ? ? 
hydrog10 hydrog ? ? A DG 6  N2 ? ? ? 1_555 D DC 4 O2 ? ? A DG 6  D DC 13 1_555 ? ? ? ? ? ? WATSON-CRICK ? ? ? 
hydrog11 hydrog ? ? A DG 6  O6 ? ? ? 1_555 D DC 4 N4 ? ? A DG 6  D DC 13 1_555 ? ? ? ? ? ? WATSON-CRICK ? ? ? 
hydrog12 hydrog ? ? A DA 7  N1 ? ? ? 1_555 D DT 3 N3 ? ? A DA 7  D DT 12 1_555 ? ? ? ? ? ? WATSON-CRICK ? ? ? 
hydrog13 hydrog ? ? A DA 7  N6 ? ? ? 1_555 D DT 3 O4 ? ? A DA 7  D DT 12 1_555 ? ? ? ? ? ? WATSON-CRICK ? ? ? 
hydrog14 hydrog ? ? A DC 8  N3 ? ? ? 1_555 D DG 2 N1 ? ? A DC 8  D DG 11 1_555 ? ? ? ? ? ? WATSON-CRICK ? ? ? 
hydrog15 hydrog ? ? A DC 8  N4 ? ? ? 1_555 D DG 2 O6 ? ? A DC 8  D DG 11 1_555 ? ? ? ? ? ? WATSON-CRICK ? ? ? 
hydrog16 hydrog ? ? A DC 8  O2 ? ? ? 1_555 D DG 2 N2 ? ? A DC 8  D DG 11 1_555 ? ? ? ? ? ? WATSON-CRICK ? ? ? 
hydrog17 hydrog ? ? A DC 9  N3 ? ? ? 1_555 D DG 1 N1 ? ? A DC 9  D DG 10 1_555 ? ? ? ? ? ? WATSON-CRICK ? ? ? 
hydrog18 hydrog ? ? A DC 9  N4 ? ? ? 1_555 D DG 1 O6 ? ? A DC 9  D DG 10 1_555 ? ? ? ? ? ? WATSON-CRICK ? ? ? 
hydrog19 hydrog ? ? A DC 9  O2 ? ? ? 1_555 D DG 1 N2 ? ? A DC 9  D DG 10 1_555 ? ? ? ? ? ? WATSON-CRICK ? ? ? 
hydrog20 hydrog ? ? A DT 10 N3 ? ? ? 1_555 B DA 5 N1 ? ? A DT 10 B DA 5  1_555 ? ? ? ? ? ? WATSON-CRICK ? ? ? 
hydrog21 hydrog ? ? A DT 10 O4 ? ? ? 1_555 B DA 5 N6 ? ? A DT 10 B DA 5  1_555 ? ? ? ? ? ? WATSON-CRICK ? ? ? 
hydrog22 hydrog ? ? A DG 11 N1 ? ? ? 1_555 B DC 4 N3 ? ? A DG 11 B DC 4  1_555 ? ? ? ? ? ? WATSON-CRICK ? ? ? 
hydrog23 hydrog ? ? A DG 11 N2 ? ? ? 1_555 B DC 4 O2 ? ? A DG 11 B DC 4  1_555 ? ? ? ? ? ? WATSON-CRICK ? ? ? 
hydrog24 hydrog ? ? A DG 11 O6 ? ? ? 1_555 B DC 4 N4 ? ? A DG 11 B DC 4  1_555 ? ? ? ? ? ? WATSON-CRICK ? ? ? 
hydrog25 hydrog ? ? A DA 12 N1 ? ? ? 1_555 B DT 3 N3 ? ? A DA 12 B DT 3  1_555 ? ? ? ? ? ? WATSON-CRICK ? ? ? 
hydrog26 hydrog ? ? A DA 12 N6 ? ? ? 1_555 B DT 3 O4 ? ? A DA 12 B DT 3  1_555 ? ? ? ? ? ? WATSON-CRICK ? ? ? 
hydrog27 hydrog ? ? A DC 13 N3 ? ? ? 1_555 B DG 2 N1 ? ? A DC 13 B DG 2  1_555 ? ? ? ? ? ? WATSON-CRICK ? ? ? 
hydrog28 hydrog ? ? A DC 13 N4 ? ? ? 1_555 B DG 2 O6 ? ? A DC 13 B DG 2  1_555 ? ? ? ? ? ? WATSON-CRICK ? ? ? 
hydrog29 hydrog ? ? A DC 13 O2 ? ? ? 1_555 B DG 2 N2 ? ? A DC 13 B DG 2  1_555 ? ? ? ? ? ? WATSON-CRICK ? ? ? 
hydrog30 hydrog ? ? A DG 14 N1 ? ? ? 1_555 B DC 1 N3 ? ? A DG 14 B DC 1  1_555 ? ? ? ? ? ? WATSON-CRICK ? ? ? 
hydrog31 hydrog ? ? A DG 14 N2 ? ? ? 1_555 B DC 1 O2 ? ? A DG 14 B DC 1  1_555 ? ? ? ? ? ? WATSON-CRICK ? ? ? 
hydrog32 hydrog ? ? A DG 14 O6 ? ? ? 1_555 B DC 1 N4 ? ? A DG 14 B DC 1  1_555 ? ? ? ? ? ? WATSON-CRICK ? ? ? 
hydrog33 hydrog ? ? A DA 15 N1 ? ? ? 1_555 C DT 9 N3 ? ? A DA 15 C DT 9  1_555 ? ? ? ? ? ? WATSON-CRICK ? ? ? 
hydrog34 hydrog ? ? A DA 15 N6 ? ? ? 1_555 C DT 9 O4 ? ? A DA 15 C DT 9  1_555 ? ? ? ? ? ? WATSON-CRICK ? ? ? 
hydrog35 hydrog ? ? A DC 16 N3 ? ? ? 1_555 C DG 8 N1 ? ? A DC 16 C DG 8  1_555 ? ? ? ? ? ? WATSON-CRICK ? ? ? 
hydrog36 hydrog ? ? A DC 16 N4 ? ? ? 1_555 C DG 8 O6 ? ? A DC 16 C DG 8  1_555 ? ? ? ? ? ? WATSON-CRICK ? ? ? 
hydrog37 hydrog ? ? A DC 16 O2 ? ? ? 1_555 C DG 8 N2 ? ? A DC 16 C DG 8  1_555 ? ? ? ? ? ? WATSON-CRICK ? ? ? 
hydrog38 hydrog ? ? A DA 17 N1 ? ? ? 1_555 C DT 7 N3 ? ? A DA 17 C DT 7  1_555 ? ? ? ? ? ? WATSON-CRICK ? ? ? 
hydrog39 hydrog ? ? A DA 17 N6 ? ? ? 1_555 C DT 7 O4 ? ? A DA 17 C DT 7  1_555 ? ? ? ? ? ? WATSON-CRICK ? ? ? 
hydrog40 hydrog ? ? A DA 18 N1 ? ? ? 1_555 C DT 6 N3 ? ? A DA 18 C DT 6  1_555 ? ? ? ? ? ? WATSON-CRICK ? ? ? 
hydrog41 hydrog ? ? A DA 18 N6 ? ? ? 1_555 C DT 6 O4 ? ? A DA 18 C DT 6  1_555 ? ? ? ? ? ? WATSON-CRICK ? ? ? 
hydrog42 hydrog ? ? A DT 19 N3 ? ? ? 1_555 C DA 5 N1 ? ? A DT 19 C DA 5  1_555 ? ? ? ? ? ? 'DT-DA PAIR' ? ? ? 
hydrog43 hydrog ? ? A DT 20 N3 ? ? ? 1_555 C DA 4 N1 ? ? A DT 20 C DA 4  1_555 ? ? ? ? ? ? WATSON-CRICK ? ? ? 
hydrog44 hydrog ? ? A DT 20 O4 ? ? ? 1_555 C DA 4 N6 ? ? A DT 20 C DA 4  1_555 ? ? ? ? ? ? WATSON-CRICK ? ? ? 
hydrog45 hydrog ? ? A DA 21 N1 ? ? ? 1_555 C DT 3 N3 ? ? A DA 21 C DT 3  1_555 ? ? ? ? ? ? WATSON-CRICK ? ? ? 
hydrog46 hydrog ? ? A DA 21 N6 ? ? ? 1_555 C DT 3 O4 ? ? A DA 21 C DT 3  1_555 ? ? ? ? ? ? WATSON-CRICK ? ? ? 
# 
_struct_conn_type.id          hydrog 
_struct_conn_type.criteria    ? 
_struct_conn_type.reference   ? 
# 
_atom_sites.entry_id                    8TB4 
_atom_sites.Cartn_transf_matrix[1][1]   ? 
_atom_sites.Cartn_transf_matrix[1][2]   ? 
_atom_sites.Cartn_transf_matrix[1][3]   ? 
_atom_sites.Cartn_transf_matrix[2][1]   ? 
_atom_sites.Cartn_transf_matrix[2][2]   ? 
_atom_sites.Cartn_transf_matrix[2][3]   ? 
_atom_sites.Cartn_transf_matrix[3][1]   ? 
_atom_sites.Cartn_transf_matrix[3][2]   ? 
_atom_sites.Cartn_transf_matrix[3][3]   ? 
_atom_sites.Cartn_transf_vector[1]      ? 
_atom_sites.Cartn_transf_vector[2]      ? 
_atom_sites.Cartn_transf_vector[3]      ? 
_atom_sites.fract_transf_matrix[1][1]   0.00097946 
_atom_sites.fract_transf_matrix[1][2]   -0.00302945 
_atom_sites.fract_transf_matrix[1][3]   -0.01630455 
_atom_sites.fract_transf_matrix[2][1]   0.01117058 
_atom_sites.fract_transf_matrix[2][2]   -0.01085633 
_atom_sites.fract_transf_matrix[2][3]   -0.00577493 
_atom_sites.fract_transf_matrix[3][1]   -0.01120675 
_atom_sites.fract_transf_matrix[3][2]   -0.01239845 
_atom_sites.fract_transf_matrix[3][3]   0.00163046 
_atom_sites.fract_transf_vector[1]      -0.031795 
_atom_sites.fract_transf_vector[2]      0.036186 
_atom_sites.fract_transf_vector[3]      -0.138203 
_atom_sites.solution_primary            ? 
_atom_sites.solution_secondary          ? 
_atom_sites.solution_hydrogens          ? 
_atom_sites.special_details             ? 
# 
loop_
_atom_type.symbol 
C  
MG 
N  
O  
P  
# 
loop_
_atom_site.group_PDB 
_atom_site.id 
_atom_site.type_symbol 
_atom_site.label_atom_id 
_atom_site.label_alt_id 
_atom_site.label_comp_id 
_atom_site.label_asym_id 
_atom_site.label_entity_id 
_atom_site.label_seq_id 
_atom_site.pdbx_PDB_ins_code 
_atom_site.Cartn_x 
_atom_site.Cartn_y 
_atom_site.Cartn_z 
_atom_site.occupancy 
_atom_site.B_iso_or_equiv 
_atom_site.pdbx_formal_charge 
_atom_site.auth_seq_id 
_atom_site.auth_comp_id 
_atom_site.auth_asym_id 
_atom_site.auth_atom_id 
_atom_site.pdbx_PDB_model_num 
ATOM   1   O  "O5'" . DG  A 1 1  ? 10.383  -10.579 -33.868 1.00 187.21 ? 1   DG  A "O5'" 1 
ATOM   2   C  "C5'" . DG  A 1 1  ? 11.534  -11.272 -33.319 1.00 178.07 ? 1   DG  A "C5'" 1 
ATOM   3   C  "C4'" . DG  A 1 1  ? 11.235  -12.750 -33.237 1.00 197.99 ? 1   DG  A "C4'" 1 
ATOM   4   O  "O4'" . DG  A 1 1  ? 12.480  -13.466 -33.188 1.00 195.74 ? 1   DG  A "O4'" 1 
ATOM   5   C  "C3'" . DG  A 1 1  ? 10.448  -13.190 -32.005 1.00 220.46 ? 1   DG  A "C3'" 1 
ATOM   6   O  "O3'" . DG  A 1 1  ? 9.059   -13.240 -32.345 1.00 230.52 ? 1   DG  A "O3'" 1 
ATOM   7   C  "C2'" . DG  A 1 1  ? 10.995  -14.582 -31.684 1.00 209.25 ? 1   DG  A "C2'" 1 
ATOM   8   C  "C1'" . DG  A 1 1  ? 12.339  -14.639 -32.391 1.00 189.20 ? 1   DG  A "C1'" 1 
ATOM   9   N  N9    . DG  A 1 1  ? 13.505  -14.700 -31.514 1.00 171.57 ? 1   DG  A N9    1 
ATOM   10  C  C8    . DG  A 1 1  ? 14.497  -13.752 -31.372 1.00 160.08 ? 1   DG  A C8    1 
ATOM   11  N  N7    . DG  A 1 1  ? 15.448  -14.114 -30.546 1.00 147.81 ? 1   DG  A N7    1 
ATOM   12  C  C5    . DG  A 1 1  ? 15.058  -15.384 -30.126 1.00 154.10 ? 1   DG  A C5    1 
ATOM   13  C  C6    . DG  A 1 1  ? 15.700  -16.274 -29.226 1.00 141.98 ? 1   DG  A C6    1 
ATOM   14  O  O6    . DG  A 1 1  ? 16.772  -16.091 -28.634 1.00 125.32 ? 1   DG  A O6    1 
ATOM   15  N  N1    . DG  A 1 1  ? 14.970  -17.462 -29.056 1.00 125.42 ? 1   DG  A N1    1 
ATOM   16  C  C2    . DG  A 1 1  ? 13.783  -17.752 -29.692 1.00 151.72 ? 1   DG  A C2    1 
ATOM   17  N  N2    . DG  A 1 1  ? 13.238  -18.944 -29.401 1.00 155.49 ? 1   DG  A N2    1 
ATOM   18  N  N3    . DG  A 1 1  ? 13.169  -16.921 -30.549 1.00 143.30 ? 1   DG  A N3    1 
ATOM   19  C  C4    . DG  A 1 1  ? 13.863  -15.760 -30.715 1.00 161.58 ? 1   DG  A C4    1 
ATOM   20  P  P     . DA  A 1 2  ? 8.092   -13.530 -31.094 1.00 213.50 ? 2   DA  A P     1 
ATOM   21  O  OP1   . DA  A 1 2  ? 6.701   -13.114 -31.497 1.00 215.37 ? 2   DA  A OP1   1 
ATOM   22  O  OP2   . DA  A 1 2  ? 8.745   -12.955 -29.863 1.00 161.91 ? 2   DA  A OP2   1 
ATOM   23  O  "O5'" . DA  A 1 2  ? 8.160   -15.136 -31.005 1.00 192.63 ? 2   DA  A "O5'" 1 
ATOM   24  C  "C5'" . DA  A 1 2  ? 7.135   -15.852 -30.274 1.00 166.63 ? 2   DA  A "C5'" 1 
ATOM   25  C  "C4'" . DA  A 1 2  ? 7.796   -16.774 -29.281 1.00 170.80 ? 2   DA  A "C4'" 1 
ATOM   26  O  "O4'" . DA  A 1 2  ? 9.206   -16.482 -29.201 1.00 169.47 ? 2   DA  A "O4'" 1 
ATOM   27  C  "C3'" . DA  A 1 2  ? 7.244   -16.662 -27.860 1.00 187.44 ? 2   DA  A "C3'" 1 
ATOM   28  O  "O3'" . DA  A 1 2  ? 6.686   -17.919 -27.494 1.00 208.93 ? 2   DA  A "O3'" 1 
ATOM   29  C  "C2'" . DA  A 1 2  ? 8.455   -16.317 -26.991 1.00 188.33 ? 2   DA  A "C2'" 1 
ATOM   30  C  "C1'" . DA  A 1 2  ? 9.632   -16.718 -27.862 1.00 179.40 ? 2   DA  A "C1'" 1 
ATOM   31  N  N9    . DA  A 1 2  ? 10.871  -15.971 -27.608 1.00 188.18 ? 2   DA  A N9    1 
ATOM   32  C  C8    . DA  A 1 2  ? 11.250  -14.724 -28.061 1.00 172.33 ? 2   DA  A C8    1 
ATOM   33  N  N7    . DA  A 1 2  ? 12.441  -14.355 -27.651 1.00 151.80 ? 2   DA  A N7    1 
ATOM   34  C  C5    . DA  A 1 2  ? 12.883  -15.425 -26.879 1.00 152.96 ? 2   DA  A C5    1 
ATOM   35  C  C6    . DA  A 1 2  ? 14.083  -15.655 -26.170 1.00 135.05 ? 2   DA  A C6    1 
ATOM   36  N  N6    . DA  A 1 2  ? 15.082  -14.778 -26.124 1.00 130.10 ? 2   DA  A N6    1 
ATOM   37  N  N1    . DA  A 1 2  ? 14.206  -16.828 -25.487 1.00 119.16 ? 2   DA  A N1    1 
ATOM   38  C  C2    . DA  A 1 2  ? 13.191  -17.705 -25.535 1.00 131.34 ? 2   DA  A C2    1 
ATOM   39  N  N3    . DA  A 1 2  ? 12.025  -17.603 -26.177 1.00 150.78 ? 2   DA  A N3    1 
ATOM   40  C  C4    . DA  A 1 2  ? 11.926  -16.428 -26.839 1.00 175.43 ? 2   DA  A C4    1 
ATOM   41  P  P     . DG  A 1 3  ? 5.697   -17.790 -26.233 1.00 225.66 ? 3   DG  A P     1 
ATOM   42  O  OP1   . DG  A 1 3  ? 4.646   -18.864 -26.317 1.00 212.40 ? 3   DG  A OP1   1 
ATOM   43  O  OP2   . DG  A 1 3  ? 5.287   -16.346 -26.086 1.00 225.59 ? 3   DG  A OP2   1 
ATOM   44  O  "O5'" . DG  A 1 3  ? 6.680   -18.178 -25.025 1.00 182.63 ? 3   DG  A "O5'" 1 
ATOM   45  C  "C5'" . DG  A 1 3  ? 7.147   -19.543 -24.939 1.00 167.80 ? 3   DG  A "C5'" 1 
ATOM   46  C  "C4'" . DG  A 1 3  ? 8.065   -19.634 -23.755 1.00 172.79 ? 3   DG  A "C4'" 1 
ATOM   47  O  "O4'" . DG  A 1 3  ? 9.176   -18.727 -23.940 1.00 175.57 ? 3   DG  A "O4'" 1 
ATOM   48  C  "C3'" . DG  A 1 3  ? 7.398   -19.227 -22.445 1.00 172.21 ? 3   DG  A "C3'" 1 
ATOM   49  O  "O3'" . DG  A 1 3  ? 7.790   -20.145 -21.433 1.00 179.60 ? 3   DG  A "O3'" 1 
ATOM   50  C  "C2'" . DG  A 1 3  ? 7.963   -17.831 -22.194 1.00 171.99 ? 3   DG  A "C2'" 1 
ATOM   51  C  "C1'" . DG  A 1 3  ? 9.371   -18.011 -22.723 1.00 159.54 ? 3   DG  A "C1'" 1 
ATOM   52  N  N9    . DG  A 1 3  ? 10.149  -16.793 -22.993 1.00 152.14 ? 3   DG  A N9    1 
ATOM   53  C  C8    . DG  A 1 3  ? 9.890   -15.691 -23.787 1.00 142.57 ? 3   DG  A C8    1 
ATOM   54  N  N7    . DG  A 1 3  ? 10.866  -14.800 -23.786 1.00 114.95 ? 3   DG  A N7    1 
ATOM   55  C  C5    . DG  A 1 3  ? 11.830  -15.349 -22.934 1.00 121.07 ? 3   DG  A C5    1 
ATOM   56  C  C6    . DG  A 1 3  ? 13.116  -14.855 -22.545 1.00 114.65 ? 3   DG  A C6    1 
ATOM   57  O  O6    . DG  A 1 3  ? 13.680  -13.808 -22.891 1.00 106.74 ? 3   DG  A O6    1 
ATOM   58  N  N1    . DG  A 1 3  ? 13.782  -15.737 -21.684 1.00 104.73 ? 3   DG  A N1    1 
ATOM   59  C  C2    . DG  A 1 3  ? 13.266  -16.939 -21.246 1.00 125.22 ? 3   DG  A C2    1 
ATOM   60  N  N2    . DG  A 1 3  ? 14.048  -17.644 -20.418 1.00 118.40 ? 3   DG  A N2    1 
ATOM   61  N  N3    . DG  A 1 3  ? 12.062  -17.419 -21.603 1.00 113.28 ? 3   DG  A N3    1 
ATOM   62  C  C4    . DG  A 1 3  ? 11.400  -16.576 -22.445 1.00 128.70 ? 3   DG  A C4    1 
ATOM   63  P  P     . DC  A 1 4  ? 6.759   -20.092 -20.202 1.00 187.52 ? 4   DC  A P     1 
ATOM   64  O  OP1   . DC  A 1 4  ? 6.321   -21.491 -19.863 1.00 171.64 ? 4   DC  A OP1   1 
ATOM   65  O  OP2   . DC  A 1 4  ? 5.767   -18.991 -20.473 1.00 184.63 ? 4   DC  A OP2   1 
ATOM   66  O  "O5'" . DC  A 1 4  ? 7.677   -19.591 -18.986 1.00 166.89 ? 4   DC  A "O5'" 1 
ATOM   67  C  "C5'" . DC  A 1 4  ? 8.365   -20.587 -18.198 1.00 161.64 ? 4   DC  A "C5'" 1 
ATOM   68  C  "C4'" . DC  A 1 4  ? 9.325   -19.867 -17.291 1.00 180.64 ? 4   DC  A "C4'" 1 
ATOM   69  O  "O4'" . DC  A 1 4  ? 10.033  -18.836 -18.029 1.00 172.92 ? 4   DC  A "O4'" 1 
ATOM   70  C  "C3'" . DC  A 1 4  ? 8.647   -19.155 -16.125 1.00 187.15 ? 4   DC  A "C3'" 1 
ATOM   71  O  "O3'" . DC  A 1 4  ? 9.508   -19.148 -14.984 1.00 202.36 ? 4   DC  A "O3'" 1 
ATOM   72  C  "C2'" . DC  A 1 4  ? 8.497   -17.753 -16.683 1.00 187.96 ? 4   DC  A "C2'" 1 
ATOM   73  C  "C1'" . DC  A 1 4  ? 9.848   -17.605 -17.363 1.00 176.70 ? 4   DC  A "C1'" 1 
ATOM   74  N  N1    . DC  A 1 4  ? 9.946   -16.487 -18.336 1.00 162.56 ? 4   DC  A N1    1 
ATOM   75  C  C2    . DC  A 1 4  ? 11.106  -15.685 -18.345 1.00 141.42 ? 4   DC  A C2    1 
ATOM   76  O  O2    . DC  A 1 4  ? 12.042  -15.957 -17.568 1.00 111.35 ? 4   DC  A O2    1 
ATOM   77  N  N3    . DC  A 1 4  ? 11.175  -14.638 -19.215 1.00 108.96 ? 4   DC  A N3    1 
ATOM   78  C  C4    . DC  A 1 4  ? 10.149  -14.390 -20.054 1.00 129.66 ? 4   DC  A C4    1 
ATOM   79  N  N4    . DC  A 1 4  ? 10.262  -13.368 -20.890 1.00 135.18 ? 4   DC  A N4    1 
ATOM   80  C  C5    . DC  A 1 4  ? 8.962   -15.185 -20.048 1.00 132.02 ? 4   DC  A C5    1 
ATOM   81  C  C6    . DC  A 1 4  ? 8.904   -16.210 -19.180 1.00 150.67 ? 4   DC  A C6    1 
ATOM   82  P  P     . DA  A 1 5  ? 9.117   -20.399 -14.058 1.00 211.33 ? 5   DA  A P     1 
ATOM   83  O  OP1   . DA  A 1 5  ? 9.337   -21.696 -14.787 1.00 229.85 ? 5   DA  A OP1   1 
ATOM   84  O  OP2   . DA  A 1 5  ? 7.725   -20.097 -13.573 1.00 222.94 ? 5   DA  A OP2   1 
ATOM   85  O  "O5'" . DA  A 1 5  ? 10.162  -20.308 -12.837 1.00 197.41 ? 5   DA  A "O5'" 1 
ATOM   86  C  "C5'" . DA  A 1 5  ? 11.586  -20.376 -13.098 1.00 185.08 ? 5   DA  A "C5'" 1 
ATOM   87  C  "C4'" . DA  A 1 5  ? 12.257  -19.139 -12.546 1.00 191.68 ? 5   DA  A "C4'" 1 
ATOM   88  O  "O4'" . DA  A 1 5  ? 12.120  -18.052 -13.489 1.00 164.48 ? 5   DA  A "O4'" 1 
ATOM   89  C  "C3'" . DA  A 1 5  ? 11.710  -18.639 -11.203 1.00 184.61 ? 5   DA  A "C3'" 1 
ATOM   90  O  "O3'" . DA  A 1 5  ? 12.802  -18.643 -10.268 1.00 190.01 ? 5   DA  A "O3'" 1 
ATOM   91  C  "C2'" . DA  A 1 5  ? 11.131  -17.261 -11.538 1.00 168.63 ? 5   DA  A "C2'" 1 
ATOM   92  C  "C1'" . DA  A 1 5  ? 11.901  -16.841 -12.777 1.00 139.11 ? 5   DA  A "C1'" 1 
ATOM   93  N  N9    . DA  A 1 5  ? 11.177  -15.963 -13.683 1.00 127.01 ? 5   DA  A N9    1 
ATOM   94  C  C8    . DA  A 1 5  ? 9.900   -16.207 -14.125 1.00 142.57 ? 5   DA  A C8    1 
ATOM   95  N  N7    . DA  A 1 5  ? 9.444   -15.312 -14.968 1.00 126.35 ? 5   DA  A N7    1 
ATOM   96  C  C5    . DA  A 1 5  ? 10.497  -14.426 -15.112 1.00 126.24 ? 5   DA  A C5    1 
ATOM   97  C  C6    . DA  A 1 5  ? 10.632  -13.265 -15.901 1.00 111.13 ? 5   DA  A C6    1 
ATOM   98  N  N6    . DA  A 1 5  ? 9.668   -12.805 -16.693 1.00 98.21  ? 5   DA  A N6    1 
ATOM   99  N  N1    . DA  A 1 5  ? 11.815  -12.601 -15.838 1.00 102.41 ? 5   DA  A N1    1 
ATOM   100 C  C2    . DA  A 1 5  ? 12.770  -13.092 -15.017 1.00 139.50 ? 5   DA  A C2    1 
ATOM   101 N  N3    . DA  A 1 5  ? 12.756  -14.176 -14.226 1.00 122.33 ? 5   DA  A N3    1 
ATOM   102 C  C4    . DA  A 1 5  ? 11.578  -14.817 -14.330 1.00 129.73 ? 5   DA  A C4    1 
ATOM   103 P  P     . DG  A 1 6  ? 13.098  -17.367 -9.331  1.00 193.32 ? 6   DG  A P     1 
ATOM   104 O  OP1   . DG  A 1 6  ? 14.238  -17.671 -8.396  1.00 161.31 ? 6   DG  A OP1   1 
ATOM   105 O  OP2   . DG  A 1 6  ? 11.794  -16.906 -8.737  1.00 209.11 ? 6   DG  A OP2   1 
ATOM   106 O  "O5'" . DG  A 1 6  ? 13.616  -16.249 -10.364 1.00 157.18 ? 6   DG  A "O5'" 1 
ATOM   107 C  "C5'" . DG  A 1 6  ? 12.999  -14.950 -10.332 1.00 156.21 ? 6   DG  A "C5'" 1 
ATOM   108 C  "C4'" . DG  A 1 6  ? 14.053  -13.907 -10.081 1.00 165.47 ? 6   DG  A "C4'" 1 
ATOM   109 O  "O4'" . DG  A 1 6  ? 13.938  -12.877 -11.079 1.00 163.62 ? 6   DG  A "O4'" 1 
ATOM   110 C  "C3'" . DG  A 1 6  ? 13.915  -13.162 -8.763  1.00 170.90 ? 6   DG  A "C3'" 1 
ATOM   111 O  "O3'" . DG  A 1 6  ? 15.154  -12.532 -8.437  1.00 195.98 ? 6   DG  A "O3'" 1 
ATOM   112 C  "C2'" . DG  A 1 6  ? 12.834  -12.138 -9.103  1.00 161.49 ? 6   DG  A "C2'" 1 
ATOM   113 C  "C1'" . DG  A 1 6  ? 12.986  -11.929 -10.607 1.00 147.99 ? 6   DG  A "C1'" 1 
ATOM   114 N  N9    . DG  A 1 6  ? 11.742  -12.123 -11.350 1.00 148.91 ? 6   DG  A N9    1 
ATOM   115 C  C8    . DG  A 1 6  ? 10.744  -13.067 -11.209 1.00 141.47 ? 6   DG  A C8    1 
ATOM   116 N  N7    . DG  A 1 6  ? 9.751   -12.915 -12.057 1.00 118.58 ? 6   DG  A N7    1 
ATOM   117 C  C5    . DG  A 1 6  ? 10.122  -11.795 -12.795 1.00 128.31 ? 6   DG  A C5    1 
ATOM   118 C  C6    . DG  A 1 6  ? 9.447   -11.154 -13.865 1.00 133.71 ? 6   DG  A C6    1 
ATOM   119 O  O6    . DG  A 1 6  ? 8.364   -11.471 -14.370 1.00 150.30 ? 6   DG  A O6    1 
ATOM   120 N  N1    . DG  A 1 6  ? 10.167  -10.058 -14.357 1.00 117.74 ? 6   DG  A N1    1 
ATOM   121 C  C2    . DG  A 1 6  ? 11.373  -9.620  -13.863 1.00 131.48 ? 6   DG  A C2    1 
ATOM   122 N  N2    . DG  A 1 6  ? 11.893  -8.546  -14.479 1.00 123.18 ? 6   DG  A N2    1 
ATOM   123 N  N3    . DG  A 1 6  ? 12.026  -10.218 -12.853 1.00 123.76 ? 6   DG  A N3    1 
ATOM   124 C  C4    . DG  A 1 6  ? 11.342  -11.294 -12.373 1.00 137.83 ? 6   DG  A C4    1 
ATOM   125 P  P     . DA  A 1 7  ? 15.128  -11.747 -7.035  1.00 194.68 ? 7   DA  A P     1 
ATOM   126 O  OP1   . DA  A 1 7  ? 16.478  -11.794 -6.369  1.00 192.15 ? 7   DA  A OP1   1 
ATOM   127 O  OP2   . DA  A 1 7  ? 13.906  -12.245 -6.310  1.00 175.03 ? 7   DA  A OP2   1 
ATOM   128 O  "O5'" . DA  A 1 7  ? 14.907  -10.221 -7.487  1.00 158.43 ? 7   DA  A "O5'" 1 
ATOM   129 C  "C5'" . DA  A 1 7  ? 15.734  -9.695  -8.545  1.00 144.40 ? 7   DA  A "C5'" 1 
ATOM   130 C  "C4'" . DA  A 1 7  ? 14.972  -8.590  -9.224  1.00 160.58 ? 7   DA  A "C4'" 1 
ATOM   131 O  "O4'" . DA  A 1 7  ? 13.807  -9.111  -9.902  1.00 155.86 ? 7   DA  A "O4'" 1 
ATOM   132 C  "C3'" . DA  A 1 7  ? 14.461  -7.525  -8.253  1.00 170.24 ? 7   DA  A "C3'" 1 
ATOM   133 O  "O3'" . DA  A 1 7  ? 15.115  -6.285  -8.526  1.00 198.31 ? 7   DA  A "O3'" 1 
ATOM   134 C  "C2'" . DA  A 1 7  ? 12.966  -7.433  -8.557  1.00 167.79 ? 7   DA  A "C2'" 1 
ATOM   135 C  "C1'" . DA  A 1 7  ? 12.872  -8.039  -9.945  1.00 151.88 ? 7   DA  A "C1'" 1 
ATOM   136 N  N9    . DA  A 1 7  ? 11.539  -8.526  -10.316 1.00 150.45 ? 7   DA  A N9    1 
ATOM   137 C  C8    . DA  A 1 7  ? 10.794  -9.546  -9.769  1.00 142.96 ? 7   DA  A C8    1 
ATOM   138 N  N7    . DA  A 1 7  ? 9.614   -9.689  -10.330 1.00 135.50 ? 7   DA  A N7    1 
ATOM   139 C  C5    . DA  A 1 7  ? 9.563   -8.699  -11.313 1.00 144.79 ? 7   DA  A C5    1 
ATOM   140 C  C6    . DA  A 1 7  ? 8.576   -8.324  -12.268 1.00 126.20 ? 7   DA  A C6    1 
ATOM   141 N  N6    . DA  A 1 7  ? 7.402   -8.932  -12.426 1.00 104.73 ? 7   DA  A N6    1 
ATOM   142 N  N1    . DA  A 1 7  ? 8.844   -7.277  -13.089 1.00 111.06 ? 7   DA  A N1    1 
ATOM   143 C  C2    . DA  A 1 7  ? 10.034  -6.668  -12.953 1.00 142.71 ? 7   DA  A C2    1 
ATOM   144 N  N3    . DA  A 1 7  ? 11.034  -6.925  -12.103 1.00 124.59 ? 7   DA  A N3    1 
ATOM   145 C  C4    . DA  A 1 7  ? 10.744  -7.969  -11.301 1.00 146.57 ? 7   DA  A C4    1 
ATOM   146 P  P     . DC  A 1 8  ? 14.931  -5.210  -7.342  1.00 201.57 ? 8   DC  A P     1 
ATOM   147 O  OP1   . DC  A 1 8  ? 16.185  -4.399  -7.166  1.00 175.31 ? 8   DC  A OP1   1 
ATOM   148 O  OP2   . DC  A 1 8  ? 14.411  -5.953  -6.138  1.00 204.39 ? 8   DC  A OP2   1 
ATOM   149 O  "O5'" . DC  A 1 8  ? 13.777  -4.260  -7.941  1.00 165.78 ? 8   DC  A "O5'" 1 
ATOM   150 C  "C5'" . DC  A 1 8  ? 14.054  -3.437  -9.103  1.00 150.32 ? 8   DC  A "C5'" 1 
ATOM   151 C  "C4'" . DC  A 1 8  ? 12.740  -2.981  -9.687  1.00 173.73 ? 8   DC  A "C4'" 1 
ATOM   152 O  "O4'" . DC  A 1 8  ? 11.870  -4.123  -9.889  1.00 180.50 ? 8   DC  A "O4'" 1 
ATOM   153 C  "C3'" . DC  A 1 8  ? 11.949  -1.999  -8.812  1.00 174.52 ? 8   DC  A "C3'" 1 
ATOM   154 O  "O3'" . DC  A 1 8  ? 11.432  -0.903  -9.558  1.00 168.99 ? 8   DC  A "O3'" 1 
ATOM   155 C  "C2'" . DC  A 1 8  ? 10.765  -2.831  -8.345  1.00 171.18 ? 8   DC  A "C2'" 1 
ATOM   156 C  "C1'" . DC  A 1 8  ? 10.559  -3.721  -9.550  1.00 172.05 ? 8   DC  A "C1'" 1 
ATOM   157 N  N1    . DC  A 1 8  ? 9.705   -4.898  -9.267  1.00 170.53 ? 8   DC  A N1    1 
ATOM   158 C  C2    . DC  A 1 8  ? 8.483   -5.024  -9.946  1.00 159.89 ? 8   DC  A C2    1 
ATOM   159 O  O2    . DC  A 1 8  ? 8.180   -4.173  -10.798 1.00 161.70 ? 8   DC  A O2    1 
ATOM   160 N  N3    . DC  A 1 8  ? 7.683   -6.087  -9.678  1.00 128.38 ? 8   DC  A N3    1 
ATOM   161 C  C4    . DC  A 1 8  ? 8.048   -6.976  -8.748  1.00 141.15 ? 8   DC  A C4    1 
ATOM   162 N  N4    . DC  A 1 8  ? 7.228   -7.986  -8.523  1.00 155.89 ? 8   DC  A N4    1 
ATOM   163 C  C5    . DC  A 1 8  ? 9.272   -6.850  -8.027  1.00 147.99 ? 8   DC  A C5    1 
ATOM   164 C  C6    . DC  A 1 8  ? 10.058  -5.798  -8.308  1.00 150.06 ? 8   DC  A C6    1 
ATOM   165 P  P     . DC  A 1 9  ? 10.520  0.066   -8.654  1.00 177.24 ? 9   DC  A P     1 
ATOM   166 O  OP1   . DC  A 1 9  ? 10.905  1.498   -8.919  1.00 177.30 ? 9   DC  A OP1   1 
ATOM   167 O  OP2   . DC  A 1 9  ? 10.462  -0.444  -7.238  1.00 152.34 ? 9   DC  A OP2   1 
ATOM   168 O  "O5'" . DC  A 1 9  ? 9.107   -0.193  -9.364  1.00 142.67 ? 9   DC  A "O5'" 1 
ATOM   169 C  "C5'" . DC  A 1 9  ? 9.001   0.206   -10.739 1.00 145.25 ? 9   DC  A "C5'" 1 
ATOM   170 C  "C4'" . DC  A 1 9  ? 7.548   0.236   -11.114 1.00 149.57 ? 9   DC  A "C4'" 1 
ATOM   171 O  "O4'" . DC  A 1 9  ? 6.968   -1.076  -10.901 1.00 168.60 ? 9   DC  A "O4'" 1 
ATOM   172 C  "C3'" . DC  A 1 9  ? 6.699   1.195   -10.292 1.00 146.54 ? 9   DC  A "C3'" 1 
ATOM   173 O  "O3'" . DC  A 1 9  ? 5.648   1.629   -11.144 1.00 155.21 ? 9   DC  A "O3'" 1 
ATOM   174 C  "C2'" . DC  A 1 9  ? 6.164   0.265   -9.220  1.00 148.84 ? 9   DC  A "C2'" 1 
ATOM   175 C  "C1'" . DC  A 1 9  ? 5.819   -0.931  -10.094 1.00 158.06 ? 9   DC  A "C1'" 1 
ATOM   176 N  N1    . DC  A 1 9  ? 5.568   -2.185  -9.346  1.00 146.30 ? 9   DC  A N1    1 
ATOM   177 C  C2    . DC  A 1 9  ? 4.292   -2.785  -9.377  1.00 140.44 ? 9   DC  A C2    1 
ATOM   178 O  O2    . DC  A 1 9  ? 3.383   -2.289  -10.071 1.00 116.19 ? 9   DC  A O2    1 
ATOM   179 N  N3    . DC  A 1 9  ? 4.082   -3.899  -8.628  1.00 107.45 ? 9   DC  A N3    1 
ATOM   180 C  C4    . DC  A 1 9  ? 5.071   -4.401  -7.880  1.00 121.19 ? 9   DC  A C4    1 
ATOM   181 N  N4    . DC  A 1 9  ? 4.818   -5.488  -7.178  1.00 135.31 ? 9   DC  A N4    1 
ATOM   182 C  C5    . DC  A 1 9  ? 6.354   -3.798  -7.826  1.00 124.87 ? 9   DC  A C5    1 
ATOM   183 C  C6    . DC  A 1 9  ? 6.556   -2.701  -8.567  1.00 125.46 ? 9   DC  A C6    1 
ATOM   184 P  P     . DT  A 1 10 ? 4.710   2.727   -10.452 1.00 159.88 ? 10  DT  A P     1 
ATOM   185 O  OP1   . DT  A 1 10 ? 5.333   4.058   -10.776 1.00 175.55 ? 10  DT  A OP1   1 
ATOM   186 O  OP2   . DT  A 1 10 ? 4.467   2.279   -9.039  1.00 132.58 ? 10  DT  A OP2   1 
ATOM   187 O  "O5'" . DT  A 1 10 ? 3.322   2.541   -11.240 1.00 137.44 ? 10  DT  A "O5'" 1 
ATOM   188 C  "C5'" . DT  A 1 10 ? 2.600   1.312   -11.001 1.00 157.30 ? 10  DT  A "C5'" 1 
ATOM   189 C  "C4'" . DT  A 1 10 ? 1.171   1.625   -10.632 1.00 164.82 ? 10  DT  A "C4'" 1 
ATOM   190 O  "O4'" . DT  A 1 10 ? 0.566   0.465   -10.017 1.00 164.14 ? 10  DT  A "O4'" 1 
ATOM   191 C  "C3'" . DT  A 1 10 ? 0.982   2.801   -9.679  1.00 154.56 ? 10  DT  A "C3'" 1 
ATOM   192 O  "O3'" . DT  A 1 10 ? -0.012  3.617   -10.327 1.00 166.69 ? 10  DT  A "O3'" 1 
ATOM   193 C  "C2'" . DT  A 1 10 ? 0.641   2.141   -8.344  1.00 157.32 ? 10  DT  A "C2'" 1 
ATOM   194 C  "C1'" . DT  A 1 10 ? 0.146   0.732   -8.689  1.00 145.06 ? 10  DT  A "C1'" 1 
ATOM   195 N  N1    . DT  A 1 10 ? 0.689   -0.376  -7.855  1.00 124.51 ? 10  DT  A N1    1 
ATOM   196 C  C2    . DT  A 1 10 ? -0.129  -1.452  -7.535  1.00 131.65 ? 10  DT  A C2    1 
ATOM   197 O  O2    . DT  A 1 10 ? -1.306  -1.547  -7.863  1.00 131.69 ? 10  DT  A O2    1 
ATOM   198 N  N3    . DT  A 1 10 ? 0.479   -2.445  -6.808  1.00 117.66 ? 10  DT  A N3    1 
ATOM   199 C  C4    . DT  A 1 10 ? 1.788   -2.472  -6.373  1.00 111.77 ? 10  DT  A C4    1 
ATOM   200 O  O4    . DT  A 1 10 ? 2.205   -3.413  -5.708  1.00 112.13 ? 10  DT  A O4    1 
ATOM   201 C  C5    . DT  A 1 10 ? 2.581   -1.330  -6.735  1.00 108.13 ? 10  DT  A C5    1 
ATOM   202 C  C7    . DT  A 1 10 ? 4.012   -1.319  -6.292  1.00 108.03 ? 10  DT  A C7    1 
ATOM   203 C  C6    . DT  A 1 10 ? 2.014   -0.361  -7.471  1.00 107.35 ? 10  DT  A C6    1 
ATOM   204 P  P     . DG  A 1 11 ? -1.310  4.211   -9.577  1.00 170.98 ? 11  DG  A P     1 
ATOM   205 O  OP1   . DG  A 1 11 ? -2.095  5.094   -10.507 1.00 135.52 ? 11  DG  A OP1   1 
ATOM   206 O  OP2   . DG  A 1 11 ? -0.890  4.697   -8.212  1.00 146.21 ? 11  DG  A OP2   1 
ATOM   207 O  "O5'" . DG  A 1 11 ? -2.212  2.887   -9.452  1.00 163.43 ? 11  DG  A "O5'" 1 
ATOM   208 C  "C5'" . DG  A 1 11 ? -3.566  2.912   -9.969  1.00 139.66 ? 11  DG  A "C5'" 1 
ATOM   209 C  "C4'" . DG  A 1 11 ? -4.511  2.594   -8.841  1.00 136.65 ? 11  DG  A "C4'" 1 
ATOM   210 O  "O4'" . DG  A 1 11 ? -3.908  1.643   -7.928  1.00 147.54 ? 11  DG  A "O4'" 1 
ATOM   211 C  "C3'" . DG  A 1 11 ? -4.887  3.786   -7.979  1.00 133.12 ? 11  DG  A "C3'" 1 
ATOM   212 O  "O3'" . DG  A 1 11 ? -6.174  3.495   -7.473  1.00 142.56 ? 11  DG  A "O3'" 1 
ATOM   213 C  "C2'" . DG  A 1 11 ? -3.817  3.728   -6.900  1.00 126.02 ? 11  DG  A "C2'" 1 
ATOM   214 C  "C1'" . DG  A 1 11 ? -3.794  2.234   -6.637  1.00 117.39 ? 11  DG  A "C1'" 1 
ATOM   215 N  N9    . DG  A 1 11 ? -2.585  1.752   -5.967  1.00 99.33  ? 11  DG  A N9    1 
ATOM   216 C  C8    . DG  A 1 11 ? -1.386  2.403   -5.796  1.00 103.54 ? 11  DG  A C8    1 
ATOM   217 N  N7    . DG  A 1 11 ? -0.505  1.712   -5.112  1.00 101.76 ? 11  DG  A N7    1 
ATOM   218 C  C5    . DG  A 1 11 ? -1.169  0.532   -4.824  1.00 96.33  ? 11  DG  A C5    1 
ATOM   219 C  C6    . DG  A 1 11 ? -0.712  -0.590  -4.102  1.00 102.05 ? 11  DG  A C6    1 
ATOM   220 O  O6    . DG  A 1 11 ? 0.396   -0.748  -3.579  1.00 121.65 ? 11  DG  A O6    1 
ATOM   221 N  N1    . DG  A 1 11 ? -1.692  -1.574  -4.015  1.00 96.02  ? 11  DG  A N1    1 
ATOM   222 C  C2    . DG  A 1 11 ? -2.950  -1.473  -4.550  1.00 106.42 ? 11  DG  A C2    1 
ATOM   223 N  N2    . DG  A 1 11 ? -3.749  -2.525  -4.346  1.00 129.82 ? 11  DG  A N2    1 
ATOM   224 N  N3    . DG  A 1 11 ? -3.398  -0.414  -5.233  1.00 94.92  ? 11  DG  A N3    1 
ATOM   225 C  C4    . DG  A 1 11 ? -2.451  0.546   -5.329  1.00 94.13  ? 11  DG  A C4    1 
ATOM   226 P  P     . DA  A 1 12 ? -6.841  4.701   -6.657  1.00 158.03 ? 12  DA  A P     1 
ATOM   227 O  OP1   . DA  A 1 12 ? -7.330  5.726   -7.636  1.00 127.84 ? 12  DA  A OP1   1 
ATOM   228 O  OP2   . DA  A 1 12 ? -5.883  5.146   -5.579  1.00 151.73 ? 12  DA  A OP2   1 
ATOM   229 O  "O5'" . DA  A 1 12 ? -8.069  3.860   -6.042  1.00 159.04 ? 12  DA  A "O5'" 1 
ATOM   230 C  "C5'" . DA  A 1 12 ? -8.394  2.570   -6.629  1.00 140.91 ? 12  DA  A "C5'" 1 
ATOM   231 C  "C4'" . DA  A 1 12 ? -8.567  1.536   -5.541  1.00 139.79 ? 12  DA  A "C4'" 1 
ATOM   232 O  "O4'" . DA  A 1 12 ? -7.291  1.056   -5.056  1.00 145.74 ? 12  DA  A "O4'" 1 
ATOM   233 C  "C3'" . DA  A 1 12 ? -9.300  2.045   -4.309  1.00 138.34 ? 12  DA  A "C3'" 1 
ATOM   234 O  "O3'" . DA  A 1 12 ? -9.974  0.951   -3.734  1.00 140.14 ? 12  DA  A "O3'" 1 
ATOM   235 C  "C2'" . DA  A 1 12 ? -8.158  2.458   -3.400  1.00 130.76 ? 12  DA  A "C2'" 1 
ATOM   236 C  "C1'" . DA  A 1 12 ? -7.230  1.291   -3.647  1.00 127.04 ? 12  DA  A "C1'" 1 
ATOM   237 N  N9    . DA  A 1 12 ? -5.858  1.581   -3.279  1.00 112.86 ? 12  DA  A N9    1 
ATOM   238 C  C8    . DA  A 1 12 ? -5.127  2.710   -3.555  1.00 109.69 ? 12  DA  A C8    1 
ATOM   239 N  N7    . DA  A 1 12 ? -3.907  2.670   -3.079  1.00 95.77  ? 12  DA  A N7    1 
ATOM   240 C  C5    . DA  A 1 12 ? -3.834  1.433   -2.466  1.00 94.51  ? 12  DA  A C5    1 
ATOM   241 C  C6    . DA  A 1 12 ? -2.796  0.804   -1.767  1.00 104.25 ? 12  DA  A C6    1 
ATOM   242 N  N6    . DA  A 1 12 ? -1.607  1.368   -1.611  1.00 107.63 ? 12  DA  A N6    1 
ATOM   243 N  N1    . DA  A 1 12 ? -3.039  -0.423  -1.238  1.00 96.94  ? 12  DA  A N1    1 
ATOM   244 C  C2    . DA  A 1 12 ? -4.253  -0.958  -1.437  1.00 111.21 ? 12  DA  A C2    1 
ATOM   245 N  N3    . DA  A 1 12 ? -5.312  -0.456  -2.079  1.00 104.61 ? 12  DA  A N3    1 
ATOM   246 C  C4    . DA  A 1 12 ? -5.030  0.752   -2.577  1.00 98.81  ? 12  DA  A C4    1 
ATOM   247 P  P     . DC  A 1 13 ? -11.095 1.606   -2.805  1.00 142.68 ? 13  DC  A P     1 
ATOM   248 O  OP1   . DC  A 1 13 ? -12.267 2.016   -3.654  1.00 161.48 ? 13  DC  A OP1   1 
ATOM   249 O  OP2   . DC  A 1 13 ? -10.423 2.633   -1.924  1.00 153.88 ? 13  DC  A OP2   1 
ATOM   250 O  "O5'" . DC  A 1 13 ? -11.418 0.292   -1.948  1.00 132.78 ? 13  DC  A "O5'" 1 
ATOM   251 C  "C5'" . DC  A 1 13 ? -11.316 0.410   -0.509  1.00 159.66 ? 13  DC  A "C5'" 1 
ATOM   252 C  "C4'" . DC  A 1 13 ? -10.077 -0.284  0.001   1.00 145.45 ? 13  DC  A "C4'" 1 
ATOM   253 O  "O4'" . DC  A 1 13 ? -8.869  0.398   -0.400  1.00 129.05 ? 13  DC  A "O4'" 1 
ATOM   254 C  "C3'" . DC  A 1 13 ? -10.015 -0.321  1.525   1.00 137.75 ? 13  DC  A "C3'" 1 
ATOM   255 O  "O3'" . DC  A 1 13 ? -10.531 -1.521  2.102   1.00 115.14 ? 13  DC  A "O3'" 1 
ATOM   256 C  "C2'" . DC  A 1 13 ? -8.529  -0.246  1.832   1.00 133.88 ? 13  DC  A "C2'" 1 
ATOM   257 C  "C1'" . DC  A 1 13 ? -7.866  -0.062  0.482   1.00 132.76 ? 13  DC  A "C1'" 1 
ATOM   258 N  N1    . DC  A 1 13 ? -6.760  0.909   0.557   1.00 110.21 ? 13  DC  A N1    1 
ATOM   259 C  C2    . DC  A 1 13 ? -5.596  0.564   1.259   1.00 116.32 ? 13  DC  A C2    1 
ATOM   260 O  O2    . DC  A 1 13 ? -5.501  -0.543  1.807   1.00 129.95 ? 13  DC  A O2    1 
ATOM   261 N  N3    . DC  A 1 13 ? -4.578  1.443   1.317   1.00 107.84 ? 13  DC  A N3    1 
ATOM   262 C  C4    . DC  A 1 13 ? -4.696  2.629   0.731   1.00 109.35 ? 13  DC  A C4    1 
ATOM   263 N  N4    . DC  A 1 13 ? -3.678  3.461   0.834   1.00 120.33 ? 13  DC  A N4    1 
ATOM   264 C  C5    . DC  A 1 13 ? -5.865  2.997   0.018   1.00 126.26 ? 13  DC  A C5    1 
ATOM   265 C  C6    . DC  A 1 13 ? -6.867  2.111   -0.044  1.00 122.91 ? 13  DC  A C6    1 
ATOM   266 P  P     . DG  A 1 14 ? -11.051 -1.158  3.582   1.00 139.99 ? 14  DG  A P     1 
ATOM   267 O  OP1   . DG  A 1 14 ? -12.169 -2.095  3.934   1.00 167.22 ? 14  DG  A OP1   1 
ATOM   268 O  OP2   . DG  A 1 14 ? -11.243 0.320   3.800   1.00 132.46 ? 14  DG  A OP2   1 
ATOM   269 O  "O5'" . DG  A 1 14 ? -9.773  -1.575  4.449   1.00 117.36 ? 14  DG  A "O5'" 1 
ATOM   270 C  "C5'" . DG  A 1 14 ? -9.178  -2.861  4.166   1.00 120.13 ? 14  DG  A "C5'" 1 
ATOM   271 C  "C4'" . DG  A 1 14 ? -8.253  -3.246  5.292   1.00 121.06 ? 14  DG  A "C4'" 1 
ATOM   272 O  "O4'" . DG  A 1 14 ? -7.010  -2.518  5.173   1.00 133.73 ? 14  DG  A "O4'" 1 
ATOM   273 C  "C3'" . DG  A 1 14 ? -8.732  -2.920  6.691   1.00 121.87 ? 14  DG  A "C3'" 1 
ATOM   274 O  "O3'" . DG  A 1 14 ? -7.951  -3.708  7.571   1.00 140.09 ? 14  DG  A "O3'" 1 
ATOM   275 C  "C2'" . DG  A 1 14 ? -8.350  -1.453  6.786   1.00 130.48 ? 14  DG  A "C2'" 1 
ATOM   276 C  "C1'" . DG  A 1 14 ? -6.965  -1.477  6.144   1.00 119.03 ? 14  DG  A "C1'" 1 
ATOM   277 N  N9    . DG  A 1 14 ? -6.604  -0.210  5.500   1.00 111.95 ? 14  DG  A N9    1 
ATOM   278 C  C8    . DG  A 1 14 ? -7.444  0.596   4.762   1.00 111.70 ? 14  DG  A C8    1 
ATOM   279 N  N7    . DG  A 1 14 ? -6.893  1.720   4.375   1.00 107.42 ? 14  DG  A N7    1 
ATOM   280 C  C5    . DG  A 1 14 ? -5.614  1.659   4.917   1.00 108.74 ? 14  DG  A C5    1 
ATOM   281 C  C6    . DG  A 1 14 ? -4.556  2.594   4.823   1.00 107.17 ? 14  DG  A C6    1 
ATOM   282 O  O6    . DG  A 1 14 ? -4.553  3.675   4.222   1.00 103.14 ? 14  DG  A O6    1 
ATOM   283 N  N1    . DG  A 1 14 ? -3.433  2.176   5.534   1.00 101.45 ? 14  DG  A N1    1 
ATOM   284 C  C2    . DG  A 1 14 ? -3.345  1.003   6.236   1.00 110.94 ? 14  DG  A C2    1 
ATOM   285 N  N2    . DG  A 1 14 ? -2.180  0.780   6.845   1.00 121.44 ? 14  DG  A N2    1 
ATOM   286 N  N3    . DG  A 1 14 ? -4.326  0.098   6.313   1.00 112.38 ? 14  DG  A N3    1 
ATOM   287 C  C4    . DG  A 1 14 ? -5.424  0.487   5.620   1.00 105.06 ? 14  DG  A C4    1 
ATOM   288 P  P     . DA  A 1 15 ? -8.252  -3.396  9.116   1.00 153.85 ? 15  DA  A P     1 
ATOM   289 O  OP1   . DA  A 1 15 ? -8.255  -4.750  9.768   1.00 132.23 ? 15  DA  A OP1   1 
ATOM   290 O  OP2   . DA  A 1 15 ? -9.344  -2.354  9.227   1.00 117.82 ? 15  DA  A OP2   1 
ATOM   291 O  "O5'" . DA  A 1 15 ? -6.846  -2.788  9.576   1.00 115.92 ? 15  DA  A "O5'" 1 
ATOM   292 C  "C5'" . DA  A 1 15 ? -5.755  -3.715  9.568   1.00 118.35 ? 15  DA  A "C5'" 1 
ATOM   293 C  "C4'" . DA  A 1 15 ? -4.655  -3.131  10.406  1.00 138.46 ? 15  DA  A "C4'" 1 
ATOM   294 O  "O4'" . DA  A 1 15 ? -4.187  -1.888  9.829   1.00 138.81 ? 15  DA  A "O4'" 1 
ATOM   295 C  "C3'" . DA  A 1 15 ? -5.092  -2.811  11.822  1.00 141.92 ? 15  DA  A "C3'" 1 
ATOM   296 O  "O3'" . DA  A 1 15 ? -3.926  -3.015  12.605  1.00 140.61 ? 15  DA  A "O3'" 1 
ATOM   297 C  "C2'" . DA  A 1 15 ? -5.524  -1.353  11.695  1.00 148.20 ? 15  DA  A "C2'" 1 
ATOM   298 C  "C1'" . DA  A 1 15 ? -4.476  -0.816  10.721  1.00 145.03 ? 15  DA  A "C1'" 1 
ATOM   299 N  N9    . DA  A 1 15 ? -4.878  0.340   9.917   1.00 132.30 ? 15  DA  A N9    1 
ATOM   300 C  C8    . DA  A 1 15 ? -6.102  0.578   9.334   1.00 144.63 ? 15  DA  A C8    1 
ATOM   301 N  N7    . DA  A 1 15 ? -6.170  1.719   8.690   1.00 125.25 ? 15  DA  A N7    1 
ATOM   302 C  C5    . DA  A 1 15 ? -4.904  2.255   8.843   1.00 117.89 ? 15  DA  A C5    1 
ATOM   303 C  C6    . DA  A 1 15 ? -4.345  3.445   8.370   1.00 118.95 ? 15  DA  A C6    1 
ATOM   304 N  N6    . DA  A 1 15 ? -5.033  4.309   7.642   1.00 130.30 ? 15  DA  A N6    1 
ATOM   305 N  N1    . DA  A 1 15 ? -3.060  3.710   8.691   1.00 110.58 ? 15  DA  A N1    1 
ATOM   306 C  C2    . DA  A 1 15 ? -2.405  2.820   9.446   1.00 122.49 ? 15  DA  A C2    1 
ATOM   307 N  N3    . DA  A 1 15 ? -2.829  1.665   9.951   1.00 122.44 ? 15  DA  A N3    1 
ATOM   308 C  C4    . DA  A 1 15 ? -4.100  1.430   9.603   1.00 113.53 ? 15  DA  A C4    1 
ATOM   309 P  P     . DC  A 1 16 ? -4.221  -2.909  14.175  1.00 153.74 ? 16  DC  A P     1 
ATOM   310 O  OP1   . DC  A 1 16 ? -3.208  -3.877  14.739  1.00 127.15 ? 16  DC  A OP1   1 
ATOM   311 O  OP2   . DC  A 1 16 ? -5.713  -2.945  14.394  1.00 133.70 ? 16  DC  A OP2   1 
ATOM   312 O  "O5'" . DC  A 1 16 ? -3.773  -1.393  14.460  1.00 131.67 ? 16  DC  A "O5'" 1 
ATOM   313 C  "C5'" . DC  A 1 16 ? -2.431  -1.048  14.061  1.00 139.94 ? 16  DC  A "C5'" 1 
ATOM   314 C  "C4'" . DC  A 1 16 ? -2.144  0.378   14.431  1.00 133.40 ? 16  DC  A "C4'" 1 
ATOM   315 O  "O4'" . DC  A 1 16 ? -2.685  1.293   13.446  1.00 135.42 ? 16  DC  A "O4'" 1 
ATOM   316 C  "C3'" . DC  A 1 16 ? -2.740  0.818   15.759  1.00 134.55 ? 16  DC  A "C3'" 1 
ATOM   317 O  "O3'" . DC  A 1 16 ? -1.736  1.671   16.298  1.00 153.87 ? 16  DC  A "O3'" 1 
ATOM   318 C  "C2'" . DC  A 1 16 ? -3.981  1.577   15.316  1.00 114.65 ? 16  DC  A "C2'" 1 
ATOM   319 C  "C1'" . DC  A 1 16 ? -3.365  2.317   14.143  1.00 122.93 ? 16  DC  A "C1'" 1 
ATOM   320 N  N1    . DC  A 1 16 ? -4.295  2.985   13.215  1.00 113.66 ? 16  DC  A N1    1 
ATOM   321 C  C2    . DC  A 1 16 ? -3.902  4.169   12.576  1.00 117.46 ? 16  DC  A C2    1 
ATOM   322 O  O2    . DC  A 1 16 ? -2.788  4.644   12.818  1.00 124.74 ? 16  DC  A O2    1 
ATOM   323 N  N3    . DC  A 1 16 ? -4.757  4.787   11.734  1.00 118.10 ? 16  DC  A N3    1 
ATOM   324 C  C4    . DC  A 1 16 ? -5.960  4.250   11.508  1.00 128.28 ? 16  DC  A C4    1 
ATOM   325 N  N4    . DC  A 1 16 ? -6.768  4.858   10.662  1.00 127.19 ? 16  DC  A N4    1 
ATOM   326 C  C5    . DC  A 1 16 ? -6.374  3.047   12.140  1.00 131.45 ? 16  DC  A C5    1 
ATOM   327 C  C6    . DC  A 1 16 ? -5.512  2.447   12.972  1.00 118.24 ? 16  DC  A C6    1 
ATOM   328 P  P     . DA  A 1 17 ? -1.805  1.729   17.893  1.00 145.53 ? 17  DA  A P     1 
ATOM   329 O  OP1   . DA  A 1 17 ? -1.579  0.300   18.309  1.00 126.97 ? 17  DA  A OP1   1 
ATOM   330 O  OP2   . DA  A 1 17 ? -3.039  2.529   18.238  1.00 124.06 ? 17  DA  A OP2   1 
ATOM   331 O  "O5'" . DA  A 1 17 ? -0.519  2.614   18.279  1.00 130.55 ? 17  DA  A "O5'" 1 
ATOM   332 C  "C5'" . DA  A 1 17 ? 0.489   2.915   17.293  1.00 130.95 ? 17  DA  A "C5'" 1 
ATOM   333 C  "C4'" . DA  A 1 17 ? 0.345   4.357   16.874  1.00 140.09 ? 17  DA  A "C4'" 1 
ATOM   334 O  "O4'" . DA  A 1 17 ? -0.851  4.530   16.079  1.00 135.49 ? 17  DA  A "O4'" 1 
ATOM   335 C  "C3'" . DA  A 1 17 ? 0.203   5.366   18.008  1.00 146.01 ? 17  DA  A "C3'" 1 
ATOM   336 O  "O3'" . DA  A 1 17 ? 0.860   6.560   17.604  1.00 148.27 ? 17  DA  A "O3'" 1 
ATOM   337 C  "C2'" . DA  A 1 17 ? -1.306  5.586   18.043  1.00 135.72 ? 17  DA  A "C2'" 1 
ATOM   338 C  "C1'" . DA  A 1 17 ? -1.511  5.692   16.557  1.00 120.71 ? 17  DA  A "C1'" 1 
ATOM   339 N  N9    . DA  A 1 17 ? -2.873  5.654   16.076  1.00 125.77 ? 17  DA  A N9    1 
ATOM   340 C  C8    . DA  A 1 17 ? -3.928  4.816   16.339  1.00 141.43 ? 17  DA  A C8    1 
ATOM   341 N  N7    . DA  A 1 17 ? -5.000  5.113   15.647  1.00 142.24 ? 17  DA  A N7    1 
ATOM   342 C  C5    . DA  A 1 17 ? -4.615  6.196   14.862  1.00 135.08 ? 17  DA  A C5    1 
ATOM   343 C  C6    . DA  A 1 17 ? -5.293  6.971   13.901  1.00 131.67 ? 17  DA  A C6    1 
ATOM   344 N  N6    . DA  A 1 17 ? -6.559  6.778   13.559  1.00 138.52 ? 17  DA  A N6    1 
ATOM   345 N  N1    . DA  A 1 17 ? -4.621  7.993   13.321  1.00 121.20 ? 17  DA  A N1    1 
ATOM   346 C  C2    . DA  A 1 17 ? -3.341  8.182   13.667  1.00 138.97 ? 17  DA  A C2    1 
ATOM   347 N  N3    . DA  A 1 17 ? -2.595  7.522   14.554  1.00 119.74 ? 17  DA  A N3    1 
ATOM   348 C  C4    . DA  A 1 17 ? -3.298  6.529   15.114  1.00 125.51 ? 17  DA  A C4    1 
ATOM   349 P  P     . DA  A 1 18 ? 0.970   7.498   18.897  1.00 164.63 ? 18  DA  A P     1 
ATOM   350 O  OP1   . DA  A 1 18 ? 1.843   6.726   19.851  1.00 143.97 ? 18  DA  A OP1   1 
ATOM   351 O  OP2   . DA  A 1 18 ? -0.385  8.004   19.343  1.00 140.17 ? 18  DA  A OP2   1 
ATOM   352 O  "O5'" . DA  A 1 18 ? 1.734   8.743   18.235  1.00 130.99 ? 18  DA  A "O5'" 1 
ATOM   353 C  "C5'" . DA  A 1 18 ? 1.248   10.069  18.555  1.00 138.01 ? 18  DA  A "C5'" 1 
ATOM   354 C  "C4'" . DA  A 1 18 ? 0.308   10.556  17.479  1.00 129.99 ? 18  DA  A "C4'" 1 
ATOM   355 O  "O4'" . DA  A 1 18 ? -0.792  9.651   17.295  1.00 117.31 ? 18  DA  A "O4'" 1 
ATOM   356 C  "C3'" . DA  A 1 18 ? -0.327  11.908  17.798  1.00 124.31 ? 18  DA  A "C3'" 1 
ATOM   357 O  "O3'" . DA  A 1 18 ? 0.380   12.895  17.071  1.00 116.73 ? 18  DA  A "O3'" 1 
ATOM   358 C  "C2'" . DA  A 1 18 ? -1.777  11.806  17.327  1.00 111.64 ? 18  DA  A "C2'" 1 
ATOM   359 C  "C1'" . DA  A 1 18 ? -1.834  10.426  16.712  1.00 117.90 ? 18  DA  A "C1'" 1 
ATOM   360 N  N9    . DA  A 1 18 ? -3.082  9.716   16.911  1.00 116.72 ? 18  DA  A N9    1 
ATOM   361 C  C8    . DA  A 1 18 ? -3.308  8.583   17.649  1.00 122.34 ? 18  DA  A C8    1 
ATOM   362 N  N7    . DA  A 1 18 ? -4.533  8.133   17.540  1.00 114.81 ? 18  DA  A N7    1 
ATOM   363 C  C5    . DA  A 1 18 ? -5.137  9.002   16.643  1.00 108.40 ? 18  DA  A C5    1 
ATOM   364 C  C6    . DA  A 1 18 ? -6.431  9.041   16.095  1.00 119.38 ? 18  DA  A C6    1 
ATOM   365 N  N6    . DA  A 1 18 ? -7.377  8.165   16.416  1.00 132.87 ? 18  DA  A N6    1 
ATOM   366 N  N1    . DA  A 1 18 ? -6.716  10.026  15.208  1.00 104.65 ? 18  DA  A N1    1 
ATOM   367 C  C2    . DA  A 1 18 ? -5.751  10.907  14.916  1.00 117.80 ? 18  DA  A C2    1 
ATOM   368 N  N3    . DA  A 1 18 ? -4.504  10.982  15.384  1.00 109.84 ? 18  DA  A N3    1 
ATOM   369 C  C4    . DA  A 1 18 ? -4.255  9.986   16.251  1.00 110.14 ? 18  DA  A C4    1 
ATOM   370 P  P     . DT  A 1 19 ? 0.395   14.219  17.968  1.00 144.51 ? 19  DT  A P     1 
ATOM   371 O  OP1   . DT  A 1 19 ? 1.087   15.328  17.215  1.00 118.34 ? 19  DT  A OP1   1 
ATOM   372 O  OP2   . DT  A 1 19 ? 0.738   13.821  19.387  1.00 144.22 ? 19  DT  A OP2   1 
ATOM   373 O  "O5'" . DT  A 1 19 ? -1.157  14.575  17.809  1.00 128.03 ? 19  DT  A "O5'" 1 
ATOM   374 C  "C5'" . DT  A 1 19 ? -1.481  15.231  16.582  1.00 117.29 ? 19  DT  A "C5'" 1 
ATOM   375 C  "C4'" . DT  A 1 19 ? -2.971  15.309  16.445  1.00 131.33 ? 19  DT  A "C4'" 1 
ATOM   376 O  "O4'" . DT  A 1 19 ? -3.616  14.085  16.838  1.00 126.14 ? 19  DT  A "O4'" 1 
ATOM   377 C  "C3'" . DT  A 1 19 ? -3.629  16.374  17.304  1.00 120.77 ? 19  DT  A "C3'" 1 
ATOM   378 O  "O3'" . DT  A 1 19 ? -3.639  17.523  16.479  1.00 130.31 ? 19  DT  A "O3'" 1 
ATOM   379 C  "C2'" . DT  A 1 19 ? -5.013  15.796  17.588  1.00 121.66 ? 19  DT  A "C2'" 1 
ATOM   380 C  "C1'" . DT  A 1 19 ? -4.985  14.441  16.884  1.00 115.56 ? 19  DT  A "C1'" 1 
ATOM   381 N  N1    . DT  A 1 19 ? -5.687  13.336  17.545  1.00 122.36 ? 19  DT  A N1    1 
ATOM   382 C  C2    . DT  A 1 19 ? -6.977  13.059  17.129  1.00 143.02 ? 19  DT  A C2    1 
ATOM   383 O  O2    . DT  A 1 19 ? -7.551  13.725  16.278  1.00 139.70 ? 19  DT  A O2    1 
ATOM   384 N  N3    . DT  A 1 19 ? -7.572  11.990  17.760  1.00 125.41 ? 19  DT  A N3    1 
ATOM   385 C  C4    . DT  A 1 19 ? -6.990  11.182  18.724  1.00 118.43 ? 19  DT  A C4    1 
ATOM   386 O  O4    . DT  A 1 19 ? -7.611  10.247  19.209  1.00 119.27 ? 19  DT  A O4    1 
ATOM   387 C  C5    . DT  A 1 19 ? -5.641  11.519  19.101  1.00 119.51 ? 19  DT  A C5    1 
ATOM   388 C  C7    . DT  A 1 19 ? -4.988  10.672  20.155  1.00 121.17 ? 19  DT  A C7    1 
ATOM   389 C  C6    . DT  A 1 19 ? -5.050  12.561  18.494  1.00 115.17 ? 19  DT  A C6    1 
ATOM   390 P  P     . DT  A 1 20 ? -4.011  18.842  17.298  1.00 154.63 ? 20  DT  A P     1 
ATOM   391 O  OP1   . DT  A 1 20 ? -3.419  20.016  16.571  1.00 146.32 ? 20  DT  A OP1   1 
ATOM   392 O  OP2   . DT  A 1 20 ? -3.754  18.544  18.750  1.00 185.34 ? 20  DT  A OP2   1 
ATOM   393 O  "O5'" . DT  A 1 20 ? -5.592  18.907  17.080  1.00 134.49 ? 20  DT  A "O5'" 1 
ATOM   394 C  "C5'" . DT  A 1 20 ? -6.036  19.127  15.739  1.00 140.41 ? 20  DT  A "C5'" 1 
ATOM   395 C  "C4'" . DT  A 1 20 ? -7.514  18.842  15.701  1.00 164.58 ? 20  DT  A "C4'" 1 
ATOM   396 O  "O4'" . DT  A 1 20 ? -7.788  17.547  16.288  1.00 144.05 ? 20  DT  A "O4'" 1 
ATOM   397 C  "C3'" . DT  A 1 20 ? -8.355  19.853  16.476  1.00 161.44 ? 20  DT  A "C3'" 1 
ATOM   398 O  "O3'" . DT  A 1 20 ? -9.521  20.167  15.710  1.00 168.45 ? 20  DT  A "O3'" 1 
ATOM   399 C  "C2'" . DT  A 1 20 ? -8.697  19.086  17.743  1.00 154.32 ? 20  DT  A "C2'" 1 
ATOM   400 C  "C1'" . DT  A 1 20 ? -8.893  17.701  17.158  1.00 138.41 ? 20  DT  A "C1'" 1 
ATOM   401 N  N1    . DT  A 1 20 ? -8.870  16.581  18.110  1.00 131.01 ? 20  DT  A N1    1 
ATOM   402 C  C2    . DT  A 1 20 ? -9.964  15.731  18.132  1.00 137.34 ? 20  DT  A C2    1 
ATOM   403 O  O2    . DT  A 1 20 ? -10.952 15.877  17.417  1.00 144.27 ? 20  DT  A O2    1 
ATOM   404 N  N3    . DT  A 1 20 ? -9.867  14.697  19.029  1.00 124.05 ? 20  DT  A N3    1 
ATOM   405 C  C4    . DT  A 1 20 ? -8.819  14.440  19.892  1.00 110.73 ? 20  DT  A C4    1 
ATOM   406 O  O4    . DT  A 1 20 ? -8.874  13.476  20.645  1.00 99.45  ? 20  DT  A O4    1 
ATOM   407 C  C5    . DT  A 1 20 ? -7.710  15.363  19.817  1.00 119.09 ? 20  DT  A C5    1 
ATOM   408 C  C7    . DT  A 1 20 ? -6.538  15.122  20.723  1.00 123.37 ? 20  DT  A C7    1 
ATOM   409 C  C6    . DT  A 1 20 ? -7.783  16.382  18.938  1.00 117.70 ? 20  DT  A C6    1 
ATOM   410 P  P     . DA  A 1 21 ? -10.055 21.658  15.984  1.00 173.97 ? 21  DA  A P     1 
ATOM   411 O  OP1   . DA  A 1 21 ? -10.240 22.464  14.722  1.00 153.04 ? 21  DA  A OP1   1 
ATOM   412 O  OP2   . DA  A 1 21 ? -9.223  22.208  17.114  1.00 158.25 ? 21  DA  A OP2   1 
ATOM   413 O  "O5'" . DA  A 1 21 ? -11.528 21.288  16.504  1.00 163.81 ? 21  DA  A "O5'" 1 
ATOM   414 C  "C5'" . DA  A 1 21 ? -12.601 21.146  15.533  1.00 157.36 ? 21  DA  A "C5'" 1 
ATOM   415 C  "C4'" . DA  A 1 21 ? -13.635 20.198  16.093  1.00 164.47 ? 21  DA  A "C4'" 1 
ATOM   416 O  "O4'" . DA  A 1 21 ? -12.977 19.213  16.926  1.00 156.94 ? 21  DA  A "O4'" 1 
ATOM   417 C  "C3'" . DA  A 1 21 ? -14.699 20.849  16.977  1.00 176.75 ? 21  DA  A "C3'" 1 
ATOM   418 O  "O3'" . DA  A 1 21 ? -15.957 20.210  16.779  1.00 175.98 ? 21  DA  A "O3'" 1 
ATOM   419 C  "C2'" . DA  A 1 21 ? -14.148 20.590  18.376  1.00 165.81 ? 21  DA  A "C2'" 1 
ATOM   420 C  "C1'" . DA  A 1 21 ? -13.623 19.182  18.193  1.00 151.58 ? 21  DA  A "C1'" 1 
ATOM   421 N  N9    . DA  A 1 21 ? -12.670 18.715  19.203  1.00 158.76 ? 21  DA  A N9    1 
ATOM   422 C  C8    . DA  A 1 21 ? -11.512 19.275  19.691  1.00 149.37 ? 21  DA  A C8    1 
ATOM   423 N  N7    . DA  A 1 21 ? -10.923 18.531  20.598  1.00 141.71 ? 21  DA  A N7    1 
ATOM   424 C  C5    . DA  A 1 21 ? -11.743 17.414  20.719  1.00 131.24 ? 21  DA  A C5    1 
ATOM   425 C  C6    . DA  A 1 21 ? -11.677 16.261  21.528  1.00 129.62 ? 21  DA  A C6    1 
ATOM   426 N  N6    . DA  A 1 21 ? -10.696 16.018  22.390  1.00 126.37 ? 21  DA  A N6    1 
ATOM   427 N  N1    . DA  A 1 21 ? -12.670 15.345  21.413  1.00 131.56 ? 21  DA  A N1    1 
ATOM   428 C  C2    . DA  A 1 21 ? -13.651 15.578  20.529  1.00 151.26 ? 21  DA  A C2    1 
ATOM   429 N  N3    . DA  A 1 21 ? -13.821 16.620  19.719  1.00 155.37 ? 21  DA  A N3    1 
ATOM   430 C  C4    . DA  A 1 21 ? -12.824 17.515  19.863  1.00 149.00 ? 21  DA  A C4    1 
ATOM   431 P  P     . DC  B 2 1  ? 5.690   4.964   3.344   1.00 135.56 ? 1   DC  B P     1 
ATOM   432 O  OP1   . DC  B 2 1  ? 7.111   5.416   3.689   1.00 98.40  ? 1   DC  B OP1   1 
ATOM   433 O  OP2   . DC  B 2 1  ? 4.975   5.824   2.316   1.00 111.93 ? 1   DC  B OP2   1 
ATOM   434 O  "O5'" . DC  B 2 1  ? 4.933   5.212   4.730   1.00 102.77 ? 1   DC  B "O5'" 1 
ATOM   435 C  "C5'" . DC  B 2 1  ? 5.686   4.845   5.916   1.00 102.25 ? 1   DC  B "C5'" 1 
ATOM   436 C  "C4'" . DC  B 2 1  ? 4.836   3.935   6.773   1.00 110.83 ? 1   DC  B "C4'" 1 
ATOM   437 O  "O4'" . DC  B 2 1  ? 3.519   4.507   6.874   1.00 115.24 ? 1   DC  B "O4'" 1 
ATOM   438 C  "C3'" . DC  B 2 1  ? 4.620   2.511   6.267   1.00 99.85  ? 1   DC  B "C3'" 1 
ATOM   439 O  "O3'" . DC  B 2 1  ? 5.559   1.598   6.850   1.00 101.05 ? 1   DC  B "O3'" 1 
ATOM   440 C  "C2'" . DC  B 2 1  ? 3.218   2.152   6.739   1.00 83.97  ? 1   DC  B "C2'" 1 
ATOM   441 C  "C1'" . DC  B 2 1  ? 2.556   3.491   7.020   1.00 95.87  ? 1   DC  B "C1'" 1 
ATOM   442 N  N1    . DC  B 2 1  ? 1.481   3.837   6.084   1.00 89.52  ? 1   DC  B N1    1 
ATOM   443 C  C2    . DC  B 2 1  ? 0.338   3.055   6.093   1.00 99.47  ? 1   DC  B C2    1 
ATOM   444 O  O2    . DC  B 2 1  ? 0.288   2.110   6.892   1.00 131.45 ? 1   DC  B O2    1 
ATOM   445 N  N3    . DC  B 2 1  ? -0.663  3.350   5.242   1.00 104.83 ? 1   DC  B N3    1 
ATOM   446 C  C4    . DC  B 2 1  ? -0.546  4.381   4.404   1.00 105.97 ? 1   DC  B C4    1 
ATOM   447 N  N4    . DC  B 2 1  ? -1.546  4.618   3.575   1.00 112.20 ? 1   DC  B N4    1 
ATOM   448 C  C5    . DC  B 2 1  ? 0.612   5.191   4.389   1.00 110.81 ? 1   DC  B C5    1 
ATOM   449 C  C6    . DC  B 2 1  ? 1.600   4.882   5.237   1.00 99.94  ? 1   DC  B C6    1 
ATOM   450 P  P     . DG  B 2 2  ? 6.190   0.632   5.717   1.00 147.20 ? 2   DG  B P     1 
ATOM   451 O  OP1   . DG  B 2 2  ? 7.478   0.079   6.270   1.00 131.13 ? 2   DG  B OP1   1 
ATOM   452 O  OP2   . DG  B 2 2  ? 6.162   1.250   4.337   1.00 114.04 ? 2   DG  B OP2   1 
ATOM   453 O  "O5'" . DG  B 2 2  ? 5.123   -0.565  5.633   1.00 106.21 ? 2   DG  B "O5'" 1 
ATOM   454 C  "C5'" . DG  B 2 2  ? 4.719   -1.112  6.905   1.00 126.77 ? 2   DG  B "C5'" 1 
ATOM   455 C  "C4'" . DG  B 2 2  ? 3.415   -1.813  6.691   1.00 125.04 ? 2   DG  B "C4'" 1 
ATOM   456 O  "O4'" . DG  B 2 2  ? 2.445   -0.868  6.195   1.00 122.82 ? 2   DG  B "O4'" 1 
ATOM   457 C  "C3'" . DG  B 2 2  ? 3.535   -2.909  5.649   1.00 127.58 ? 2   DG  B "C3'" 1 
ATOM   458 O  "O3'" . DG  B 2 2  ? 2.813   -4.021  6.119   1.00 143.98 ? 2   DG  B "O3'" 1 
ATOM   459 C  "C2'" . DG  B 2 2  ? 2.880   -2.286  4.426   1.00 129.08 ? 2   DG  B "C2'" 1 
ATOM   460 C  "C1'" . DG  B 2 2  ? 1.791   -1.462  5.079   1.00 132.66 ? 2   DG  B "C1'" 1 
ATOM   461 N  N9    . DG  B 2 2  ? 1.250   -0.430  4.204   1.00 116.50 ? 2   DG  B N9    1 
ATOM   462 C  C8    . DG  B 2 2  ? 2.018   0.559   3.650   1.00 108.21 ? 2   DG  B C8    1 
ATOM   463 N  N7    . DG  B 2 2  ? 1.335   1.368   2.882   1.00 109.96 ? 2   DG  B N7    1 
ATOM   464 C  C5    . DG  B 2 2  ? 0.047   0.860   2.909   1.00 108.88 ? 2   DG  B C5    1 
ATOM   465 C  C6    . DG  B 2 2  ? -1.112  1.336   2.259   1.00 120.93 ? 2   DG  B C6    1 
ATOM   466 O  O6    . DG  B 2 2  ? -1.216  2.318   1.521   1.00 141.01 ? 2   DG  B O6    1 
ATOM   467 N  N1    . DG  B 2 2  ? -2.226  0.564   2.557   1.00 116.85 ? 2   DG  B N1    1 
ATOM   468 C  C2    . DG  B 2 2  ? -2.216  -0.524  3.391   1.00 135.94 ? 2   DG  B C2    1 
ATOM   469 N  N2    . DG  B 2 2  ? -3.402  -1.124  3.555   1.00 145.69 ? 2   DG  B N2    1 
ATOM   470 N  N3    . DG  B 2 2  ? -1.123  -0.983  4.019   1.00 112.11 ? 2   DG  B N3    1 
ATOM   471 C  C4    . DG  B 2 2  ? -0.026  -0.248  3.721   1.00 105.60 ? 2   DG  B C4    1 
ATOM   472 P  P     . DT  B 2 3  ? 3.119   -5.315  5.220   1.00 159.69 ? 3   DT  B P     1 
ATOM   473 O  OP1   . DT  B 2 3  ? 3.356   -6.439  6.192   1.00 147.48 ? 3   DT  B OP1   1 
ATOM   474 O  OP2   . DT  B 2 3  ? 4.135   -5.025  4.143   1.00 139.20 ? 3   DT  B OP2   1 
ATOM   475 O  "O5'" . DT  B 2 3  ? 1.698   -5.456  4.483   1.00 143.17 ? 3   DT  B "O5'" 1 
ATOM   476 C  "C5'" . DT  B 2 3  ? 0.540   -5.765  5.289   1.00 133.82 ? 3   DT  B "C5'" 1 
ATOM   477 C  "C4'" . DT  B 2 3  ? -0.648  -6.044  4.404   1.00 129.21 ? 3   DT  B "C4'" 1 
ATOM   478 O  "O4'" . DT  B 2 3  ? -0.999  -4.866  3.643   1.00 144.59 ? 3   DT  B "O4'" 1 
ATOM   479 C  "C3'" . DT  B 2 3  ? -0.453  -7.149  3.375   1.00 131.39 ? 3   DT  B "C3'" 1 
ATOM   480 O  "O3'" . DT  B 2 3  ? -1.715  -7.796  3.354   1.00 128.31 ? 3   DT  B "O3'" 1 
ATOM   481 C  "C2'" . DT  B 2 3  ? -0.127  -6.380  2.100   1.00 127.16 ? 3   DT  B "C2'" 1 
ATOM   482 C  "C1'" . DT  B 2 3  ? -1.069  -5.200  2.260   1.00 137.44 ? 3   DT  B "C1'" 1 
ATOM   483 N  N1    . DT  B 2 3  ? -0.724  -3.975  1.521   1.00 129.01 ? 3   DT  B N1    1 
ATOM   484 C  C2    . DT  B 2 3  ? -1.724  -3.331  0.816   1.00 126.32 ? 3   DT  B C2    1 
ATOM   485 O  O2    . DT  B 2 3  ? -2.863  -3.766  0.725   1.00 134.10 ? 3   DT  B O2    1 
ATOM   486 N  N3    . DT  B 2 3  ? -1.345  -2.163  0.208   1.00 112.63 ? 3   DT  B N3    1 
ATOM   487 C  C4    . DT  B 2 3  ? -0.096  -1.586  0.259   1.00 109.46 ? 3   DT  B C4    1 
ATOM   488 O  O4    . DT  B 2 3  ? 0.110   -0.546  -0.348  1.00 116.57 ? 3   DT  B O4    1 
ATOM   489 C  C5    . DT  B 2 3  ? 0.892   -2.305  1.028   1.00 104.42 ? 3   DT  B C5    1 
ATOM   490 C  C7    . DT  B 2 3  ? 2.276   -1.748  1.110   1.00 114.63 ? 3   DT  B C7    1 
ATOM   491 C  C6    . DT  B 2 3  ? 0.537   -3.440  1.632   1.00 108.72 ? 3   DT  B C6    1 
ATOM   492 P  P     . DC  B 2 4  ? -1.762  -9.140  2.481   1.00 137.05 ? 4   DC  B P     1 
ATOM   493 O  OP1   . DC  B 2 4  ? -1.707  -10.223 3.511   1.00 111.37 ? 4   DC  B OP1   1 
ATOM   494 O  OP2   . DC  B 2 4  ? -0.759  -9.093  1.349   1.00 113.28 ? 4   DC  B OP2   1 
ATOM   495 O  "O5'" . DC  B 2 4  ? -3.251  -8.984  1.895   1.00 110.10 ? 4   DC  B "O5'" 1 
ATOM   496 C  "C5'" . DC  B 2 4  ? -3.621  -7.659  1.505   1.00 110.63 ? 4   DC  B "C5'" 1 
ATOM   497 C  "C4'" . DC  B 2 4  ? -4.651  -7.702  0.420   1.00 112.34 ? 4   DC  B "C4'" 1 
ATOM   498 O  "O4'" . DC  B 2 4  ? -4.421  -6.593  -0.474  1.00 125.38 ? 4   DC  B "O4'" 1 
ATOM   499 C  "C3'" . DC  B 2 4  ? -4.627  -8.912  -0.480  1.00 102.57 ? 4   DC  B "C3'" 1 
ATOM   500 O  "O3'" . DC  B 2 4  ? -5.813  -8.967  -1.242  1.00 101.32 ? 4   DC  B "O3'" 1 
ATOM   501 C  "C2'" . DC  B 2 4  ? -3.516  -8.519  -1.425  1.00 112.23 ? 4   DC  B "C2'" 1 
ATOM   502 C  "C1'" . DC  B 2 4  ? -3.823  -7.053  -1.661  1.00 96.22  ? 4   DC  B "C1'" 1 
ATOM   503 N  N1    . DC  B 2 4  ? -2.656  -6.179  -1.867  1.00 100.34 ? 4   DC  B N1    1 
ATOM   504 C  C2    . DC  B 2 4  ? -2.773  -5.137  -2.784  1.00 105.90 ? 4   DC  B C2    1 
ATOM   505 O  O2    . DC  B 2 4  ? -3.843  -5.007  -3.394  1.00 119.58 ? 4   DC  B O2    1 
ATOM   506 N  N3    . DC  B 2 4  ? -1.739  -4.297  -2.965  1.00 102.94 ? 4   DC  B N3    1 
ATOM   507 C  C4    . DC  B 2 4  ? -0.626  -4.453  -2.255  1.00 120.90 ? 4   DC  B C4    1 
ATOM   508 N  N4    . DC  B 2 4  ? 0.351   -3.590  -2.475  1.00 130.52 ? 4   DC  B N4    1 
ATOM   509 C  C5    . DC  B 2 4  ? -0.487  -5.502  -1.306  1.00 124.67 ? 4   DC  B C5    1 
ATOM   510 C  C6    . DC  B 2 4  ? -1.532  -6.319  -1.124  1.00 111.71 ? 4   DC  B C6    1 
ATOM   511 P  P     . DA  B 2 5  ? -6.269  -10.446 -1.650  1.00 122.47 ? 5   DA  B P     1 
ATOM   512 O  OP1   . DA  B 2 5  ? -7.739  -10.629 -1.362  1.00 84.76  ? 5   DA  B OP1   1 
ATOM   513 O  OP2   . DA  B 2 5  ? -5.302  -11.495 -1.151  1.00 102.32 ? 5   DA  B OP2   1 
ATOM   514 O  "O5'" . DA  B 2 5  ? -6.046  -10.122 -3.208  1.00 103.30 ? 5   DA  B "O5'" 1 
ATOM   515 C  "C5'" . DA  B 2 5  ? -7.134  -9.437  -3.863  1.00 102.62 ? 5   DA  B "C5'" 1 
ATOM   516 C  "C4'" . DA  B 2 5  ? -6.704  -8.925  -5.213  1.00 99.85  ? 5   DA  B "C4'" 1 
ATOM   517 O  "O4'" . DA  B 2 5  ? -5.512  -8.113  -5.073  1.00 116.21 ? 5   DA  B "O4'" 1 
ATOM   518 C  "C3'" . DA  B 2 5  ? -6.358  -10.011 -6.215  1.00 84.78  ? 5   DA  B "C3'" 1 
ATOM   519 O  "O3'" . DA  B 2 5  ? -6.679  -9.555  -7.522  1.00 72.87  ? 5   DA  B "O3'" 1 
ATOM   520 C  "C2'" . DA  B 2 5  ? -4.844  -10.067 -6.040  1.00 113.44 ? 5   DA  B "C2'" 1 
ATOM   521 C  "C1'" . DA  B 2 5  ? -4.551  -8.581  -6.006  1.00 103.42 ? 5   DA  B "C1'" 1 
ATOM   522 N  N9    . DA  B 2 5  ? -3.221  -8.208  -5.550  1.00 100.42 ? 5   DA  B N9    1 
ATOM   523 C  C8    . DA  B 2 5  ? -2.347  -8.889  -4.736  1.00 104.52 ? 5   DA  B C8    1 
ATOM   524 N  N7    . DA  B 2 5  ? -1.228  -8.239  -4.514  1.00 102.22 ? 5   DA  B N7    1 
ATOM   525 C  C5    . DA  B 2 5  ? -1.369  -7.074  -5.246  1.00 105.88 ? 5   DA  B C5    1 
ATOM   526 C  C6    . DA  B 2 5  ? -0.514  -5.982  -5.435  1.00 106.55 ? 5   DA  B C6    1 
ATOM   527 N  N6    . DA  B 2 5  ? 0.684   -5.908  -4.885  1.00 115.85 ? 5   DA  B N6    1 
ATOM   528 N  N1    . DA  B 2 5  ? -0.940  -4.974  -6.227  1.00 115.22 ? 5   DA  B N1    1 
ATOM   529 C  C2    . DA  B 2 5  ? -2.159  -5.082  -6.779  1.00 132.45 ? 5   DA  B C2    1 
ATOM   530 N  N3    . DA  B 2 5  ? -3.057  -6.066  -6.674  1.00 108.35 ? 5   DA  B N3    1 
ATOM   531 C  C4    . DA  B 2 5  ? -2.592  -7.041  -5.886  1.00 98.22  ? 5   DA  B C4    1 
ATOM   532 O  "O5'" . DT  C 3 1  ? -7.882  11.257  34.273  1.00 197.75 ? 1   DT  C "O5'" 1 
ATOM   533 C  "C5'" . DT  C 3 1  ? -8.439  12.594  34.170  1.00 187.56 ? 1   DT  C "C5'" 1 
ATOM   534 C  "C4'" . DT  C 3 1  ? -9.840  12.497  33.621  1.00 175.93 ? 1   DT  C "C4'" 1 
ATOM   535 O  "O4'" . DT  C 3 1  ? -10.239 13.751  33.037  1.00 153.87 ? 1   DT  C "O4'" 1 
ATOM   536 C  "C3'" . DT  C 3 1  ? -10.039 11.483  32.493  1.00 174.10 ? 1   DT  C "C3'" 1 
ATOM   537 O  "O3'" . DT  C 3 1  ? -10.383 10.197  33.020  1.00 207.33 ? 1   DT  C "O3'" 1 
ATOM   538 C  "C2'" . DT  C 3 1  ? -11.195 12.064  31.686  1.00 148.60 ? 1   DT  C "C2'" 1 
ATOM   539 C  "C1'" . DT  C 3 1  ? -11.406 13.447  32.293  1.00 148.84 ? 1   DT  C "C1'" 1 
ATOM   540 N  N1    . DT  C 3 1  ? -11.652 14.504  31.301  1.00 145.90 ? 1   DT  C N1    1 
ATOM   541 C  C2    . DT  C 3 1  ? -12.817 14.394  30.574  1.00 157.74 ? 1   DT  C C2    1 
ATOM   542 O  O2    . DT  C 3 1  ? -13.588 13.452  30.717  1.00 171.12 ? 1   DT  C O2    1 
ATOM   543 N  N3    . DT  C 3 1  ? -13.043 15.411  29.675  1.00 144.84 ? 1   DT  C N3    1 
ATOM   544 C  C4    . DT  C 3 1  ? -12.226 16.504  29.430  1.00 148.63 ? 1   DT  C C4    1 
ATOM   545 O  O4    . DT  C 3 1  ? -12.564 17.356  28.591  1.00 103.94 ? 1   DT  C O4    1 
ATOM   546 C  C5    . DT  C 3 1  ? -11.015 16.561  30.228  1.00 151.92 ? 1   DT  C C5    1 
ATOM   547 C  C7    . DT  C 3 1  ? -10.090 17.731  30.038  1.00 135.62 ? 1   DT  C C7    1 
ATOM   548 C  C6    . DT  C 3 1  ? -10.791 15.574  31.124  1.00 153.11 ? 1   DT  C C6    1 
ATOM   549 P  P     . DC  C 3 2  ? -10.166 8.988   31.977  1.00 212.25 ? 2   DC  C P     1 
ATOM   550 O  OP1   . DC  C 3 2  ? -10.377 7.651   32.636  1.00 210.17 ? 2   DC  C OP1   1 
ATOM   551 O  OP2   . DC  C 3 2  ? -8.861  9.198   31.258  1.00 198.74 ? 2   DC  C OP2   1 
ATOM   552 O  "O5'" . DC  C 3 2  ? -11.399 9.247   30.980  1.00 171.47 ? 2   DC  C "O5'" 1 
ATOM   553 C  "C5'" . DC  C 3 2  ? -12.714 8.891   31.454  1.00 167.18 ? 2   DC  C "C5'" 1 
ATOM   554 C  "C4'" . DC  C 3 2  ? -13.697 9.177   30.356  1.00 181.09 ? 2   DC  C "C4'" 1 
ATOM   555 O  "O4'" . DC  C 3 2  ? -13.557 10.556  29.933  1.00 177.79 ? 2   DC  C "O4'" 1 
ATOM   556 C  "C3'" . DC  C 3 2  ? -13.500 8.319   29.100  1.00 179.66 ? 2   DC  C "C3'" 1 
ATOM   557 O  "O3'" . DC  C 3 2  ? -14.748 7.815   28.614  1.00 168.94 ? 2   DC  C "O3'" 1 
ATOM   558 C  "C2'" . DC  C 3 2  ? -12.930 9.337   28.126  1.00 182.63 ? 2   DC  C "C2'" 1 
ATOM   559 C  "C1'" . DC  C 3 2  ? -13.747 10.541  28.537  1.00 174.55 ? 2   DC  C "C1'" 1 
ATOM   560 N  N1    . DC  C 3 2  ? -13.321 11.814  27.916  1.00 158.97 ? 2   DC  C N1    1 
ATOM   561 C  C2    . DC  C 3 2  ? -14.208 12.468  27.043  1.00 156.29 ? 2   DC  C C2    1 
ATOM   562 O  O2    . DC  C 3 2  ? -15.342 11.984  26.868  1.00 167.34 ? 2   DC  C O2    1 
ATOM   563 N  N3    . DC  C 3 2  ? -13.813 13.619  26.431  1.00 119.70 ? 2   DC  C N3    1 
ATOM   564 C  C4    . DC  C 3 2  ? -12.579 14.099  26.660  1.00 132.76 ? 2   DC  C C4    1 
ATOM   565 N  N4    . DC  C 3 2  ? -12.230 15.225  26.054  1.00 116.04 ? 2   DC  C N4    1 
ATOM   566 C  C5    . DC  C 3 2  ? -11.660 13.427  27.527  1.00 147.68 ? 2   DC  C C5    1 
ATOM   567 C  C6    . DC  C 3 2  ? -12.065 12.292  28.120  1.00 144.32 ? 2   DC  C C6    1 
ATOM   568 P  P     . DT  C 3 3  ? -14.634 7.134   27.158  1.00 193.77 ? 3   DT  C P     1 
ATOM   569 O  OP1   . DT  C 3 3  ? -15.551 5.946   27.070  1.00 201.12 ? 3   DT  C OP1   1 
ATOM   570 O  OP2   . DT  C 3 3  ? -13.180 6.899   26.829  1.00 178.98 ? 3   DT  C OP2   1 
ATOM   571 O  "O5'" . DT  C 3 3  ? -15.225 8.288   26.204  1.00 180.08 ? 3   DT  C "O5'" 1 
ATOM   572 C  "C5'" . DT  C 3 3  ? -16.668 8.446   26.092  1.00 184.83 ? 3   DT  C "C5'" 1 
ATOM   573 C  "C4'" . DT  C 3 3  ? -17.029 8.790   24.665  1.00 187.14 ? 3   DT  C "C4'" 1 
ATOM   574 O  "O4'" . DT  C 3 3  ? -16.719 10.178  24.422  1.00 197.31 ? 3   DT  C "O4'" 1 
ATOM   575 C  "C3'" . DT  C 3 3  ? -16.296 7.993   23.584  1.00 187.31 ? 3   DT  C "C3'" 1 
ATOM   576 O  "O3'" . DT  C 3 3  ? -17.108 6.884   23.205  1.00 181.40 ? 3   DT  C "O3'" 1 
ATOM   577 C  "C2'" . DT  C 3 3  ? -16.121 8.992   22.446  1.00 192.40 ? 3   DT  C "C2'" 1 
ATOM   578 C  "C1'" . DT  C 3 3  ? -16.188 10.356  23.113  1.00 192.47 ? 3   DT  C "C1'" 1 
ATOM   579 N  N1    . DT  C 3 3  ? -14.871 11.029  23.235  1.00 184.74 ? 3   DT  C N1    1 
ATOM   580 C  C2    . DT  C 3 3  ? -14.757 12.318  22.732  1.00 190.25 ? 3   DT  C C2    1 
ATOM   581 O  O2    . DT  C 3 3  ? -15.693 12.916  22.202  1.00 210.65 ? 3   DT  C O2    1 
ATOM   582 N  N3    . DT  C 3 3  ? -13.511 12.884  22.861  1.00 152.51 ? 3   DT  C N3    1 
ATOM   583 C  C4    . DT  C 3 3  ? -12.390 12.311  23.444  1.00 154.13 ? 3   DT  C C4    1 
ATOM   584 O  O4    . DT  C 3 3  ? -11.333 12.963  23.487  1.00 124.88 ? 3   DT  C O4    1 
ATOM   585 C  C5    . DT  C 3 3  ? -12.574 10.954  23.948  1.00 142.45 ? 3   DT  C C5    1 
ATOM   586 C  C7    . DT  C 3 3  ? -11.411 10.253  24.595  1.00 130.59 ? 3   DT  C C7    1 
ATOM   587 C  C6    . DT  C 3 3  ? -13.786 10.380  23.814  1.00 138.44 ? 3   DT  C C6    1 
ATOM   588 P  P     . DA  C 3 4  ? -17.158 6.498   21.641  1.00 194.31 ? 4   DA  C P     1 
ATOM   589 O  OP1   . DA  C 3 4  ? -17.822 5.157   21.486  1.00 217.15 ? 4   DA  C OP1   1 
ATOM   590 O  OP2   . DA  C 3 4  ? -15.811 6.715   21.011  1.00 181.38 ? 4   DA  C OP2   1 
ATOM   591 O  "O5'" . DA  C 3 4  ? -18.143 7.597   21.011  1.00 174.91 ? 4   DA  C "O5'" 1 
ATOM   592 C  "C5'" . DA  C 3 4  ? -18.783 7.315   19.744  1.00 164.23 ? 4   DA  C "C5'" 1 
ATOM   593 C  "C4'" . DA  C 3 4  ? -18.774 8.584   18.935  1.00 165.80 ? 4   DA  C "C4'" 1 
ATOM   594 O  "O4'" . DA  C 3 4  ? -17.695 9.428   19.410  1.00 163.34 ? 4   DA  C "O4'" 1 
ATOM   595 C  "C3'" . DA  C 3 4  ? -18.532 8.379   17.443  1.00 173.91 ? 4   DA  C "C3'" 1 
ATOM   596 O  "O3'" . DA  C 3 4  ? -19.191 9.401   16.704  1.00 184.90 ? 4   DA  C "O3'" 1 
ATOM   597 C  "C2'" . DA  C 3 4  ? -17.016 8.531   17.376  1.00 181.35 ? 4   DA  C "C2'" 1 
ATOM   598 C  "C1'" . DA  C 3 4  ? -16.827 9.710   18.311  1.00 177.42 ? 4   DA  C "C1'" 1 
ATOM   599 N  N9    . DA  C 3 4  ? -15.451 9.899   18.782  1.00 177.04 ? 4   DA  C N9    1 
ATOM   600 C  C8    . DA  C 3 4  ? -14.594 8.978   19.343  1.00 162.47 ? 4   DA  C C8    1 
ATOM   601 N  N7    . DA  C 3 4  ? -13.411 9.467   19.634  1.00 134.82 ? 4   DA  C N7    1 
ATOM   602 C  C5    . DA  C 3 4  ? -13.480 10.793  19.217  1.00 157.30 ? 4   DA  C C5    1 
ATOM   603 C  C6    . DA  C 3 4  ? -12.547 11.851  19.267  1.00 149.69 ? 4   DA  C C6    1 
ATOM   604 N  N6    . DA  C 3 4  ? -11.324 11.721  19.773  1.00 116.59 ? 4   DA  C N6    1 
ATOM   605 N  N1    . DA  C 3 4  ? -12.937 13.060  18.778  1.00 169.07 ? 4   DA  C N1    1 
ATOM   606 C  C2    . DA  C 3 4  ? -14.184 13.188  18.297  1.00 174.93 ? 4   DA  C C2    1 
ATOM   607 N  N3    . DA  C 3 4  ? -15.148 12.267  18.209  1.00 180.34 ? 4   DA  C N3    1 
ATOM   608 C  C4    . DA  C 3 4  ? -14.730 11.074  18.685  1.00 179.35 ? 4   DA  C C4    1 
ATOM   609 P  P     . DA  C 3 5  ? -18.852 9.248   15.141  1.00 187.70 ? 5   DA  C P     1 
ATOM   610 O  OP1   . DA  C 3 5  ? -20.070 9.534   14.302  1.00 179.10 ? 5   DA  C OP1   1 
ATOM   611 O  OP2   . DA  C 3 5  ? -18.137 7.932   14.986  1.00 181.01 ? 5   DA  C OP2   1 
ATOM   612 O  "O5'" . DA  C 3 5  ? -17.807 10.446  14.906  1.00 171.03 ? 5   DA  C "O5'" 1 
ATOM   613 C  "C5'" . DA  C 3 5  ? -18.327 11.748  14.526  1.00 171.49 ? 5   DA  C "C5'" 1 
ATOM   614 C  "C4'" . DA  C 3 5  ? -17.198 12.611  14.017  1.00 169.95 ? 5   DA  C "C4'" 1 
ATOM   615 O  "O4'" . DA  C 3 5  ? -16.068 12.522  14.925  1.00 184.25 ? 5   DA  C "O4'" 1 
ATOM   616 C  "C3'" . DA  C 3 5  ? -16.676 12.215  12.637  1.00 164.12 ? 5   DA  C "C3'" 1 
ATOM   617 O  "O3'" . DA  C 3 5  ? -16.331 13.404  11.930  1.00 176.31 ? 5   DA  C "O3'" 1 
ATOM   618 C  "C2'" . DA  C 3 5  ? -15.458 11.352  12.976  1.00 153.41 ? 5   DA  C "C2'" 1 
ATOM   619 C  "C1'" . DA  C 3 5  ? -14.916 12.050  14.221  1.00 161.11 ? 5   DA  C "C1'" 1 
ATOM   620 N  N9    . DA  C 3 5  ? -14.143 11.180  15.119  1.00 152.46 ? 5   DA  C N9    1 
ATOM   621 C  C8    . DA  C 3 5  ? -14.537 9.923   15.512  1.00 152.83 ? 5   DA  C C8    1 
ATOM   622 N  N7    . DA  C 3 5  ? -13.671 9.322   16.291  1.00 146.63 ? 5   DA  C N7    1 
ATOM   623 C  C5    . DA  C 3 5  ? -12.635 10.239  16.426  1.00 146.86 ? 5   DA  C C5    1 
ATOM   624 C  C6    . DA  C 3 5  ? -11.419 10.189  17.143  1.00 155.62 ? 5   DA  C C6    1 
ATOM   625 N  N6    . DA  C 3 5  ? -11.058 9.140   17.876  1.00 159.13 ? 5   DA  C N6    1 
ATOM   626 N  N1    . DA  C 3 5  ? -10.592 11.265  17.076  1.00 136.92 ? 5   DA  C N1    1 
ATOM   627 C  C2    . DA  C 3 5  ? -10.991 12.314  16.342  1.00 157.25 ? 5   DA  C C2    1 
ATOM   628 N  N3    . DA  C 3 5  ? -12.115 12.477  15.636  1.00 159.24 ? 5   DA  C N3    1 
ATOM   629 C  C4    . DA  C 3 5  ? -12.910 11.391  15.712  1.00 150.78 ? 5   DA  C C4    1 
ATOM   630 P  P     . DT  C 3 6  ? -15.795 13.094  10.446  1.00 183.96 ? 6   DT  C P     1 
ATOM   631 O  OP1   . DT  C 3 6  ? -16.127 14.229  9.510   1.00 134.15 ? 6   DT  C OP1   1 
ATOM   632 O  OP2   . DT  C 3 6  ? -16.163 11.672  10.100  1.00 156.65 ? 6   DT  C OP2   1 
ATOM   633 O  "O5'" . DT  C 3 6  ? -14.212 13.211  10.697  1.00 160.69 ? 6   DT  C "O5'" 1 
ATOM   634 C  "C5'" . DT  C 3 6  ? -13.704 14.537  10.931  1.00 157.22 ? 6   DT  C "C5'" 1 
ATOM   635 C  "C4'" . DT  C 3 6  ? -12.201 14.497  10.953  1.00 152.70 ? 6   DT  C "C4'" 1 
ATOM   636 O  "O4'" . DT  C 3 6  ? -11.733 13.524  11.911  1.00 147.10 ? 6   DT  C "O4'" 1 
ATOM   637 C  "C3'" . DT  C 3 6  ? -11.552 14.140  9.619   1.00 143.38 ? 6   DT  C "C3'" 1 
ATOM   638 O  "O3'" . DT  C 3 6  ? -10.799 15.311  9.314   1.00 149.44 ? 6   DT  C "O3'" 1 
ATOM   639 C  "C2'" . DT  C 3 6  ? -10.719 12.891  9.907   1.00 135.11 ? 6   DT  C "C2'" 1 
ATOM   640 C  "C1'" . DT  C 3 6  ? -10.520 12.972  11.415  1.00 142.93 ? 6   DT  C "C1'" 1 
ATOM   641 N  N1    . DT  C 3 6  ? -10.358 11.688  12.105  1.00 127.87 ? 6   DT  C N1    1 
ATOM   642 C  C2    . DT  C 3 6  ? -9.249  11.465  12.902  1.00 125.61 ? 6   DT  C C2    1 
ATOM   643 O  O2    . DT  C 3 6  ? -8.342  12.272  13.047  1.00 112.84 ? 6   DT  C O2    1 
ATOM   644 N  N3    . DT  C 3 6  ? -9.231  10.246  13.534  1.00 129.36 ? 6   DT  C N3    1 
ATOM   645 C  C4    . DT  C 3 6  ? -10.201 9.262   13.462  1.00 135.56 ? 6   DT  C C4    1 
ATOM   646 O  O4    . DT  C 3 6  ? -10.058 8.204   14.077  1.00 122.76 ? 6   DT  C O4    1 
ATOM   647 C  C5    . DT  C 3 6  ? -11.333 9.573   12.619  1.00 139.41 ? 6   DT  C C5    1 
ATOM   648 C  C7    . DT  C 3 6  ? -12.428 8.559   12.492  1.00 167.97 ? 6   DT  C C7    1 
ATOM   649 C  C6    . DT  C 3 6  ? -11.364 10.757  11.998  1.00 124.73 ? 6   DT  C C6    1 
ATOM   650 P  P     . DT  C 3 7  ? -10.095 15.254  7.877   1.00 142.42 ? 7   DT  C P     1 
ATOM   651 O  OP1   . DT  C 3 7  ? -9.830  16.636  7.337   1.00 137.10 ? 7   DT  C OP1   1 
ATOM   652 O  OP2   . DT  C 3 7  ? -10.830 14.217  7.071   1.00 140.65 ? 7   DT  C OP2   1 
ATOM   653 O  "O5'" . DT  C 3 7  ? -8.701  14.652  8.382   1.00 134.06 ? 7   DT  C "O5'" 1 
ATOM   654 C  "C5'" . DT  C 3 7  ? -7.917  15.466  9.261   1.00 127.53 ? 7   DT  C "C5'" 1 
ATOM   655 C  "C4'" . DT  C 3 7  ? -6.656  14.713  9.582   1.00 133.80 ? 7   DT  C "C4'" 1 
ATOM   656 O  "O4'" . DT  C 3 7  ? -6.966  13.413  10.123  1.00 119.64 ? 7   DT  C "O4'" 1 
ATOM   657 C  "C3'" . DT  C 3 7  ? -5.760  14.439  8.381   1.00 128.47 ? 7   DT  C "C3'" 1 
ATOM   658 O  "O3'" . DT  C 3 7  ? -4.491  14.964  8.740   1.00 124.62 ? 7   DT  C "O3'" 1 
ATOM   659 C  "C2'" . DT  C 3 7  ? -5.760  12.918  8.262   1.00 119.98 ? 7   DT  C "C2'" 1 
ATOM   660 C  "C1'" . DT  C 3 7  ? -5.914  12.554  9.720   1.00 119.39 ? 7   DT  C "C1'" 1 
ATOM   661 N  N1    . DT  C 3 7  ? -6.356  11.202  10.076  1.00 113.45 ? 7   DT  C N1    1 
ATOM   662 C  C2    . DT  C 3 7  ? -5.595  10.460  10.968  1.00 118.01 ? 7   DT  C C2    1 
ATOM   663 O  O2    . DT  C 3 7  ? -4.500  10.806  11.390  1.00 114.36 ? 7   DT  C O2    1 
ATOM   664 N  N3    . DT  C 3 7  ? -6.147  9.264   11.335  1.00 108.75 ? 7   DT  C N3    1 
ATOM   665 C  C4    . DT  C 3 7  ? -7.369  8.764   10.930  1.00 115.45 ? 7   DT  C C4    1 
ATOM   666 O  O4    . DT  C 3 7  ? -7.745  7.665   11.316  1.00 121.87 ? 7   DT  C O4    1 
ATOM   667 C  C5    . DT  C 3 7  ? -8.125  9.605   10.038  1.00 120.87 ? 7   DT  C C5    1 
ATOM   668 C  C7    . DT  C 3 7  ? -9.461  9.109   9.573   1.00 136.12 ? 7   DT  C C7    1 
ATOM   669 C  C6    . DT  C 3 7  ? -7.603  10.784  9.675   1.00 113.69 ? 7   DT  C C6    1 
ATOM   670 P  P     . DG  C 3 8  ? -3.723  15.134  7.352   1.00 135.52 ? 8   DG  C P     1 
ATOM   671 O  OP1   . DG  C 3 8  ? -3.143  16.520  7.195   1.00 110.53 ? 8   DG  C OP1   1 
ATOM   672 O  OP2   . DG  C 3 8  ? -4.497  14.320  6.339   1.00 119.92 ? 8   DG  C OP2   1 
ATOM   673 O  "O5'" . DG  C 3 8  ? -2.443  14.241  7.663   1.00 117.86 ? 8   DG  C "O5'" 1 
ATOM   674 C  "C5'" . DG  C 3 8  ? -1.422  14.793  8.498   1.00 110.74 ? 8   DG  C "C5'" 1 
ATOM   675 C  "C4'" . DG  C 3 8  ? -0.697  13.595  9.033   1.00 103.39 ? 8   DG  C "C4'" 1 
ATOM   676 O  "O4'" . DG  C 3 8  ? -1.674  12.556  9.267   1.00 103.09 ? 8   DG  C "O4'" 1 
ATOM   677 C  "C3'" . DG  C 3 8  ? 0.313   13.001  8.065   1.00 93.24  ? 8   DG  C "C3'" 1 
ATOM   678 O  "O3'" . DG  C 3 8  ? 1.413   12.610  8.811   1.00 86.94  ? 8   DG  C "O3'" 1 
ATOM   679 C  "C2'" . DG  C 3 8  ? -0.400  11.761  7.536   1.00 114.12 ? 8   DG  C "C2'" 1 
ATOM   680 C  "C1'" . DG  C 3 8  ? -1.148  11.333  8.772   1.00 103.82 ? 8   DG  C "C1'" 1 
ATOM   681 N  N9    . DG  C 3 8  ? -2.269  10.430  8.574   1.00 93.98  ? 8   DG  C N9    1 
ATOM   682 C  C8    . DG  C 3 8  ? -3.415  10.638  7.862   1.00 108.96 ? 8   DG  C C8    1 
ATOM   683 N  N7    . DG  C 3 8  ? -4.267  9.645   7.947   1.00 113.82 ? 8   DG  C N7    1 
ATOM   684 C  C5    . DG  C 3 8  ? -3.629  8.734   8.770   1.00 92.78  ? 8   DG  C C5    1 
ATOM   685 C  C6    . DG  C 3 8  ? -4.068  7.477   9.228   1.00 96.51  ? 8   DG  C C6    1 
ATOM   686 O  O6    . DG  C 3 8  ? -5.118  6.904   8.949   1.00 119.57 ? 8   DG  C O6    1 
ATOM   687 N  N1    . DG  C 3 8  ? -3.145  6.881   10.077  1.00 94.70  ? 8   DG  C N1    1 
ATOM   688 C  C2    . DG  C 3 8  ? -1.932  7.433   10.403  1.00 103.18 ? 8   DG  C C2    1 
ATOM   689 N  N2    . DG  C 3 8  ? -1.156  6.720   11.218  1.00 98.11  ? 8   DG  C N2    1 
ATOM   690 N  N3    . DG  C 3 8  ? -1.503  8.620   9.977   1.00 100.61 ? 8   DG  C N3    1 
ATOM   691 C  C4    . DG  C 3 8  ? -2.404  9.206   9.162   1.00 91.48  ? 8   DG  C C4    1 
ATOM   692 P  P     . DT  C 3 9  ? 2.672   12.440  7.838   1.00 113.50 ? 9   DT  C P     1 
ATOM   693 O  OP1   . DT  C 3 9  ? 3.360   13.755  8.073   1.00 103.90 ? 9   DT  C OP1   1 
ATOM   694 O  OP2   . DT  C 3 9  ? 2.263   11.998  6.445   1.00 115.96 ? 9   DT  C OP2   1 
ATOM   695 O  "O5'" . DT  C 3 9  ? 3.432   11.217  8.564   1.00 79.39  ? 9   DT  C "O5'" 1 
ATOM   696 C  "C5'" . DT  C 3 9  ? 2.586   10.289  9.264   1.00 100.50 ? 9   DT  C "C5'" 1 
ATOM   697 C  "C4'" . DT  C 3 9  ? 3.174   8.911   9.199   1.00 95.22  ? 9   DT  C "C4'" 1 
ATOM   698 O  "O4'" . DT  C 3 9  ? 2.088   7.961   9.113   1.00 97.94  ? 9   DT  C "O4'" 1 
ATOM   699 C  "C3'" . DT  C 3 9  ? 3.995   8.694   7.950   1.00 107.73 ? 9   DT  C "C3'" 1 
ATOM   700 O  "O3'" . DT  C 3 9  ? 4.834   7.551   8.118   1.00 84.38  ? 9   DT  C "O3'" 1 
ATOM   701 C  "C2'" . DT  C 3 9  ? 2.829   8.505   6.993   1.00 117.48 ? 9   DT  C "C2'" 1 
ATOM   702 C  "C1'" . DT  C 3 9  ? 2.074   7.461   7.793   1.00 104.31 ? 9   DT  C "C1'" 1 
ATOM   703 N  N1    . DT  C 3 9  ? 0.690   7.179   7.409   1.00 100.88 ? 9   DT  C N1    1 
ATOM   704 C  C2    . DT  C 3 9  ? 0.189   6.020   7.929   1.00 97.47  ? 9   DT  C C2    1 
ATOM   705 O  O2    . DT  C 3 9  ? 0.849   5.338   8.699   1.00 100.63 ? 9   DT  C O2    1 
ATOM   706 N  N3    . DT  C 3 9  ? -1.094  5.727   7.554   1.00 93.11  ? 9   DT  C N3    1 
ATOM   707 C  C4    . DT  C 3 9  ? -1.884  6.461   6.696   1.00 103.05 ? 9   DT  C C4    1 
ATOM   708 O  O4    . DT  C 3 9  ? -3.017  6.080   6.433   1.00 135.88 ? 9   DT  C O4    1 
ATOM   709 C  C5    . DT  C 3 9  ? -1.283  7.652   6.158   1.00 99.34  ? 9   DT  C C5    1 
ATOM   710 C  C7    . DT  C 3 9  ? -2.108  8.485   5.225   1.00 114.17 ? 9   DT  C C7    1 
ATOM   711 C  C6    . DT  C 3 9  ? -0.035  7.961   6.534   1.00 95.70  ? 9   DT  C C6    1 
ATOM   712 P  P     . DG  D 4 1  ? -2.649  -12.934 -10.343 1.00 133.26 ? 10  DG  D P     1 
ATOM   713 O  OP1   . DG  D 4 1  ? -3.609  -14.072 -10.242 1.00 123.29 ? 10  DG  D OP1   1 
ATOM   714 O  OP2   . DG  D 4 1  ? -1.797  -12.768 -9.069  1.00 106.63 ? 10  DG  D OP2   1 
ATOM   715 O  "O5'" . DG  D 4 1  ? -3.681  -11.731 -10.518 1.00 93.68  ? 10  DG  D "O5'" 1 
ATOM   716 C  "C5'" . DG  D 4 1  ? -3.626  -10.653 -9.574  1.00 92.29  ? 10  DG  D "C5'" 1 
ATOM   717 C  "C4'" . DG  D 4 1  ? -3.993  -9.367  -10.274 1.00 112.78 ? 10  DG  D "C4'" 1 
ATOM   718 O  "O4'" . DG  D 4 1  ? -3.881  -8.297  -9.319  1.00 126.75 ? 10  DG  D "O4'" 1 
ATOM   719 C  "C3'" . DG  D 4 1  ? -3.113  -8.981  -11.468 1.00 111.00 ? 10  DG  D "C3'" 1 
ATOM   720 O  "O3'" . DG  D 4 1  ? -3.853  -9.006  -12.677 1.00 117.37 ? 10  DG  D "O3'" 1 
ATOM   721 C  "C2'" . DG  D 4 1  ? -2.718  -7.535  -11.217 1.00 100.26 ? 10  DG  D "C2'" 1 
ATOM   722 C  "C1'" . DG  D 4 1  ? -2.856  -7.395  -9.722  1.00 103.39 ? 10  DG  D "C1'" 1 
ATOM   723 N  N9    . DG  D 4 1  ? -1.615  -7.695  -9.031  1.00 89.49  ? 10  DG  D N9    1 
ATOM   724 C  C8    . DG  D 4 1  ? -1.212  -8.762  -8.264  1.00 100.65 ? 10  DG  D C8    1 
ATOM   725 N  N7    . DG  D 4 1  ? 0.022   -8.658  -7.823  1.00 95.64  ? 10  DG  D N7    1 
ATOM   726 C  C5    . DG  D 4 1  ? 0.447   -7.445  -8.340  1.00 108.03 ? 10  DG  D C5    1 
ATOM   727 C  C6    . DG  D 4 1  ? 1.704   -6.816  -8.208  1.00 102.09 ? 10  DG  D C6    1 
ATOM   728 O  O6    . DG  D 4 1  ? 2.670   -7.237  -7.571  1.00 103.27 ? 10  DG  D O6    1 
ATOM   729 N  N1    . DG  D 4 1  ? 1.747   -5.592  -8.891  1.00 101.31 ? 10  DG  D N1    1 
ATOM   730 C  C2    . DG  D 4 1  ? 0.694   -5.051  -9.604  1.00 116.73 ? 10  DG  D C2    1 
ATOM   731 N  N2    . DG  D 4 1  ? 0.917   -3.862  -10.179 1.00 134.59 ? 10  DG  D N2    1 
ATOM   732 N  N3    . DG  D 4 1  ? -0.502  -5.645  -9.747  1.00 86.66  ? 10  DG  D N3    1 
ATOM   733 C  C4    . DG  D 4 1  ? -0.546  -6.836  -9.088  1.00 103.58 ? 10  DG  D C4    1 
ATOM   734 P  P     . DG  D 4 2  ? -2.916  -9.333  -13.943 1.00 140.45 ? 11  DG  D P     1 
ATOM   735 O  OP1   . DG  D 4 2  ? -3.820  -9.204  -15.152 1.00 109.52 ? 11  DG  D OP1   1 
ATOM   736 O  OP2   . DG  D 4 2  ? -2.232  -10.643 -13.635 1.00 127.38 ? 11  DG  D OP2   1 
ATOM   737 O  "O5'" . DG  D 4 2  ? -1.764  -8.199  -13.951 1.00 94.97  ? 11  DG  D "O5'" 1 
ATOM   738 C  "C5'" . DG  D 4 2  ? -1.964  -7.126  -14.906 1.00 111.53 ? 11  DG  D "C5'" 1 
ATOM   739 C  "C4'" . DG  D 4 2  ? -1.111  -5.941  -14.547 1.00 122.87 ? 11  DG  D "C4'" 1 
ATOM   740 O  "O4'" . DG  D 4 2  ? -0.614  -6.128  -13.219 1.00 116.39 ? 11  DG  D "O4'" 1 
ATOM   741 C  "C3'" . DG  D 4 2  ? 0.128   -5.754  -15.405 1.00 151.36 ? 11  DG  D "C3'" 1 
ATOM   742 O  "O3'" . DG  D 4 2  ? -0.209  -4.966  -16.539 1.00 147.59 ? 11  DG  D "O3'" 1 
ATOM   743 C  "C2'" . DG  D 4 2  ? 1.099   -5.035  -14.470 1.00 137.67 ? 11  DG  D "C2'" 1 
ATOM   744 C  "C1'" . DG  D 4 2  ? 0.642   -5.479  -13.092 1.00 115.55 ? 11  DG  D "C1'" 1 
ATOM   745 N  N9    . DG  D 4 2  ? 1.469   -6.453  -12.407 1.00 109.53 ? 11  DG  D N9    1 
ATOM   746 C  C8    . DG  D 4 2  ? 1.043   -7.691  -11.989 1.00 114.75 ? 11  DG  D C8    1 
ATOM   747 N  N7    . DG  D 4 2  ? 1.950   -8.346  -11.304 1.00 111.46 ? 11  DG  D N7    1 
ATOM   748 C  C5    . DG  D 4 2  ? 3.032   -7.470  -11.268 1.00 109.85 ? 11  DG  D C5    1 
ATOM   749 C  C6    . DG  D 4 2  ? 4.306   -7.640  -10.672 1.00 128.89 ? 11  DG  D C6    1 
ATOM   750 O  O6    . DG  D 4 2  ? 4.724   -8.632  -10.050 1.00 139.80 ? 11  DG  D O6    1 
ATOM   751 N  N1    . DG  D 4 2  ? 5.117   -6.517  -10.876 1.00 116.15 ? 11  DG  D N1    1 
ATOM   752 C  C2    . DG  D 4 2  ? 4.739   -5.379  -11.553 1.00 125.98 ? 11  DG  D C2    1 
ATOM   753 N  N2    . DG  D 4 2  ? 5.657   -4.406  -11.634 1.00 128.76 ? 11  DG  D N2    1 
ATOM   754 N  N3    . DG  D 4 2  ? 3.539   -5.215  -12.127 1.00 116.16 ? 11  DG  D N3    1 
ATOM   755 C  C4    . DG  D 4 2  ? 2.748   -6.299  -11.940 1.00 106.71 ? 11  DG  D C4    1 
ATOM   756 P  P     . DT  D 4 3  ? 0.542   -5.514  -17.848 1.00 153.23 ? 12  DT  D P     1 
ATOM   757 O  OP1   . DT  D 4 3  ? -0.401  -5.087  -18.943 1.00 129.84 ? 12  DT  D OP1   1 
ATOM   758 O  OP2   . DT  D 4 3  ? 1.109   -6.907  -17.731 1.00 129.67 ? 12  DT  D OP2   1 
ATOM   759 O  "O5'" . DT  D 4 3  ? 1.934   -4.723  -17.792 1.00 123.06 ? 12  DT  D "O5'" 1 
ATOM   760 C  "C5'" . DT  D 4 3  ? 1.939   -3.331  -18.121 1.00 133.72 ? 12  DT  D "C5'" 1 
ATOM   761 C  "C4'" . DT  D 4 3  ? 3.334   -2.838  -17.869 1.00 155.80 ? 12  DT  D "C4'" 1 
ATOM   762 O  "O4'" . DT  D 4 3  ? 3.846   -3.457  -16.664 1.00 152.45 ? 12  DT  D "O4'" 1 
ATOM   763 C  "C3'" . DT  D 4 3  ? 4.323   -3.159  -18.986 1.00 169.97 ? 12  DT  D "C3'" 1 
ATOM   764 O  "O3'" . DT  D 4 3  ? 5.094   -1.984  -19.212 1.00 187.81 ? 12  DT  D "O3'" 1 
ATOM   765 C  "C2'" . DT  D 4 3  ? 5.141   -4.313  -18.416 1.00 169.61 ? 12  DT  D "C2'" 1 
ATOM   766 C  "C1'" . DT  D 4 3  ? 5.112   -4.048  -16.920 1.00 143.77 ? 12  DT  D "C1'" 1 
ATOM   767 N  N1    . DT  D 4 3  ? 5.175   -5.275  -16.118 1.00 134.14 ? 12  DT  D N1    1 
ATOM   768 C  C2    . DT  D 4 3  ? 6.327   -5.579  -15.402 1.00 121.26 ? 12  DT  D C2    1 
ATOM   769 O  O2    . DT  D 4 3  ? 7.313   -4.860  -15.370 1.00 128.73 ? 12  DT  D O2    1 
ATOM   770 N  N3    . DT  D 4 3  ? 6.283   -6.760  -14.699 1.00 101.96 ? 12  DT  D N3    1 
ATOM   771 C  C4    . DT  D 4 3  ? 5.220   -7.655  -14.664 1.00 119.90 ? 12  DT  D C4    1 
ATOM   772 O  O4    . DT  D 4 3  ? 5.317   -8.700  -13.991 1.00 96.38  ? 12  DT  D O4    1 
ATOM   773 C  C5    . DT  D 4 3  ? 4.058   -7.276  -15.457 1.00 118.55 ? 12  DT  D C5    1 
ATOM   774 C  C7    . DT  D 4 3  ? 2.868   -8.182  -15.497 1.00 128.30 ? 12  DT  D C7    1 
ATOM   775 C  C6    . DT  D 4 3  ? 4.087   -6.125  -16.136 1.00 118.92 ? 12  DT  D C6    1 
ATOM   776 P  P     . DC  D 4 4  ? 6.352   -2.211  -20.180 1.00 188.61 ? 13  DC  D P     1 
ATOM   777 O  OP1   . DC  D 4 4  ? 6.799   -0.829  -20.580 1.00 174.73 ? 13  DC  D OP1   1 
ATOM   778 O  OP2   . DC  D 4 4  ? 5.938   -3.243  -21.197 1.00 167.11 ? 13  DC  D OP2   1 
ATOM   779 O  "O5'" . DC  D 4 4  ? 7.456   -2.843  -19.194 1.00 146.85 ? 13  DC  D "O5'" 1 
ATOM   780 C  "C5'" . DC  D 4 4  ? 8.286   -1.918  -18.455 1.00 150.69 ? 13  DC  D "C5'" 1 
ATOM   781 C  "C4'" . DC  D 4 4  ? 9.576   -2.601  -18.095 1.00 163.00 ? 13  DC  D "C4'" 1 
ATOM   782 O  "O4'" . DC  D 4 4  ? 9.289   -3.800  -17.340 1.00 159.85 ? 13  DC  D "O4'" 1 
ATOM   783 C  "C3'" . DC  D 4 4  ? 10.427  -3.069  -19.278 1.00 184.57 ? 13  DC  D "C3'" 1 
ATOM   784 O  "O3'" . DC  D 4 4  ? 11.791  -3.000  -18.864 1.00 203.27 ? 13  DC  D "O3'" 1 
ATOM   785 C  "C2'" . DC  D 4 4  ? 9.972   -4.513  -19.409 1.00 175.81 ? 13  DC  D "C2'" 1 
ATOM   786 C  "C1'" . DC  D 4 4  ? 10.008  -4.857  -17.937 1.00 151.27 ? 13  DC  D "C1'" 1 
ATOM   787 N  N1    . DC  D 4 4  ? 9.397   -6.139  -17.549 1.00 133.77 ? 13  DC  D N1    1 
ATOM   788 C  C2    . DC  D 4 4  ? 10.129  -6.972  -16.681 1.00 133.91 ? 13  DC  D C2    1 
ATOM   789 O  O2    . DC  D 4 4  ? 11.263  -6.606  -16.302 1.00 122.05 ? 13  DC  D O2    1 
ATOM   790 N  N3    . DC  D 4 4  ? 9.583   -8.159  -16.292 1.00 101.79 ? 13  DC  D N3    1 
ATOM   791 C  C4    . DC  D 4 4  ? 8.352   -8.500  -16.732 1.00 127.66 ? 13  DC  D C4    1 
ATOM   792 N  N4    . DC  D 4 4  ? 7.872   -9.678  -16.346 1.00 117.54 ? 13  DC  D N4    1 
ATOM   793 C  C5    . DC  D 4 4  ? 7.596   -7.652  -17.619 1.00 107.44 ? 13  DC  D C5    1 
ATOM   794 C  C6    . DC  D 4 4  ? 8.155   -6.488  -17.997 1.00 109.97 ? 13  DC  D C6    1 
ATOM   795 P  P     . DT  D 4 5  ? 12.952  -3.472  -19.871 1.00 180.82 ? 14  DT  D P     1 
ATOM   796 O  OP1   . DT  D 4 5  ? 13.197  -2.245  -20.701 1.00 158.41 ? 14  DT  D OP1   1 
ATOM   797 O  OP2   . DT  D 4 5  ? 12.660  -4.809  -20.509 1.00 177.01 ? 14  DT  D OP2   1 
ATOM   798 O  "O5'" . DT  D 4 5  ? 14.154  -3.762  -18.839 1.00 175.48 ? 14  DT  D "O5'" 1 
ATOM   799 C  "C5'" . DT  D 4 5  ? 13.880  -4.577  -17.662 1.00 180.19 ? 14  DT  D "C5'" 1 
ATOM   800 C  "C4'" . DT  D 4 5  ? 14.880  -5.704  -17.566 1.00 185.73 ? 14  DT  D "C4'" 1 
ATOM   801 O  "O4'" . DT  D 4 5  ? 14.202  -6.954  -17.302 1.00 186.16 ? 14  DT  D "O4'" 1 
ATOM   802 C  "C3'" . DT  D 4 5  ? 15.700  -5.993  -18.817 1.00 189.82 ? 14  DT  D "C3'" 1 
ATOM   803 O  "O3'" . DT  D 4 5  ? 16.876  -6.666  -18.386 1.00 208.62 ? 14  DT  D "O3'" 1 
ATOM   804 C  "C2'" . DT  D 4 5  ? 14.812  -6.976  -19.557 1.00 164.76 ? 14  DT  D "C2'" 1 
ATOM   805 C  "C1'" . DT  D 4 5  ? 14.444  -7.861  -18.378 1.00 157.34 ? 14  DT  D "C1'" 1 
ATOM   806 N  N1    . DT  D 4 5  ? 13.237  -8.699  -18.541 1.00 137.72 ? 14  DT  D N1    1 
ATOM   807 C  C2    . DT  D 4 5  ? 13.137  -9.859  -17.770 1.00 143.17 ? 14  DT  D C2    1 
ATOM   808 O  O2    . DT  D 4 5  ? 14.015  -10.244 -16.986 1.00 120.89 ? 14  DT  D O2    1 
ATOM   809 N  N3    . DT  D 4 5  ? 11.964  -10.564 -17.949 1.00 115.39 ? 14  DT  D N3    1 
ATOM   810 C  C4    . DT  D 4 5  ? 10.922  -10.239 -18.805 1.00 117.05 ? 14  DT  D C4    1 
ATOM   811 O  O4    . DT  D 4 5  ? 9.922   -10.977 -18.857 1.00 105.90 ? 14  DT  D O4    1 
ATOM   812 C  C5    . DT  D 4 5  ? 11.092  -9.013  -19.568 1.00 108.69 ? 14  DT  D C5    1 
ATOM   813 C  C7    . DT  D 4 5  ? 9.987   -8.583  -20.493 1.00 110.52 ? 14  DT  D C7    1 
ATOM   814 C  C6    . DT  D 4 5  ? 12.224  -8.303  -19.399 1.00 97.77  ? 14  DT  D C6    1 
ATOM   815 P  P     . DG  D 4 6  ? 18.040  -6.528  -19.478 1.00 201.83 ? 15  DG  D P     1 
ATOM   816 O  OP1   . DG  D 4 6  ? 17.978  -5.120  -20.008 1.00 200.76 ? 15  DG  D OP1   1 
ATOM   817 O  OP2   . DG  D 4 6  ? 17.932  -7.650  -20.477 1.00 174.91 ? 15  DG  D OP2   1 
ATOM   818 O  "O5'" . DG  D 4 6  ? 19.344  -6.749  -18.558 1.00 176.87 ? 15  DG  D "O5'" 1 
ATOM   819 C  "C5'" . DG  D 4 6  ? 19.266  -7.525  -17.330 1.00 170.27 ? 15  DG  D "C5'" 1 
ATOM   820 C  "C4'" . DG  D 4 6  ? 19.426  -8.995  -17.640 1.00 180.60 ? 15  DG  D "C4'" 1 
ATOM   821 O  "O4'" . DG  D 4 6  ? 18.123  -9.563  -17.890 1.00 186.55 ? 15  DG  D "O4'" 1 
ATOM   822 C  "C3'" . DG  D 4 6  ? 20.300  -9.340  -18.857 1.00 178.62 ? 15  DG  D "C3'" 1 
ATOM   823 O  "O3'" . DG  D 4 6  ? 21.500  -10.041 -18.499 1.00 186.78 ? 15  DG  D "O3'" 1 
ATOM   824 C  "C2'" . DG  D 4 6  ? 19.412  -10.224 -19.736 1.00 185.01 ? 15  DG  D "C2'" 1 
ATOM   825 C  "C1'" . DG  D 4 6  ? 18.265  -10.632 -18.821 1.00 178.89 ? 15  DG  D "C1'" 1 
ATOM   826 N  N9    . DG  D 4 6  ? 16.974  -10.833 -19.485 1.00 167.76 ? 15  DG  D N9    1 
ATOM   827 C  C8    . DG  D 4 6  ? 16.426  -10.080 -20.499 1.00 154.04 ? 15  DG  D C8    1 
ATOM   828 N  N7    . DG  D 4 6  ? 15.245  -10.497 -20.884 1.00 142.96 ? 15  DG  D N7    1 
ATOM   829 C  C5    . DG  D 4 6  ? 14.993  -11.598 -20.070 1.00 146.06 ? 15  DG  D C5    1 
ATOM   830 C  C6    . DG  D 4 6  ? 13.853  -12.448 -20.016 1.00 129.99 ? 15  DG  D C6    1 
ATOM   831 O  O6    . DG  D 4 6  ? 12.815  -12.376 -20.691 1.00 120.51 ? 15  DG  D O6    1 
ATOM   832 N  N1    . DG  D 4 6  ? 13.984  -13.435 -19.034 1.00 123.11 ? 15  DG  D N1    1 
ATOM   833 C  C2    . DG  D 4 6  ? 15.085  -13.589 -18.215 1.00 146.05 ? 15  DG  D C2    1 
ATOM   834 N  N2    . DG  D 4 6  ? 15.028  -14.605 -17.340 1.00 121.69 ? 15  DG  D N2    1 
ATOM   835 N  N3    . DG  D 4 6  ? 16.163  -12.788 -18.256 1.00 154.00 ? 15  DG  D N3    1 
ATOM   836 C  C4    . DG  D 4 6  ? 16.047  -11.812 -19.199 1.00 159.83 ? 15  DG  D C4    1 
ATOM   837 P  P     . DC  D 4 7  ? 21.441  -11.350 -17.554 1.00 226.88 ? 16  DC  D P     1 
ATOM   838 O  OP1   . DC  D 4 7  ? 20.092  -11.577 -16.927 1.00 235.76 ? 16  DC  D OP1   1 
ATOM   839 O  OP2   . DC  D 4 7  ? 22.618  -11.298 -16.614 1.00 211.75 ? 16  DC  D OP2   1 
ATOM   840 O  "O5'" . DC  D 4 7  ? 21.696  -12.582 -18.556 1.00 200.35 ? 16  DC  D "O5'" 1 
ATOM   841 C  "C5'" . DC  D 4 7  ? 22.338  -13.785 -18.039 1.00 188.02 ? 16  DC  D "C5'" 1 
ATOM   842 C  "C4'" . DC  D 4 7  ? 21.303  -14.724 -17.457 1.00 182.50 ? 16  DC  D "C4'" 1 
ATOM   843 O  "O4'" . DC  D 4 7  ? 19.971  -14.278 -17.798 1.00 176.05 ? 16  DC  D "O4'" 1 
ATOM   844 C  "C3'" . DC  D 4 7  ? 21.430  -16.172 -17.937 1.00 189.84 ? 16  DC  D "C3'" 1 
ATOM   845 O  "O3'" . DC  D 4 7  ? 21.623  -17.042 -16.829 1.00 186.07 ? 16  DC  D "O3'" 1 
ATOM   846 C  "C2'" . DC  D 4 7  ? 20.110  -16.508 -18.622 1.00 179.66 ? 16  DC  D "C2'" 1 
ATOM   847 C  "C1'" . DC  D 4 7  ? 19.189  -15.341 -18.304 1.00 175.59 ? 16  DC  D "C1'" 1 
ATOM   848 N  N1    . DC  D 4 7  ? 18.450  -14.826 -19.482 1.00 173.54 ? 16  DC  D N1    1 
ATOM   849 C  C2    . DC  D 4 7  ? 17.449  -15.624 -20.051 1.00 161.73 ? 16  DC  D C2    1 
ATOM   850 O  O2    . DC  D 4 7  ? 17.231  -16.743 -19.559 1.00 150.26 ? 16  DC  D O2    1 
ATOM   851 N  N3    . DC  D 4 7  ? 16.748  -15.143 -21.116 1.00 129.71 ? 16  DC  D N3    1 
ATOM   852 C  C4    . DC  D 4 7  ? 17.042  -13.936 -21.629 1.00 144.69 ? 16  DC  D C4    1 
ATOM   853 N  N4    . DC  D 4 7  ? 16.346  -13.512 -22.673 1.00 131.63 ? 16  DC  D N4    1 
ATOM   854 C  C5    . DC  D 4 7  ? 18.071  -13.126 -21.074 1.00 156.11 ? 16  DC  D C5    1 
ATOM   855 C  C6    . DC  D 4 7  ? 18.732  -13.599 -20.004 1.00 165.46 ? 16  DC  D C6    1 
HETATM 856 N  N1    . DAP E 5 .  ? -6.597  14.739  13.364  1.00 155.53 ? 101 DAP A N1    1 
HETATM 857 C  C2    . DAP E 5 .  ? -7.153  16.007  13.248  1.00 155.05 ? 101 DAP A C2    1 
HETATM 858 C  C3    . DAP E 5 .  ? -6.158  16.886  12.913  1.00 143.26 ? 101 DAP A C3    1 
HETATM 859 C  C4    . DAP E 5 .  ? -3.604  16.469  12.518  1.00 159.78 ? 101 DAP A C4    1 
HETATM 860 C  C5    . DAP E 5 .  ? -2.651  15.464  12.508  1.00 146.85 ? 101 DAP A C5    1 
HETATM 861 C  C6    . DAP E 5 .  ? -2.979  14.121  12.779  1.00 134.91 ? 101 DAP A C6    1 
HETATM 862 C  C7    . DAP E 5 .  ? -4.291  13.787  13.076  1.00 143.36 ? 101 DAP A C7    1 
HETATM 863 C  C8    . DAP E 5 .  ? -5.249  14.796  13.096  1.00 153.62 ? 101 DAP A C8    1 
HETATM 864 C  C9    . DAP E 5 .  ? -4.939  16.147  12.812  1.00 153.46 ? 101 DAP A C9    1 
HETATM 865 C  C10   . DAP E 5 .  ? -1.937  13.055  12.751  1.00 128.70 ? 101 DAP A C10   1 
HETATM 866 N  N2    . DAP E 5 .  ? -0.636  13.420  12.729  1.00 122.21 ? 101 DAP A N2    1 
HETATM 867 N  N3    . DAP E 5 .  ? -2.215  11.791  12.727  1.00 141.31 ? 101 DAP A N3    1 
HETATM 868 C  "C1'" . DAP E 5 .  ? -8.588  16.182  13.486  1.00 163.32 ? 101 DAP A "C1'" 1 
HETATM 869 C  "C2'" . DAP E 5 .  ? -9.219  15.302  14.359  1.00 195.46 ? 101 DAP A "C2'" 1 
HETATM 870 C  "C3'" . DAP E 5 .  ? -10.574 15.388  14.607  1.00 202.72 ? 101 DAP A "C3'" 1 
HETATM 871 C  "C4'" . DAP E 5 .  ? -11.347 16.350  13.982  1.00 182.98 ? 101 DAP A "C4'" 1 
HETATM 872 C  "C5'" . DAP E 5 .  ? -10.734 17.228  13.087  1.00 164.18 ? 101 DAP A "C5'" 1 
HETATM 873 C  "C6'" . DAP E 5 .  ? -9.370  17.137  12.834  1.00 156.28 ? 101 DAP A "C6'" 1 
HETATM 874 C  C11   . DAP E 5 .  ? -12.800 16.385  14.280  1.00 178.31 ? 101 DAP A C11   1 
HETATM 875 N  N4    . DAP E 5 .  ? -13.522 17.434  14.131  1.00 204.33 ? 101 DAP A N4    1 
HETATM 876 N  N5    . DAP E 5 .  ? -13.361 15.239  14.742  1.00 144.43 ? 101 DAP A N5    1 
HETATM 877 MG MG    . MG  F 6 .  ? 2.935   2.425   -2.521  1.00 127.18 ? 102 MG  A MG    1 
HETATM 878 MG MG    . MG  G 6 .  ? 7.851   13.253  10.947  1.00 101.41 ? 101 MG  C MG    1 
HETATM 879 MG MG    . MG  H 6 .  ? -5.070  11.836  4.439   1.00 119.01 ? 102 MG  C MG    1 
# 
loop_
_pdbx_poly_seq_scheme.asym_id 
_pdbx_poly_seq_scheme.entity_id 
_pdbx_poly_seq_scheme.seq_id 
_pdbx_poly_seq_scheme.mon_id 
_pdbx_poly_seq_scheme.ndb_seq_num 
_pdbx_poly_seq_scheme.pdb_seq_num 
_pdbx_poly_seq_scheme.auth_seq_num 
_pdbx_poly_seq_scheme.pdb_mon_id 
_pdbx_poly_seq_scheme.auth_mon_id 
_pdbx_poly_seq_scheme.pdb_strand_id 
_pdbx_poly_seq_scheme.pdb_ins_code 
_pdbx_poly_seq_scheme.hetero 
A 1 1  DG 1  1  1  DG DG A . n 
A 1 2  DA 2  2  2  DA DA A . n 
A 1 3  DG 3  3  3  DG DG A . n 
A 1 4  DC 4  4  4  DC DC A . n 
A 1 5  DA 5  5  5  DA DA A . n 
A 1 6  DG 6  6  6  DG DG A . n 
A 1 7  DA 7  7  7  DA DA A . n 
A 1 8  DC 8  8  8  DC DC A . n 
A 1 9  DC 9  9  9  DC DC A . n 
A 1 10 DT 10 10 10 DT DT A . n 
A 1 11 DG 11 11 11 DG DG A . n 
A 1 12 DA 12 12 12 DA DA A . n 
A 1 13 DC 13 13 13 DC DC A . n 
A 1 14 DG 14 14 14 DG DG A . n 
A 1 15 DA 15 15 15 DA DA A . n 
A 1 16 DC 16 16 16 DC DC A . n 
A 1 17 DA 17 17 17 DA DA A . n 
A 1 18 DA 18 18 18 DA DA A . n 
A 1 19 DT 19 19 19 DT DT A . n 
A 1 20 DT 20 20 20 DT DT A . n 
A 1 21 DA 21 21 21 DA DA A . n 
B 2 1  DC 1  1  1  DC DC B . n 
B 2 2  DG 2  2  2  DG DG B . n 
B 2 3  DT 3  3  3  DT DT B . n 
B 2 4  DC 4  4  4  DC DC B . n 
B 2 5  DA 5  5  5  DA DA B . n 
C 3 1  DT 1  1  1  DT DT C . n 
C 3 2  DC 2  2  2  DC DC C . n 
C 3 3  DT 3  3  3  DT DT C . n 
C 3 4  DA 4  4  4  DA DA C . n 
C 3 5  DA 5  5  5  DA DA C . n 
C 3 6  DT 6  6  6  DT DT C . n 
C 3 7  DT 7  7  7  DT DT C . n 
C 3 8  DG 8  8  8  DG DG C . n 
C 3 9  DT 9  9  9  DT DT C . n 
D 4 1  DG 1  10 10 DG DG D . n 
D 4 2  DG 2  11 11 DG DG D . n 
D 4 3  DT 3  12 12 DT DT D . n 
D 4 4  DC 4  13 13 DC DC D . n 
D 4 5  DT 5  14 14 DT DT D . n 
D 4 6  DG 6  15 15 DG DG D . n 
D 4 7  DC 7  16 16 DC DC D . n 
# 
_pdbx_contact_author.id                 2 
_pdbx_contact_author.email              hao.yan@asu.edu 
_pdbx_contact_author.name_first         Hao 
_pdbx_contact_author.name_last          Yan 
_pdbx_contact_author.name_mi            ? 
_pdbx_contact_author.role               'principal investigator/group leader' 
_pdbx_contact_author.identifier_ORCID   0000-0001-7397-9852 
# 
loop_
_pdbx_nonpoly_scheme.asym_id 
_pdbx_nonpoly_scheme.entity_id 
_pdbx_nonpoly_scheme.mon_id 
_pdbx_nonpoly_scheme.ndb_seq_num 
_pdbx_nonpoly_scheme.pdb_seq_num 
_pdbx_nonpoly_scheme.auth_seq_num 
_pdbx_nonpoly_scheme.pdb_mon_id 
_pdbx_nonpoly_scheme.auth_mon_id 
_pdbx_nonpoly_scheme.pdb_strand_id 
_pdbx_nonpoly_scheme.pdb_ins_code 
E 5 DAP 1 101 101 DAP DAP A . 
F 6 MG  1 102 3   MG  MG  A . 
G 6 MG  1 101 1   MG  MG  C . 
H 6 MG  1 102 2   MG  MG  C . 
# 
_pdbx_struct_assembly.id                   1 
_pdbx_struct_assembly.details              author_defined_assembly 
_pdbx_struct_assembly.method_details       ? 
_pdbx_struct_assembly.oligomeric_details   tetrameric 
_pdbx_struct_assembly.oligomeric_count     4 
# 
_pdbx_struct_assembly_gen.assembly_id       1 
_pdbx_struct_assembly_gen.oper_expression   1 
_pdbx_struct_assembly_gen.asym_id_list      A,B,C,D,E,F,G,H 
# 
_pdbx_struct_oper_list.id                   1 
_pdbx_struct_oper_list.type                 'identity operation' 
_pdbx_struct_oper_list.name                 1_555 
_pdbx_struct_oper_list.symmetry_operation   x,y,z 
_pdbx_struct_oper_list.matrix[1][1]         1.0000000000 
_pdbx_struct_oper_list.matrix[1][2]         0.0000000000 
_pdbx_struct_oper_list.matrix[1][3]         0.0000000000 
_pdbx_struct_oper_list.vector[1]            0.0000000000 
_pdbx_struct_oper_list.matrix[2][1]         0.0000000000 
_pdbx_struct_oper_list.matrix[2][2]         1.0000000000 
_pdbx_struct_oper_list.matrix[2][3]         0.0000000000 
_pdbx_struct_oper_list.vector[2]            0.0000000000 
_pdbx_struct_oper_list.matrix[3][1]         0.0000000000 
_pdbx_struct_oper_list.matrix[3][2]         0.0000000000 
_pdbx_struct_oper_list.matrix[3][3]         1.0000000000 
_pdbx_struct_oper_list.vector[3]            0.0000000000 
# 
_pdbx_audit_revision_history.ordinal             1 
_pdbx_audit_revision_history.data_content_type   'Structure model' 
_pdbx_audit_revision_history.major_revision      1 
_pdbx_audit_revision_history.minor_revision      0 
_pdbx_audit_revision_history.revision_date       2023-12-20 
# 
_pdbx_audit_revision_details.ordinal             1 
_pdbx_audit_revision_details.revision_ordinal    1 
_pdbx_audit_revision_details.data_content_type   'Structure model' 
_pdbx_audit_revision_details.provider            repository 
_pdbx_audit_revision_details.type                'Initial release' 
_pdbx_audit_revision_details.description         ? 
_pdbx_audit_revision_details.details             ? 
# 
loop_
_software.citation_id 
_software.classification 
_software.compiler_name 
_software.compiler_version 
_software.contact_author 
_software.contact_author_email 
_software.date 
_software.description 
_software.dependencies 
_software.hardware 
_software.language 
_software.location 
_software.mods 
_software.name 
_software.os 
_software.os_version 
_software.type 
_software.version 
_software.pdbx_ordinal 
? refinement       ? ? ? ? ? ? ? ? ? ? ? REFMAC   ? ? ? 5.8.0352 1 
? 'data scaling'   ? ? ? ? ? ? ? ? ? ? ? HKL-2000 ? ? ? .        2 
? 'data reduction' ? ? ? ? ? ? ? ? ? ? ? HKL-2000 ? ? ? .        3 
? phasing          ? ? ? ? ? ? ? ? ? ? ? PHASER   ? ? ? .        4 
# 
_pdbx_entry_details.entry_id                 8TB4 
_pdbx_entry_details.has_ligand_of_interest   N 
_pdbx_entry_details.compound_details         ? 
_pdbx_entry_details.source_details           ? 
_pdbx_entry_details.nonpolymer_details       ? 
_pdbx_entry_details.sequence_details         ? 
# 
loop_
_pdbx_validate_symm_contact.id 
_pdbx_validate_symm_contact.PDB_model_num 
_pdbx_validate_symm_contact.auth_atom_id_1 
_pdbx_validate_symm_contact.auth_asym_id_1 
_pdbx_validate_symm_contact.auth_comp_id_1 
_pdbx_validate_symm_contact.auth_seq_id_1 
_pdbx_validate_symm_contact.PDB_ins_code_1 
_pdbx_validate_symm_contact.label_alt_id_1 
_pdbx_validate_symm_contact.site_symmetry_1 
_pdbx_validate_symm_contact.auth_atom_id_2 
_pdbx_validate_symm_contact.auth_asym_id_2 
_pdbx_validate_symm_contact.auth_comp_id_2 
_pdbx_validate_symm_contact.auth_seq_id_2 
_pdbx_validate_symm_contact.PDB_ins_code_2 
_pdbx_validate_symm_contact.label_alt_id_2 
_pdbx_validate_symm_contact.site_symmetry_2 
_pdbx_validate_symm_contact.dist 
1 1 "O3'" C DT 9 ? ? 1_555 OP1   D DG 10 ? ? 2_554 1.98 
2 1 OP1   B DC 1 ? ? 1_555 "O3'" B DA 5  ? ? 2_554 2.07 
# 
loop_
_pdbx_validate_rmsd_angle.id 
_pdbx_validate_rmsd_angle.PDB_model_num 
_pdbx_validate_rmsd_angle.auth_atom_id_1 
_pdbx_validate_rmsd_angle.auth_asym_id_1 
_pdbx_validate_rmsd_angle.auth_comp_id_1 
_pdbx_validate_rmsd_angle.auth_seq_id_1 
_pdbx_validate_rmsd_angle.PDB_ins_code_1 
_pdbx_validate_rmsd_angle.label_alt_id_1 
_pdbx_validate_rmsd_angle.auth_atom_id_2 
_pdbx_validate_rmsd_angle.auth_asym_id_2 
_pdbx_validate_rmsd_angle.auth_comp_id_2 
_pdbx_validate_rmsd_angle.auth_seq_id_2 
_pdbx_validate_rmsd_angle.PDB_ins_code_2 
_pdbx_validate_rmsd_angle.label_alt_id_2 
_pdbx_validate_rmsd_angle.auth_atom_id_3 
_pdbx_validate_rmsd_angle.auth_asym_id_3 
_pdbx_validate_rmsd_angle.auth_comp_id_3 
_pdbx_validate_rmsd_angle.auth_seq_id_3 
_pdbx_validate_rmsd_angle.PDB_ins_code_3 
_pdbx_validate_rmsd_angle.label_alt_id_3 
_pdbx_validate_rmsd_angle.angle_value 
_pdbx_validate_rmsd_angle.angle_target_value 
_pdbx_validate_rmsd_angle.angle_deviation 
_pdbx_validate_rmsd_angle.angle_standard_deviation 
_pdbx_validate_rmsd_angle.linker_flag 
1  1 "C3'" A DA 2  ? ? "O3'" A DA 2  ? ? P     A DG 3  ? ? 111.85 119.70 -7.85  1.20 Y 
2  1 "C3'" A DG 3  ? ? "O3'" A DG 3  ? ? P     A DC 4  ? ? 110.30 119.70 -9.40  1.20 Y 
3  1 "C3'" A DC 4  ? ? "O3'" A DC 4  ? ? P     A DA 5  ? ? 108.01 119.70 -11.69 1.20 Y 
4  1 "O4'" A DA 7  ? ? "C1'" A DA 7  ? ? N9    A DA 7  ? ? 110.76 108.30 2.46   0.30 N 
5  1 "O4'" A DC 8  ? ? "C1'" A DC 8  ? ? N1    A DC 8  ? ? 110.74 108.30 2.44   0.30 N 
6  1 "C3'" A DC 8  ? ? "O3'" A DC 8  ? ? P     A DC 9  ? ? 112.04 119.70 -7.66  1.20 Y 
7  1 "O4'" A DG 11 ? ? "C1'" A DG 11 ? ? N9    A DG 11 ? ? 110.11 108.30 1.81   0.30 N 
8  1 "C3'" A DA 12 ? ? "O3'" A DA 12 ? ? P     A DC 13 ? ? 104.74 119.70 -14.96 1.20 Y 
9  1 "O4'" A DC 13 ? ? "C1'" A DC 13 ? ? N1    A DC 13 ? ? 110.49 108.30 2.19   0.30 N 
10 1 "C3'" A DC 13 ? ? "O3'" A DC 13 ? ? P     A DG 14 ? ? 107.41 119.70 -12.29 1.20 Y 
11 1 "C3'" A DA 15 ? ? "O3'" A DA 15 ? ? P     A DC 16 ? ? 112.35 119.70 -7.35  1.20 Y 
12 1 "C3'" A DC 16 ? ? "O3'" A DC 16 ? ? P     A DA 17 ? ? 111.68 119.70 -8.02  1.20 Y 
13 1 "C3'" A DA 17 ? ? "C2'" A DA 17 ? ? "C1'" A DA 17 ? ? 97.04  102.40 -5.36  0.80 N 
14 1 "C3'" A DA 17 ? ? "O3'" A DA 17 ? ? P     A DA 18 ? ? 107.12 119.70 -12.58 1.20 Y 
15 1 "C3'" A DA 18 ? ? "O3'" A DA 18 ? ? P     A DT 19 ? ? 107.11 119.70 -12.59 1.20 Y 
16 1 "C1'" A DT 19 ? ? "O4'" A DT 19 ? ? "C4'" A DT 19 ? ? 103.22 110.10 -6.88  1.00 N 
17 1 "C3'" A DT 19 ? ? "O3'" A DT 19 ? ? P     A DT 20 ? ? 111.94 119.70 -7.76  1.20 Y 
18 1 "C3'" B DC 1  ? ? "O3'" B DC 1  ? ? P     B DG 2  ? ? 110.54 119.70 -9.16  1.20 Y 
19 1 "O4'" B DG 2  ? ? "C1'" B DG 2  ? ? N9    B DG 2  ? ? 110.20 108.30 1.90   0.30 N 
20 1 "C3'" B DG 2  ? ? "O3'" B DG 2  ? ? P     B DT 3  ? ? 110.56 119.70 -9.14  1.20 Y 
21 1 "O3'" B DC 4  ? ? P     B DA 5  ? ? "O5'" B DA 5  ? ? 91.25  104.00 -12.75 1.90 Y 
22 1 "O4'" C DC 2  ? ? "C1'" C DC 2  ? ? N1    C DC 2  ? ? 111.62 108.30 3.32   0.30 N 
23 1 "O4'" C DA 4  ? ? "C1'" C DA 4  ? ? N9    C DA 4  ? ? 110.41 108.30 2.11   0.30 N 
24 1 "C3'" C DA 4  ? ? "O3'" C DA 4  ? ? P     C DA 5  ? ? 109.85 119.70 -9.85  1.20 Y 
25 1 "C3'" C DA 5  ? ? "O3'" C DA 5  ? ? P     C DT 6  ? ? 112.19 119.70 -7.51  1.20 Y 
26 1 "C3'" C DT 7  ? ? "O3'" C DT 7  ? ? P     C DG 8  ? ? 104.47 119.70 -15.23 1.20 Y 
27 1 "O5'" C DG 8  ? ? "C5'" C DG 8  ? ? "C4'" C DG 8  ? ? 104.20 109.40 -5.20  0.80 N 
28 1 "C3'" C DG 8  ? ? "O3'" C DG 8  ? ? P     C DT 9  ? ? 109.11 119.70 -10.59 1.20 Y 
29 1 "C4'" C DT 9  ? ? "C3'" C DT 9  ? ? "C2'" C DT 9  ? ? 96.97  102.20 -5.23  0.70 N 
30 1 "O5'" D DG 10 ? ? P     D DG 10 ? ? OP1   D DG 10 ? ? 99.60  105.70 -6.10  0.90 N 
31 1 "O4'" D DG 10 ? ? "C1'" D DG 10 ? ? N9    D DG 10 ? ? 110.46 108.30 2.16   0.30 N 
32 1 "C3'" D DG 10 ? ? "O3'" D DG 10 ? ? P     D DG 11 ? ? 111.76 119.70 -7.94  1.20 Y 
33 1 "C3'" D DG 11 ? ? "O3'" D DG 11 ? ? P     D DT 12 ? ? 110.49 119.70 -9.21  1.20 Y 
34 1 "O5'" D DT 12 ? ? P     D DT 12 ? ? OP2   D DT 12 ? ? 97.27  105.70 -8.43  0.90 N 
35 1 "C3'" D DC 13 ? ? "C2'" D DC 13 ? ? "C1'" D DC 13 ? ? 97.19  102.40 -5.21  0.80 N 
36 1 "C3'" D DT 14 ? ? "O3'" D DT 14 ? ? P     D DG 15 ? ? 110.72 119.70 -8.98  1.20 Y 
# 
loop_
_chem_comp_atom.comp_id 
_chem_comp_atom.atom_id 
_chem_comp_atom.type_symbol 
_chem_comp_atom.pdbx_aromatic_flag 
_chem_comp_atom.pdbx_stereo_config 
_chem_comp_atom.pdbx_ordinal 
DA  OP3    O  N N 1   
DA  P      P  N N 2   
DA  OP1    O  N N 3   
DA  OP2    O  N N 4   
DA  "O5'"  O  N N 5   
DA  "C5'"  C  N N 6   
DA  "C4'"  C  N R 7   
DA  "O4'"  O  N N 8   
DA  "C3'"  C  N S 9   
DA  "O3'"  O  N N 10  
DA  "C2'"  C  N N 11  
DA  "C1'"  C  N R 12  
DA  N9     N  Y N 13  
DA  C8     C  Y N 14  
DA  N7     N  Y N 15  
DA  C5     C  Y N 16  
DA  C6     C  Y N 17  
DA  N6     N  N N 18  
DA  N1     N  Y N 19  
DA  C2     C  Y N 20  
DA  N3     N  Y N 21  
DA  C4     C  Y N 22  
DA  HOP3   H  N N 23  
DA  HOP2   H  N N 24  
DA  "H5'"  H  N N 25  
DA  "H5''" H  N N 26  
DA  "H4'"  H  N N 27  
DA  "H3'"  H  N N 28  
DA  "HO3'" H  N N 29  
DA  "H2'"  H  N N 30  
DA  "H2''" H  N N 31  
DA  "H1'"  H  N N 32  
DA  H8     H  N N 33  
DA  H61    H  N N 34  
DA  H62    H  N N 35  
DA  H2     H  N N 36  
DAP N1     N  Y N 37  
DAP C2     C  Y N 38  
DAP C3     C  Y N 39  
DAP C4     C  Y N 40  
DAP C5     C  Y N 41  
DAP C6     C  Y N 42  
DAP C7     C  Y N 43  
DAP C8     C  Y N 44  
DAP C9     C  Y N 45  
DAP C10    C  N N 46  
DAP N2     N  N N 47  
DAP N3     N  N N 48  
DAP "C1'"  C  Y N 49  
DAP "C2'"  C  Y N 50  
DAP "C3'"  C  Y N 51  
DAP "C4'"  C  Y N 52  
DAP "C5'"  C  Y N 53  
DAP "C6'"  C  Y N 54  
DAP C11    C  N N 55  
DAP N4     N  N N 56  
DAP N5     N  N N 57  
DAP HN1    H  N N 58  
DAP H3     H  N N 59  
DAP H4     H  N N 60  
DAP H5     H  N N 61  
DAP H7     H  N N 62  
DAP HN2    H  N N 63  
DAP HN31   H  N N 64  
DAP HN32   H  N N 65  
DAP "H2'"  H  N N 66  
DAP "H3'"  H  N N 67  
DAP "H5'"  H  N N 68  
DAP "H6'"  H  N N 69  
DAP HN4    H  N N 70  
DAP HN51   H  N N 71  
DAP HN52   H  N N 72  
DC  OP3    O  N N 73  
DC  P      P  N N 74  
DC  OP1    O  N N 75  
DC  OP2    O  N N 76  
DC  "O5'"  O  N N 77  
DC  "C5'"  C  N N 78  
DC  "C4'"  C  N R 79  
DC  "O4'"  O  N N 80  
DC  "C3'"  C  N S 81  
DC  "O3'"  O  N N 82  
DC  "C2'"  C  N N 83  
DC  "C1'"  C  N R 84  
DC  N1     N  N N 85  
DC  C2     C  N N 86  
DC  O2     O  N N 87  
DC  N3     N  N N 88  
DC  C4     C  N N 89  
DC  N4     N  N N 90  
DC  C5     C  N N 91  
DC  C6     C  N N 92  
DC  HOP3   H  N N 93  
DC  HOP2   H  N N 94  
DC  "H5'"  H  N N 95  
DC  "H5''" H  N N 96  
DC  "H4'"  H  N N 97  
DC  "H3'"  H  N N 98  
DC  "HO3'" H  N N 99  
DC  "H2'"  H  N N 100 
DC  "H2''" H  N N 101 
DC  "H1'"  H  N N 102 
DC  H41    H  N N 103 
DC  H42    H  N N 104 
DC  H5     H  N N 105 
DC  H6     H  N N 106 
DG  OP3    O  N N 107 
DG  P      P  N N 108 
DG  OP1    O  N N 109 
DG  OP2    O  N N 110 
DG  "O5'"  O  N N 111 
DG  "C5'"  C  N N 112 
DG  "C4'"  C  N R 113 
DG  "O4'"  O  N N 114 
DG  "C3'"  C  N S 115 
DG  "O3'"  O  N N 116 
DG  "C2'"  C  N N 117 
DG  "C1'"  C  N R 118 
DG  N9     N  Y N 119 
DG  C8     C  Y N 120 
DG  N7     N  Y N 121 
DG  C5     C  Y N 122 
DG  C6     C  N N 123 
DG  O6     O  N N 124 
DG  N1     N  N N 125 
DG  C2     C  N N 126 
DG  N2     N  N N 127 
DG  N3     N  N N 128 
DG  C4     C  Y N 129 
DG  HOP3   H  N N 130 
DG  HOP2   H  N N 131 
DG  "H5'"  H  N N 132 
DG  "H5''" H  N N 133 
DG  "H4'"  H  N N 134 
DG  "H3'"  H  N N 135 
DG  "HO3'" H  N N 136 
DG  "H2'"  H  N N 137 
DG  "H2''" H  N N 138 
DG  "H1'"  H  N N 139 
DG  H8     H  N N 140 
DG  H1     H  N N 141 
DG  H21    H  N N 142 
DG  H22    H  N N 143 
DT  OP3    O  N N 144 
DT  P      P  N N 145 
DT  OP1    O  N N 146 
DT  OP2    O  N N 147 
DT  "O5'"  O  N N 148 
DT  "C5'"  C  N N 149 
DT  "C4'"  C  N R 150 
DT  "O4'"  O  N N 151 
DT  "C3'"  C  N S 152 
DT  "O3'"  O  N N 153 
DT  "C2'"  C  N N 154 
DT  "C1'"  C  N R 155 
DT  N1     N  N N 156 
DT  C2     C  N N 157 
DT  O2     O  N N 158 
DT  N3     N  N N 159 
DT  C4     C  N N 160 
DT  O4     O  N N 161 
DT  C5     C  N N 162 
DT  C7     C  N N 163 
DT  C6     C  N N 164 
DT  HOP3   H  N N 165 
DT  HOP2   H  N N 166 
DT  "H5'"  H  N N 167 
DT  "H5''" H  N N 168 
DT  "H4'"  H  N N 169 
DT  "H3'"  H  N N 170 
DT  "HO3'" H  N N 171 
DT  "H2'"  H  N N 172 
DT  "H2''" H  N N 173 
DT  "H1'"  H  N N 174 
DT  H3     H  N N 175 
DT  H71    H  N N 176 
DT  H72    H  N N 177 
DT  H73    H  N N 178 
DT  H6     H  N N 179 
MG  MG     MG N N 180 
# 
loop_
_chem_comp_bond.comp_id 
_chem_comp_bond.atom_id_1 
_chem_comp_bond.atom_id_2 
_chem_comp_bond.value_order 
_chem_comp_bond.pdbx_aromatic_flag 
_chem_comp_bond.pdbx_stereo_config 
_chem_comp_bond.pdbx_ordinal 
DA  OP3   P      sing N N 1   
DA  OP3   HOP3   sing N N 2   
DA  P     OP1    doub N N 3   
DA  P     OP2    sing N N 4   
DA  P     "O5'"  sing N N 5   
DA  OP2   HOP2   sing N N 6   
DA  "O5'" "C5'"  sing N N 7   
DA  "C5'" "C4'"  sing N N 8   
DA  "C5'" "H5'"  sing N N 9   
DA  "C5'" "H5''" sing N N 10  
DA  "C4'" "O4'"  sing N N 11  
DA  "C4'" "C3'"  sing N N 12  
DA  "C4'" "H4'"  sing N N 13  
DA  "O4'" "C1'"  sing N N 14  
DA  "C3'" "O3'"  sing N N 15  
DA  "C3'" "C2'"  sing N N 16  
DA  "C3'" "H3'"  sing N N 17  
DA  "O3'" "HO3'" sing N N 18  
DA  "C2'" "C1'"  sing N N 19  
DA  "C2'" "H2'"  sing N N 20  
DA  "C2'" "H2''" sing N N 21  
DA  "C1'" N9     sing N N 22  
DA  "C1'" "H1'"  sing N N 23  
DA  N9    C8     sing Y N 24  
DA  N9    C4     sing Y N 25  
DA  C8    N7     doub Y N 26  
DA  C8    H8     sing N N 27  
DA  N7    C5     sing Y N 28  
DA  C5    C6     sing Y N 29  
DA  C5    C4     doub Y N 30  
DA  C6    N6     sing N N 31  
DA  C6    N1     doub Y N 32  
DA  N6    H61    sing N N 33  
DA  N6    H62    sing N N 34  
DA  N1    C2     sing Y N 35  
DA  C2    N3     doub Y N 36  
DA  C2    H2     sing N N 37  
DA  N3    C4     sing Y N 38  
DAP N1    C2     sing Y N 39  
DAP N1    C8     sing Y N 40  
DAP N1    HN1    sing N N 41  
DAP C2    C3     doub Y N 42  
DAP C2    "C1'"  sing Y N 43  
DAP C3    C9     sing Y N 44  
DAP C3    H3     sing N N 45  
DAP C4    C5     doub Y N 46  
DAP C4    C9     sing Y N 47  
DAP C4    H4     sing N N 48  
DAP C5    C6     sing Y N 49  
DAP C5    H5     sing N N 50  
DAP C6    C7     doub Y N 51  
DAP C6    C10    sing N N 52  
DAP C7    C8     sing Y N 53  
DAP C7    H7     sing N N 54  
DAP C8    C9     doub Y N 55  
DAP C10   N2     doub N N 56  
DAP C10   N3     sing N N 57  
DAP N2    HN2    sing N N 58  
DAP N3    HN31   sing N N 59  
DAP N3    HN32   sing N N 60  
DAP "C1'" "C2'"  doub Y N 61  
DAP "C1'" "C6'"  sing Y N 62  
DAP "C2'" "C3'"  sing Y N 63  
DAP "C2'" "H2'"  sing N N 64  
DAP "C3'" "C4'"  doub Y N 65  
DAP "C3'" "H3'"  sing N N 66  
DAP "C4'" "C5'"  sing Y N 67  
DAP "C4'" C11    sing N N 68  
DAP "C5'" "C6'"  doub Y N 69  
DAP "C5'" "H5'"  sing N N 70  
DAP "C6'" "H6'"  sing N N 71  
DAP C11   N4     doub N N 72  
DAP C11   N5     sing N N 73  
DAP N4    HN4    sing N N 74  
DAP N5    HN51   sing N N 75  
DAP N5    HN52   sing N N 76  
DC  OP3   P      sing N N 77  
DC  OP3   HOP3   sing N N 78  
DC  P     OP1    doub N N 79  
DC  P     OP2    sing N N 80  
DC  P     "O5'"  sing N N 81  
DC  OP2   HOP2   sing N N 82  
DC  "O5'" "C5'"  sing N N 83  
DC  "C5'" "C4'"  sing N N 84  
DC  "C5'" "H5'"  sing N N 85  
DC  "C5'" "H5''" sing N N 86  
DC  "C4'" "O4'"  sing N N 87  
DC  "C4'" "C3'"  sing N N 88  
DC  "C4'" "H4'"  sing N N 89  
DC  "O4'" "C1'"  sing N N 90  
DC  "C3'" "O3'"  sing N N 91  
DC  "C3'" "C2'"  sing N N 92  
DC  "C3'" "H3'"  sing N N 93  
DC  "O3'" "HO3'" sing N N 94  
DC  "C2'" "C1'"  sing N N 95  
DC  "C2'" "H2'"  sing N N 96  
DC  "C2'" "H2''" sing N N 97  
DC  "C1'" N1     sing N N 98  
DC  "C1'" "H1'"  sing N N 99  
DC  N1    C2     sing N N 100 
DC  N1    C6     sing N N 101 
DC  C2    O2     doub N N 102 
DC  C2    N3     sing N N 103 
DC  N3    C4     doub N N 104 
DC  C4    N4     sing N N 105 
DC  C4    C5     sing N N 106 
DC  N4    H41    sing N N 107 
DC  N4    H42    sing N N 108 
DC  C5    C6     doub N N 109 
DC  C5    H5     sing N N 110 
DC  C6    H6     sing N N 111 
DG  OP3   P      sing N N 112 
DG  OP3   HOP3   sing N N 113 
DG  P     OP1    doub N N 114 
DG  P     OP2    sing N N 115 
DG  P     "O5'"  sing N N 116 
DG  OP2   HOP2   sing N N 117 
DG  "O5'" "C5'"  sing N N 118 
DG  "C5'" "C4'"  sing N N 119 
DG  "C5'" "H5'"  sing N N 120 
DG  "C5'" "H5''" sing N N 121 
DG  "C4'" "O4'"  sing N N 122 
DG  "C4'" "C3'"  sing N N 123 
DG  "C4'" "H4'"  sing N N 124 
DG  "O4'" "C1'"  sing N N 125 
DG  "C3'" "O3'"  sing N N 126 
DG  "C3'" "C2'"  sing N N 127 
DG  "C3'" "H3'"  sing N N 128 
DG  "O3'" "HO3'" sing N N 129 
DG  "C2'" "C1'"  sing N N 130 
DG  "C2'" "H2'"  sing N N 131 
DG  "C2'" "H2''" sing N N 132 
DG  "C1'" N9     sing N N 133 
DG  "C1'" "H1'"  sing N N 134 
DG  N9    C8     sing Y N 135 
DG  N9    C4     sing Y N 136 
DG  C8    N7     doub Y N 137 
DG  C8    H8     sing N N 138 
DG  N7    C5     sing Y N 139 
DG  C5    C6     sing N N 140 
DG  C5    C4     doub Y N 141 
DG  C6    O6     doub N N 142 
DG  C6    N1     sing N N 143 
DG  N1    C2     sing N N 144 
DG  N1    H1     sing N N 145 
DG  C2    N2     sing N N 146 
DG  C2    N3     doub N N 147 
DG  N2    H21    sing N N 148 
DG  N2    H22    sing N N 149 
DG  N3    C4     sing N N 150 
DT  OP3   P      sing N N 151 
DT  OP3   HOP3   sing N N 152 
DT  P     OP1    doub N N 153 
DT  P     OP2    sing N N 154 
DT  P     "O5'"  sing N N 155 
DT  OP2   HOP2   sing N N 156 
DT  "O5'" "C5'"  sing N N 157 
DT  "C5'" "C4'"  sing N N 158 
DT  "C5'" "H5'"  sing N N 159 
DT  "C5'" "H5''" sing N N 160 
DT  "C4'" "O4'"  sing N N 161 
DT  "C4'" "C3'"  sing N N 162 
DT  "C4'" "H4'"  sing N N 163 
DT  "O4'" "C1'"  sing N N 164 
DT  "C3'" "O3'"  sing N N 165 
DT  "C3'" "C2'"  sing N N 166 
DT  "C3'" "H3'"  sing N N 167 
DT  "O3'" "HO3'" sing N N 168 
DT  "C2'" "C1'"  sing N N 169 
DT  "C2'" "H2'"  sing N N 170 
DT  "C2'" "H2''" sing N N 171 
DT  "C1'" N1     sing N N 172 
DT  "C1'" "H1'"  sing N N 173 
DT  N1    C2     sing N N 174 
DT  N1    C6     sing N N 175 
DT  C2    O2     doub N N 176 
DT  C2    N3     sing N N 177 
DT  N3    C4     sing N N 178 
DT  N3    H3     sing N N 179 
DT  C4    O4     doub N N 180 
DT  C4    C5     sing N N 181 
DT  C5    C7     sing N N 182 
DT  C5    C6     doub N N 183 
DT  C7    H71    sing N N 184 
DT  C7    H72    sing N N 185 
DT  C7    H73    sing N N 186 
DT  C6    H6     sing N N 187 
# 
loop_
_ndb_struct_conf_na.entry_id 
_ndb_struct_conf_na.feature 
8TB4 'double helix'        
8TB4 'a-form double helix' 
8TB4 'b-form double helix' 
# 
loop_
_ndb_struct_na_base_pair.model_number 
_ndb_struct_na_base_pair.i_label_asym_id 
_ndb_struct_na_base_pair.i_label_comp_id 
_ndb_struct_na_base_pair.i_label_seq_id 
_ndb_struct_na_base_pair.i_symmetry 
_ndb_struct_na_base_pair.j_label_asym_id 
_ndb_struct_na_base_pair.j_label_comp_id 
_ndb_struct_na_base_pair.j_label_seq_id 
_ndb_struct_na_base_pair.j_symmetry 
_ndb_struct_na_base_pair.shear 
_ndb_struct_na_base_pair.stretch 
_ndb_struct_na_base_pair.stagger 
_ndb_struct_na_base_pair.buckle 
_ndb_struct_na_base_pair.propeller 
_ndb_struct_na_base_pair.opening 
_ndb_struct_na_base_pair.pair_number 
_ndb_struct_na_base_pair.pair_name 
_ndb_struct_na_base_pair.i_auth_asym_id 
_ndb_struct_na_base_pair.i_auth_seq_id 
_ndb_struct_na_base_pair.i_PDB_ins_code 
_ndb_struct_na_base_pair.j_auth_asym_id 
_ndb_struct_na_base_pair.j_auth_seq_id 
_ndb_struct_na_base_pair.j_PDB_ins_code 
_ndb_struct_na_base_pair.hbond_type_28 
_ndb_struct_na_base_pair.hbond_type_12 
1 A DG 3  1_555 D DC 7 1_555 0.352  -0.112 1.257  17.329  -3.367  -13.261 1  A_DG3:DC16_D A 3  ? D 16 ? 19 1 
1 A DC 4  1_555 D DG 6 1_555 0.763  -0.243 0.323  0.646   -1.236  -9.415  2  A_DC4:DG15_D A 4  ? D 15 ? 19 1 
1 A DA 5  1_555 D DT 5 1_555 -0.373 -0.194 0.617  1.843   -4.259  -6.411  3  A_DA5:DT14_D A 5  ? D 14 ? 20 1 
1 A DG 6  1_555 D DC 4 1_555 0.697  -0.226 0.329  11.510  -0.729  -2.961  4  A_DG6:DC13_D A 6  ? D 13 ? 19 1 
1 A DA 7  1_555 D DT 3 1_555 -0.283 -0.038 0.074  8.671   -7.448  -13.403 5  A_DA7:DT12_D A 7  ? D 12 ? 20 1 
1 A DC 8  1_555 D DG 2 1_555 -0.177 -0.092 0.070  7.963   -10.900 1.699   6  A_DC8:DG11_D A 8  ? D 11 ? 19 1 
1 A DC 9  1_555 D DG 1 1_555 -0.145 -0.159 0.470  -5.156  -4.866  -5.480  7  A_DC9:DG10_D A 9  ? D 10 ? 19 1 
1 A DT 10 1_555 B DA 5 1_555 -0.269 0.005  0.195  -3.487  7.599   -1.676  8  A_DT10:DA5_B A 10 ? B 5  ? 20 1 
1 A DG 11 1_555 B DC 4 1_555 0.573  -0.092 0.732  13.766  1.822   2.797   9  A_DG11:DC4_B A 11 ? B 4  ? 19 1 
1 A DA 12 1_555 B DT 3 1_555 0.516  -0.129 0.165  2.337   -5.714  -3.782  10 A_DA12:DT3_B A 12 ? B 3  ? 20 1 
1 A DC 13 1_555 B DG 2 1_555 0.198  -0.266 0.354  -6.989  -14.869 -3.399  11 A_DC13:DG2_B A 13 ? B 2  ? 19 1 
1 A DG 14 1_555 B DC 1 1_555 0.177  -0.032 0.762  -0.212  -12.338 0.779   12 A_DG14:DC1_B A 14 ? B 1  ? 19 1 
1 A DA 15 1_555 C DT 9 1_555 0.748  -0.022 0.586  -1.763  -4.985  -7.888  13 A_DA15:DT9_C A 15 ? C 9  ? 20 1 
1 A DC 16 1_555 C DG 8 1_555 0.664  -0.185 0.873  5.742   -2.186  -1.951  14 A_DC16:DG8_C A 16 ? C 8  ? 19 1 
1 A DA 17 1_555 C DT 7 1_555 -0.167 -0.271 0.415  5.973   -11.716 -8.509  15 A_DA17:DT7_C A 17 ? C 7  ? 20 1 
1 A DA 18 1_555 C DT 6 1_555 -0.229 0.143  0.278  -4.589  -13.172 8.098   16 A_DA18:DT6_C A 18 ? C 6  ? 20 1 
1 A DT 19 1_555 C DA 5 1_555 -0.323 0.387  -0.080 -6.720  -12.987 13.180  17 A_DT19:DA5_C A 19 ? C 5  ? ?  1 
1 A DT 20 1_555 C DA 4 1_555 0.869  0.158  0.007  -11.496 -19.329 -12.305 18 A_DT20:DA4_C A 20 ? C 4  ? 20 1 
1 A DA 21 1_555 C DT 3 1_555 0.440  0.092  -0.421 -6.779  -17.614 7.591   19 A_DA21:DT3_C A 21 ? C 3  ? 20 1 
# 
loop_
_ndb_struct_na_base_pair_step.model_number 
_ndb_struct_na_base_pair_step.i_label_asym_id_1 
_ndb_struct_na_base_pair_step.i_label_comp_id_1 
_ndb_struct_na_base_pair_step.i_label_seq_id_1 
_ndb_struct_na_base_pair_step.i_symmetry_1 
_ndb_struct_na_base_pair_step.j_label_asym_id_1 
_ndb_struct_na_base_pair_step.j_label_comp_id_1 
_ndb_struct_na_base_pair_step.j_label_seq_id_1 
_ndb_struct_na_base_pair_step.j_symmetry_1 
_ndb_struct_na_base_pair_step.i_label_asym_id_2 
_ndb_struct_na_base_pair_step.i_label_comp_id_2 
_ndb_struct_na_base_pair_step.i_label_seq_id_2 
_ndb_struct_na_base_pair_step.i_symmetry_2 
_ndb_struct_na_base_pair_step.j_label_asym_id_2 
_ndb_struct_na_base_pair_step.j_label_comp_id_2 
_ndb_struct_na_base_pair_step.j_label_seq_id_2 
_ndb_struct_na_base_pair_step.j_symmetry_2 
_ndb_struct_na_base_pair_step.shift 
_ndb_struct_na_base_pair_step.slide 
_ndb_struct_na_base_pair_step.rise 
_ndb_struct_na_base_pair_step.tilt 
_ndb_struct_na_base_pair_step.roll 
_ndb_struct_na_base_pair_step.twist 
_ndb_struct_na_base_pair_step.x_displacement 
_ndb_struct_na_base_pair_step.y_displacement 
_ndb_struct_na_base_pair_step.helical_rise 
_ndb_struct_na_base_pair_step.inclination 
_ndb_struct_na_base_pair_step.tip 
_ndb_struct_na_base_pair_step.helical_twist 
_ndb_struct_na_base_pair_step.step_number 
_ndb_struct_na_base_pair_step.step_name 
_ndb_struct_na_base_pair_step.i_auth_asym_id_1 
_ndb_struct_na_base_pair_step.i_auth_seq_id_1 
_ndb_struct_na_base_pair_step.i_PDB_ins_code_1 
_ndb_struct_na_base_pair_step.j_auth_asym_id_1 
_ndb_struct_na_base_pair_step.j_auth_seq_id_1 
_ndb_struct_na_base_pair_step.j_PDB_ins_code_1 
_ndb_struct_na_base_pair_step.i_auth_asym_id_2 
_ndb_struct_na_base_pair_step.i_auth_seq_id_2 
_ndb_struct_na_base_pair_step.i_PDB_ins_code_2 
_ndb_struct_na_base_pair_step.j_auth_asym_id_2 
_ndb_struct_na_base_pair_step.j_auth_seq_id_2 
_ndb_struct_na_base_pair_step.j_PDB_ins_code_2 
1 A DG 3  1_555 D DC 7 1_555 A DC 4  1_555 D DG 6 1_555 0.149  -0.168 3.781 11.024 4.791  41.970 -0.762 1.032  3.666 6.530  
-15.024 43.582 1  AA_DG3DC4:DG15DC16_DD A 3  ? D 16 ? A 4  ? D 15 ? 
1 A DC 4  1_555 D DG 6 1_555 A DA 5  1_555 D DT 5 1_555 -0.338 1.099  3.284 -3.729 -4.067 34.073 2.478  -0.003 3.154 -6.884 6.312 
34.504 2  AA_DC4DA5:DT14DG15_DD A 4  ? D 15 ? A 5  ? D 14 ? 
1 A DA 5  1_555 D DT 5 1_555 A DG 6  1_555 D DC 4 1_555 0.150  -0.917 3.168 0.414  3.101  37.966 -1.781 -0.179 3.088 4.756  -0.634 
38.090 3  AA_DA5DG6:DC13DT14_DD A 5  ? D 14 ? A 6  ? D 13 ? 
1 A DG 6  1_555 D DC 4 1_555 A DA 7  1_555 D DT 3 1_555 -0.118 -1.059 3.199 -0.927 -3.513 24.606 -1.402 -0.006 3.317 -8.187 2.161 
24.868 4  AA_DG6DA7:DT12DC13_DD A 6  ? D 13 ? A 7  ? D 12 ? 
1 A DA 7  1_555 D DT 3 1_555 A DC 8  1_555 D DG 2 1_555 1.423  -0.544 3.490 -1.032 5.530  37.877 -1.558 -2.306 3.342 8.463  1.580 
38.278 5  AA_DA7DC8:DG11DT12_DD A 7  ? D 12 ? A 8  ? D 11 ? 
1 A DC 8  1_555 D DG 2 1_555 A DC 9  1_555 D DG 1 1_555 -0.673 -1.977 3.496 -6.291 -0.291 34.989 -3.192 0.101  3.575 -0.479 10.359 
35.534 6  AA_DC8DC9:DG10DG11_DD A 8  ? D 11 ? A 9  ? D 10 ? 
1 A DC 9  1_555 D DG 1 1_555 A DT 10 1_555 B DA 5 1_555 -0.949 -1.592 3.271 3.879  1.682  27.568 -3.692 2.863  3.011 3.503  -8.079 
27.884 7  AA_DC9DT10:DA5DG10_BD A 9  ? D 10 ? A 10 ? B 5  ? 
1 A DT 10 1_555 B DA 5 1_555 A DG 11 1_555 B DC 4 1_555 0.017  1.045  3.091 -3.253 -1.914 32.577 2.159  -0.554 3.010 -3.398 5.775 
32.789 8  AA_DT10DG11:DC4DA5_BB A 10 ? B 5  ? A 11 ? B 4  ? 
1 A DG 11 1_555 B DC 4 1_555 A DA 12 1_555 B DT 3 1_555 -0.147 0.065  3.573 4.761  2.106  37.349 -0.197 0.899  3.527 3.269  -7.391 
37.697 9  AA_DG11DA12:DT3DC4_BB A 11 ? B 4  ? A 12 ? B 3  ? 
1 A DA 12 1_555 B DT 3 1_555 A DC 13 1_555 B DG 2 1_555 0.556  -0.863 3.561 -1.301 1.493  32.421 -1.825 -1.241 3.494 2.671  2.327 
32.480 10 AA_DA12DC13:DG2DT3_BB A 12 ? B 3  ? A 13 ? B 2  ? 
1 A DC 13 1_555 B DG 2 1_555 A DG 14 1_555 B DC 1 1_555 -0.387 -0.608 3.104 -4.713 3.657  39.920 -1.272 0.057  3.063 5.321  6.857 
40.345 11 AA_DC13DG14:DC1DG2_BB A 13 ? B 2  ? A 14 ? B 1  ? 
1 A DG 14 1_555 B DC 1 1_555 A DA 15 1_555 C DT 9 1_555 -1.302 -0.666 3.201 0.266  -3.982 34.402 -0.514 2.228  3.246 -6.705 -0.447 
34.626 12 AA_DG14DA15:DT9DC1_CB A 14 ? B 1  ? A 15 ? C 9  ? 
1 A DA 15 1_555 C DT 9 1_555 A DC 16 1_555 C DG 8 1_555 0.550  -0.801 3.268 -1.373 3.945  26.601 -2.707 -1.526 3.088 8.506  2.961 
26.921 13 AA_DA15DC16:DG8DT9_CC A 15 ? C 9  ? A 16 ? C 8  ? 
1 A DC 16 1_555 C DG 8 1_555 A DA 17 1_555 C DT 7 1_555 -0.114 0.391  3.109 3.145  -2.414 33.446 1.046  0.682  3.051 -4.176 -5.442 
33.674 14 AA_DC16DA17:DT7DG8_CC A 16 ? C 8  ? A 17 ? C 7  ? 
1 A DA 17 1_555 C DT 7 1_555 A DA 18 1_555 C DT 6 1_555 0.632  -0.729 3.423 -1.226 2.805  34.734 -1.658 -1.247 3.332 4.687  2.048 
34.864 15 AA_DA17DA18:DT6DT7_CC A 17 ? C 7  ? A 18 ? C 6  ? 
1 A DA 18 1_555 C DT 6 1_555 A DT 19 1_555 C DA 5 1_555 0.367  -1.097 3.536 1.045  -0.503 31.187 -1.936 -0.467 3.563 -0.936 -1.943 
31.208 16 AA_DA18DT19:DA5DT6_CC A 18 ? C 6  ? A 19 ? C 5  ? 
1 A DT 19 1_555 C DA 5 1_555 A DT 20 1_555 C DA 4 1_555 -1.172 -0.183 3.107 1.288  5.502  43.927 -0.726 1.668  3.030 7.319  -1.714 
44.271 17 AA_DT19DT20:DA4DA5_CC A 19 ? C 5  ? A 20 ? C 4  ? 
1 A DT 20 1_555 C DA 4 1_555 A DA 21 1_555 C DT 3 1_555 0.467  0.716  3.404 0.210  -0.842 32.705 1.423  -0.791 3.388 -1.495 -0.373 
32.716 18 AA_DT20DA21:DT3DA4_CC A 20 ? C 4  ? A 21 ? C 3  ? 
# 
loop_
_pdbx_audit_support.funding_organization 
_pdbx_audit_support.country 
_pdbx_audit_support.grant_number 
_pdbx_audit_support.ordinal 
'National Science Foundation (NSF, United States)'                                         'United States' 1360635     1 
'National Institutes of Health/National Institute of General Medical Sciences (NIH/NIGMS)' 'United States' R01GM104960 2 
'National Science Foundation (NSF, United States)'                                         'United States' NSF2004250  3 
# 
loop_
_pdbx_entity_nonpoly.entity_id 
_pdbx_entity_nonpoly.name 
_pdbx_entity_nonpoly.comp_id 
5 '6-AMIDINE-2-(4-AMIDINO-PHENYL)INDOLE' DAP 
6 'MAGNESIUM ION'                        MG  
# 
_pdbx_initial_refinement_model.id               1 
_pdbx_initial_refinement_model.entity_id_list   ? 
_pdbx_initial_refinement_model.type             'experimental model' 
_pdbx_initial_refinement_model.source_name      PDB 
_pdbx_initial_refinement_model.accession_code   5KEK 
_pdbx_initial_refinement_model.details          ? 
# 
